data_3ASL
# 
_entry.id   3ASL 
# 
_audit_conform.dict_name       mmcif_pdbx.dic 
_audit_conform.dict_version    5.388 
_audit_conform.dict_location   http://mmcif.pdb.org/dictionaries/ascii/mmcif_pdbx.dic 
# 
loop_
_database_2.database_id 
_database_2.database_code 
_database_2.pdbx_database_accession 
_database_2.pdbx_DOI 
PDB   3ASL         pdb_00003asl 10.2210/pdb3asl/pdb 
RCSB  RCSB029644   ?            ?                   
WWPDB D_1000029644 ?            ?                   
# 
loop_
_pdbx_audit_revision_history.ordinal 
_pdbx_audit_revision_history.data_content_type 
_pdbx_audit_revision_history.major_revision 
_pdbx_audit_revision_history.minor_revision 
_pdbx_audit_revision_history.revision_date 
1 'Structure model' 1 0 2012-01-25 
2 'Structure model' 1 1 2012-08-15 
3 'Structure model' 1 2 2013-06-05 
4 'Structure model' 1 3 2024-03-13 
# 
_pdbx_audit_revision_details.ordinal             1 
_pdbx_audit_revision_details.revision_ordinal    1 
_pdbx_audit_revision_details.data_content_type   'Structure model' 
_pdbx_audit_revision_details.provider            repository 
_pdbx_audit_revision_details.type                'Initial release' 
_pdbx_audit_revision_details.description         ? 
_pdbx_audit_revision_details.details             ? 
# 
loop_
_pdbx_audit_revision_group.ordinal 
_pdbx_audit_revision_group.revision_ordinal 
_pdbx_audit_revision_group.data_content_type 
_pdbx_audit_revision_group.group 
1 2 'Structure model' 'Database references'  
2 3 'Structure model' 'Database references'  
3 4 'Structure model' 'Data collection'      
4 4 'Structure model' 'Database references'  
5 4 'Structure model' 'Derived calculations' 
# 
loop_
_pdbx_audit_revision_category.ordinal 
_pdbx_audit_revision_category.revision_ordinal 
_pdbx_audit_revision_category.data_content_type 
_pdbx_audit_revision_category.category 
1 4 'Structure model' chem_comp_atom         
2 4 'Structure model' chem_comp_bond         
3 4 'Structure model' database_2             
4 4 'Structure model' pdbx_struct_conn_angle 
5 4 'Structure model' struct_conn            
6 4 'Structure model' struct_site            
# 
loop_
_pdbx_audit_revision_item.ordinal 
_pdbx_audit_revision_item.revision_ordinal 
_pdbx_audit_revision_item.data_content_type 
_pdbx_audit_revision_item.item 
1  4 'Structure model' '_database_2.pdbx_DOI'                        
2  4 'Structure model' '_database_2.pdbx_database_accession'         
3  4 'Structure model' '_pdbx_struct_conn_angle.ptnr1_auth_comp_id'  
4  4 'Structure model' '_pdbx_struct_conn_angle.ptnr1_auth_seq_id'   
5  4 'Structure model' '_pdbx_struct_conn_angle.ptnr1_label_atom_id' 
6  4 'Structure model' '_pdbx_struct_conn_angle.ptnr1_label_comp_id' 
7  4 'Structure model' '_pdbx_struct_conn_angle.ptnr1_label_seq_id'  
8  4 'Structure model' '_pdbx_struct_conn_angle.ptnr2_auth_seq_id'   
9  4 'Structure model' '_pdbx_struct_conn_angle.ptnr2_label_asym_id' 
10 4 'Structure model' '_pdbx_struct_conn_angle.ptnr3_auth_comp_id'  
11 4 'Structure model' '_pdbx_struct_conn_angle.ptnr3_auth_seq_id'   
12 4 'Structure model' '_pdbx_struct_conn_angle.ptnr3_label_atom_id' 
13 4 'Structure model' '_pdbx_struct_conn_angle.ptnr3_label_comp_id' 
14 4 'Structure model' '_pdbx_struct_conn_angle.ptnr3_label_seq_id'  
15 4 'Structure model' '_pdbx_struct_conn_angle.value'               
16 4 'Structure model' '_struct_conn.pdbx_dist_value'                
17 4 'Structure model' '_struct_conn.ptnr1_auth_comp_id'             
18 4 'Structure model' '_struct_conn.ptnr1_auth_seq_id'              
19 4 'Structure model' '_struct_conn.ptnr1_label_asym_id'            
20 4 'Structure model' '_struct_conn.ptnr1_label_atom_id'            
21 4 'Structure model' '_struct_conn.ptnr1_label_comp_id'            
22 4 'Structure model' '_struct_conn.ptnr1_label_seq_id'             
23 4 'Structure model' '_struct_conn.ptnr2_auth_comp_id'             
24 4 'Structure model' '_struct_conn.ptnr2_auth_seq_id'              
25 4 'Structure model' '_struct_conn.ptnr2_label_asym_id'            
26 4 'Structure model' '_struct_conn.ptnr2_label_atom_id'            
27 4 'Structure model' '_struct_conn.ptnr2_label_comp_id'            
28 4 'Structure model' '_struct_conn.ptnr2_label_seq_id'             
29 4 'Structure model' '_struct_site.pdbx_auth_asym_id'              
30 4 'Structure model' '_struct_site.pdbx_auth_comp_id'              
31 4 'Structure model' '_struct_site.pdbx_auth_seq_id'               
# 
_pdbx_database_status.status_code                     REL 
_pdbx_database_status.entry_id                        3ASL 
_pdbx_database_status.recvd_initial_deposition_date   2010-12-16 
_pdbx_database_status.deposit_site                    PDBJ 
_pdbx_database_status.process_site                    PDBJ 
_pdbx_database_status.status_code_sf                  REL 
_pdbx_database_status.status_code_mr                  ? 
_pdbx_database_status.SG_entry                        ? 
_pdbx_database_status.status_code_cs                  ? 
_pdbx_database_status.methods_development_category    ? 
_pdbx_database_status.pdb_format_compatible           Y 
_pdbx_database_status.status_code_nmr_data            ? 
# 
loop_
_pdbx_database_related.db_name 
_pdbx_database_related.db_id 
_pdbx_database_related.details 
_pdbx_database_related.content_type 
PDB 3FL2 . unspecified 
PDB 3DB3 . unspecified 
PDB 2ZKD . unspecified 
PDB 2ZO0 . unspecified 
PDB 3CLZ . unspecified 
PDB 2FAZ . unspecified 
PDB 3ASK . unspecified 
# 
loop_
_audit_author.name 
_audit_author.pdbx_ordinal 
'Arita, K.'     1 
'Sugita, K.'    2 
'Unoki, M.'     3 
'Hamamoto, R.'  4 
'Sekiyama, N.'  5 
'Tochio, H.'    6 
'Ariyoshi, M.'  7 
'Shirakawa, M.' 8 
# 
_citation.id                        primary 
_citation.title                     
'Recognition of modification status on a histone H3 tail by linked histone reader modules of the epigenetic regulator UHRF1' 
_citation.journal_abbrev            Proc.Natl.Acad.Sci.USA 
_citation.journal_volume            109 
_citation.page_first                12950 
_citation.page_last                 12955 
_citation.year                      2012 
_citation.journal_id_ASTM           PNASA6 
_citation.country                   US 
_citation.journal_id_ISSN           0027-8424 
_citation.journal_id_CSD            0040 
_citation.book_publisher            ? 
_citation.pdbx_database_id_PubMed   22837395 
_citation.pdbx_database_id_DOI      10.1073/pnas.1203701109 
# 
loop_
_citation_author.citation_id 
_citation_author.name 
_citation_author.ordinal 
_citation_author.identifier_ORCID 
primary 'Arita, K.'     1  ? 
primary 'Isogai, S.'    2  ? 
primary 'Oda, T.'       3  ? 
primary 'Unoki, M.'     4  ? 
primary 'Sugita, K.'    5  ? 
primary 'Sekiyama, N.'  6  ? 
primary 'Kuwata, K.'    7  ? 
primary 'Hamamoto, R.'  8  ? 
primary 'Tochio, H.'    9  ? 
primary 'Sato, M.'      10 ? 
primary 'Ariyoshi, M.'  11 ? 
primary 'Shirakawa, M.' 12 ? 
# 
loop_
_entity.id 
_entity.type 
_entity.src_method 
_entity.pdbx_description 
_entity.formula_weight 
_entity.pdbx_number_of_molecules 
_entity.pdbx_ec 
_entity.pdbx_mutation 
_entity.pdbx_fragment 
_entity.details 
1 polymer     man 'E3 ubiquitin-protein ligase UHRF1' 7920.976 1  6.3.2.- ? 'PHD finger domain'    ? 
2 polymer     syn 'Histone H3.3'                      1251.436 1  ?       ? 'residues in UNP 2-12' ? 
3 non-polymer syn 'ZINC ION'                          65.409   4  ?       ? ?                      ? 
4 non-polymer syn 1,2-ETHANEDIOL                      62.068   4  ?       ? ?                      ? 
5 water       nat water                               18.015   72 ?       ? ?                      ? 
# 
loop_
_entity_poly.entity_id 
_entity_poly.type 
_entity_poly.nstd_linkage 
_entity_poly.nstd_monomer 
_entity_poly.pdbx_seq_one_letter_code 
_entity_poly.pdbx_seq_one_letter_code_can 
_entity_poly.pdbx_strand_id 
_entity_poly.pdbx_target_identifier 
1 'polypeptide(L)' no no SGPSCKHCKDDVNRLCRVCACHLCGGRQDPDKQLMCDECDMAFHIYCLDPPLSSVPSEDEWYCPECRNDA 
SGPSCKHCKDDVNRLCRVCACHLCGGRQDPDKQLMCDECDMAFHIYCLDPPLSSVPSEDEWYCPECRNDA A ? 
2 'polypeptide(L)' no no ARTKQTARKST                                                            ARTKQTARKST B ? 
# 
loop_
_pdbx_entity_nonpoly.entity_id 
_pdbx_entity_nonpoly.name 
_pdbx_entity_nonpoly.comp_id 
3 'ZINC ION'     ZN  
4 1,2-ETHANEDIOL EDO 
5 water          HOH 
# 
loop_
_entity_poly_seq.entity_id 
_entity_poly_seq.num 
_entity_poly_seq.mon_id 
_entity_poly_seq.hetero 
1 1  SER n 
1 2  GLY n 
1 3  PRO n 
1 4  SER n 
1 5  CYS n 
1 6  LYS n 
1 7  HIS n 
1 8  CYS n 
1 9  LYS n 
1 10 ASP n 
1 11 ASP n 
1 12 VAL n 
1 13 ASN n 
1 14 ARG n 
1 15 LEU n 
1 16 CYS n 
1 17 ARG n 
1 18 VAL n 
1 19 CYS n 
1 20 ALA n 
1 21 CYS n 
1 22 HIS n 
1 23 LEU n 
1 24 CYS n 
1 25 GLY n 
1 26 GLY n 
1 27 ARG n 
1 28 GLN n 
1 29 ASP n 
1 30 PRO n 
1 31 ASP n 
1 32 LYS n 
1 33 GLN n 
1 34 LEU n 
1 35 MET n 
1 36 CYS n 
1 37 ASP n 
1 38 GLU n 
1 39 CYS n 
1 40 ASP n 
1 41 MET n 
1 42 ALA n 
1 43 PHE n 
1 44 HIS n 
1 45 ILE n 
1 46 TYR n 
1 47 CYS n 
1 48 LEU n 
1 49 ASP n 
1 50 PRO n 
1 51 PRO n 
1 52 LEU n 
1 53 SER n 
1 54 SER n 
1 55 VAL n 
1 56 PRO n 
1 57 SER n 
1 58 GLU n 
1 59 ASP n 
1 60 GLU n 
1 61 TRP n 
1 62 TYR n 
1 63 CYS n 
1 64 PRO n 
1 65 GLU n 
1 66 CYS n 
1 67 ARG n 
1 68 ASN n 
1 69 ASP n 
1 70 ALA n 
2 1  ALA n 
2 2  ARG n 
2 3  THR n 
2 4  LYS n 
2 5  GLN n 
2 6  THR n 
2 7  ALA n 
2 8  ARG n 
2 9  LYS n 
2 10 SER n 
2 11 THR n 
# 
_entity_src_gen.entity_id                          1 
_entity_src_gen.pdbx_src_id                        1 
_entity_src_gen.pdbx_alt_source_flag               sample 
_entity_src_gen.pdbx_seq_type                      ? 
_entity_src_gen.pdbx_beg_seq_num                   ? 
_entity_src_gen.pdbx_end_seq_num                   ? 
_entity_src_gen.gene_src_common_name               human 
_entity_src_gen.gene_src_genus                     ? 
_entity_src_gen.pdbx_gene_src_gene                 UHRF1 
_entity_src_gen.gene_src_species                   ? 
_entity_src_gen.gene_src_strain                    ? 
_entity_src_gen.gene_src_tissue                    ? 
_entity_src_gen.gene_src_tissue_fraction           ? 
_entity_src_gen.gene_src_details                   ? 
_entity_src_gen.pdbx_gene_src_fragment             ? 
_entity_src_gen.pdbx_gene_src_scientific_name      'Homo sapiens' 
_entity_src_gen.pdbx_gene_src_ncbi_taxonomy_id     9606 
_entity_src_gen.pdbx_gene_src_variant              ? 
_entity_src_gen.pdbx_gene_src_cell_line            ? 
_entity_src_gen.pdbx_gene_src_atcc                 ? 
_entity_src_gen.pdbx_gene_src_organ                ? 
_entity_src_gen.pdbx_gene_src_organelle            ? 
_entity_src_gen.pdbx_gene_src_cell                 ? 
_entity_src_gen.pdbx_gene_src_cellular_location    ? 
_entity_src_gen.host_org_common_name               ? 
_entity_src_gen.pdbx_host_org_scientific_name      'Escherichia coli' 
_entity_src_gen.pdbx_host_org_ncbi_taxonomy_id     562 
_entity_src_gen.host_org_genus                     ? 
_entity_src_gen.pdbx_host_org_gene                 ? 
_entity_src_gen.pdbx_host_org_organ                ? 
_entity_src_gen.host_org_species                   ? 
_entity_src_gen.pdbx_host_org_tissue               ? 
_entity_src_gen.pdbx_host_org_tissue_fraction      ? 
_entity_src_gen.pdbx_host_org_strain               ? 
_entity_src_gen.pdbx_host_org_variant              ? 
_entity_src_gen.pdbx_host_org_cell_line            ? 
_entity_src_gen.pdbx_host_org_atcc                 ? 
_entity_src_gen.pdbx_host_org_culture_collection   ? 
_entity_src_gen.pdbx_host_org_cell                 ? 
_entity_src_gen.pdbx_host_org_organelle            ? 
_entity_src_gen.pdbx_host_org_cellular_location    ? 
_entity_src_gen.pdbx_host_org_vector_type          ? 
_entity_src_gen.pdbx_host_org_vector               ? 
_entity_src_gen.host_org_details                   ? 
_entity_src_gen.expression_system_id               ? 
_entity_src_gen.plasmid_name                       ? 
_entity_src_gen.plasmid_details                    ? 
_entity_src_gen.pdbx_description                   ? 
# 
_pdbx_entity_src_syn.entity_id              2 
_pdbx_entity_src_syn.pdbx_src_id            1 
_pdbx_entity_src_syn.pdbx_alt_source_flag   sample 
_pdbx_entity_src_syn.pdbx_beg_seq_num       ? 
_pdbx_entity_src_syn.pdbx_end_seq_num       ? 
_pdbx_entity_src_syn.organism_scientific    'Homo sapiens' 
_pdbx_entity_src_syn.organism_common_name   human 
_pdbx_entity_src_syn.ncbi_taxonomy_id       9606 
_pdbx_entity_src_syn.details                ? 
# 
loop_
_chem_comp.id 
_chem_comp.type 
_chem_comp.mon_nstd_flag 
_chem_comp.name 
_chem_comp.pdbx_synonyms 
_chem_comp.formula 
_chem_comp.formula_weight 
ALA 'L-peptide linking' y ALANINE         ?                 'C3 H7 N O2'     89.093  
ARG 'L-peptide linking' y ARGININE        ?                 'C6 H15 N4 O2 1' 175.209 
ASN 'L-peptide linking' y ASPARAGINE      ?                 'C4 H8 N2 O3'    132.118 
ASP 'L-peptide linking' y 'ASPARTIC ACID' ?                 'C4 H7 N O4'     133.103 
CYS 'L-peptide linking' y CYSTEINE        ?                 'C3 H7 N O2 S'   121.158 
EDO non-polymer         . 1,2-ETHANEDIOL  'ETHYLENE GLYCOL' 'C2 H6 O2'       62.068  
GLN 'L-peptide linking' y GLUTAMINE       ?                 'C5 H10 N2 O3'   146.144 
GLU 'L-peptide linking' y 'GLUTAMIC ACID' ?                 'C5 H9 N O4'     147.129 
GLY 'peptide linking'   y GLYCINE         ?                 'C2 H5 N O2'     75.067  
HIS 'L-peptide linking' y HISTIDINE       ?                 'C6 H10 N3 O2 1' 156.162 
HOH non-polymer         . WATER           ?                 'H2 O'           18.015  
ILE 'L-peptide linking' y ISOLEUCINE      ?                 'C6 H13 N O2'    131.173 
LEU 'L-peptide linking' y LEUCINE         ?                 'C6 H13 N O2'    131.173 
LYS 'L-peptide linking' y LYSINE          ?                 'C6 H15 N2 O2 1' 147.195 
MET 'L-peptide linking' y METHIONINE      ?                 'C5 H11 N O2 S'  149.211 
PHE 'L-peptide linking' y PHENYLALANINE   ?                 'C9 H11 N O2'    165.189 
PRO 'L-peptide linking' y PROLINE         ?                 'C5 H9 N O2'     115.130 
SER 'L-peptide linking' y SERINE          ?                 'C3 H7 N O3'     105.093 
THR 'L-peptide linking' y THREONINE       ?                 'C4 H9 N O3'     119.119 
TRP 'L-peptide linking' y TRYPTOPHAN      ?                 'C11 H12 N2 O2'  204.225 
TYR 'L-peptide linking' y TYROSINE        ?                 'C9 H11 N O3'    181.189 
VAL 'L-peptide linking' y VALINE          ?                 'C5 H11 N O2'    117.146 
ZN  non-polymer         . 'ZINC ION'      ?                 'Zn 2'           65.409  
# 
loop_
_pdbx_poly_seq_scheme.asym_id 
_pdbx_poly_seq_scheme.entity_id 
_pdbx_poly_seq_scheme.seq_id 
_pdbx_poly_seq_scheme.mon_id 
_pdbx_poly_seq_scheme.ndb_seq_num 
_pdbx_poly_seq_scheme.pdb_seq_num 
_pdbx_poly_seq_scheme.auth_seq_num 
_pdbx_poly_seq_scheme.pdb_mon_id 
_pdbx_poly_seq_scheme.auth_mon_id 
_pdbx_poly_seq_scheme.pdb_strand_id 
_pdbx_poly_seq_scheme.pdb_ins_code 
_pdbx_poly_seq_scheme.hetero 
A 1 1  SER 1  298 ?   ?   ?   A . n 
A 1 2  GLY 2  299 299 GLY GLY A . n 
A 1 3  PRO 3  300 300 PRO PRO A . n 
A 1 4  SER 4  301 301 SER SER A . n 
A 1 5  CYS 5  302 302 CYS CYS A . n 
A 1 6  LYS 6  303 303 LYS LYS A . n 
A 1 7  HIS 7  304 304 HIS HIS A . n 
A 1 8  CYS 8  305 305 CYS CYS A . n 
A 1 9  LYS 9  306 306 LYS LYS A . n 
A 1 10 ASP 10 307 307 ASP ASP A . n 
A 1 11 ASP 11 308 308 ASP ASP A . n 
A 1 12 VAL 12 309 309 VAL VAL A . n 
A 1 13 ASN 13 310 310 ASN ASN A . n 
A 1 14 ARG 14 311 311 ARG ARG A . n 
A 1 15 LEU 15 312 312 LEU LEU A . n 
A 1 16 CYS 16 313 313 CYS CYS A . n 
A 1 17 ARG 17 314 314 ARG ARG A . n 
A 1 18 VAL 18 315 315 VAL VAL A . n 
A 1 19 CYS 19 316 316 CYS CYS A . n 
A 1 20 ALA 20 317 317 ALA ALA A . n 
A 1 21 CYS 21 318 318 CYS CYS A . n 
A 1 22 HIS 22 319 319 HIS HIS A . n 
A 1 23 LEU 23 320 320 LEU LEU A . n 
A 1 24 CYS 24 321 321 CYS CYS A . n 
A 1 25 GLY 25 322 322 GLY GLY A . n 
A 1 26 GLY 26 323 323 GLY GLY A . n 
A 1 27 ARG 27 324 324 ARG ARG A . n 
A 1 28 GLN 28 325 325 GLN GLN A . n 
A 1 29 ASP 29 326 326 ASP ASP A . n 
A 1 30 PRO 30 327 327 PRO PRO A . n 
A 1 31 ASP 31 328 328 ASP ASP A . n 
A 1 32 LYS 32 329 329 LYS LYS A . n 
A 1 33 GLN 33 330 330 GLN GLN A . n 
A 1 34 LEU 34 331 331 LEU LEU A . n 
A 1 35 MET 35 332 332 MET MET A . n 
A 1 36 CYS 36 333 333 CYS CYS A . n 
A 1 37 ASP 37 334 334 ASP ASP A . n 
A 1 38 GLU 38 335 335 GLU GLU A . n 
A 1 39 CYS 39 336 336 CYS CYS A . n 
A 1 40 ASP 40 337 337 ASP ASP A . n 
A 1 41 MET 41 338 338 MET MET A . n 
A 1 42 ALA 42 339 339 ALA ALA A . n 
A 1 43 PHE 43 340 340 PHE PHE A . n 
A 1 44 HIS 44 341 341 HIS HIS A . n 
A 1 45 ILE 45 342 342 ILE ILE A . n 
A 1 46 TYR 46 343 343 TYR TYR A . n 
A 1 47 CYS 47 344 344 CYS CYS A . n 
A 1 48 LEU 48 345 345 LEU LEU A . n 
A 1 49 ASP 49 346 346 ASP ASP A . n 
A 1 50 PRO 50 347 347 PRO PRO A . n 
A 1 51 PRO 51 348 348 PRO PRO A . n 
A 1 52 LEU 52 349 349 LEU LEU A . n 
A 1 53 SER 53 350 350 SER SER A . n 
A 1 54 SER 54 351 351 SER SER A . n 
A 1 55 VAL 55 352 352 VAL VAL A . n 
A 1 56 PRO 56 353 353 PRO PRO A . n 
A 1 57 SER 57 354 354 SER SER A . n 
A 1 58 GLU 58 355 355 GLU GLU A . n 
A 1 59 ASP 59 356 356 ASP ASP A . n 
A 1 60 GLU 60 357 357 GLU GLU A . n 
A 1 61 TRP 61 358 358 TRP TRP A . n 
A 1 62 TYR 62 359 359 TYR TYR A . n 
A 1 63 CYS 63 360 360 CYS CYS A . n 
A 1 64 PRO 64 361 361 PRO PRO A . n 
A 1 65 GLU 65 362 362 GLU GLU A . n 
A 1 66 CYS 66 363 363 CYS CYS A . n 
A 1 67 ARG 67 364 364 ARG ARG A . n 
A 1 68 ASN 68 365 365 ASN ASN A . n 
A 1 69 ASP 69 366 366 ASP ASP A . n 
A 1 70 ALA 70 367 ?   ?   ?   A . n 
B 2 1  ALA 1  1   1   ALA ALA B . n 
B 2 2  ARG 2  2   2   ARG ARG B . n 
B 2 3  THR 3  3   3   THR THR B . n 
B 2 4  LYS 4  4   4   LYS LYS B . n 
B 2 5  GLN 5  5   5   GLN GLN B . n 
B 2 6  THR 6  6   6   THR THR B . n 
B 2 7  ALA 7  7   7   ALA ALA B . n 
B 2 8  ARG 8  8   8   ARG ARG B . n 
B 2 9  LYS 9  9   9   LYS LYS B . n 
B 2 10 SER 10 10  ?   ?   ?   B . n 
B 2 11 THR 11 11  ?   ?   ?   B . n 
# 
loop_
_pdbx_nonpoly_scheme.asym_id 
_pdbx_nonpoly_scheme.entity_id 
_pdbx_nonpoly_scheme.mon_id 
_pdbx_nonpoly_scheme.ndb_seq_num 
_pdbx_nonpoly_scheme.pdb_seq_num 
_pdbx_nonpoly_scheme.auth_seq_num 
_pdbx_nonpoly_scheme.pdb_mon_id 
_pdbx_nonpoly_scheme.auth_mon_id 
_pdbx_nonpoly_scheme.pdb_strand_id 
_pdbx_nonpoly_scheme.pdb_ins_code 
C 3 ZN  1  1   1  ZN  ZN  A . 
D 3 ZN  1  2   2  ZN  ZN  A . 
E 3 ZN  1  3   3  ZN  ZN  A . 
F 3 ZN  1  4   4  ZN  ZN  A . 
G 4 EDO 1  368 2  EDO EDO A . 
H 4 EDO 1  369 3  EDO EDO A . 
I 4 EDO 1  370 4  EDO EDO A . 
J 4 EDO 1  12  1  EDO EDO B . 
K 5 HOH 1  6   6  HOH HOH A . 
K 5 HOH 2  8   8  HOH HOH A . 
K 5 HOH 3  9   9  HOH HOH A . 
K 5 HOH 4  10  10 HOH HOH A . 
K 5 HOH 5  12  12 HOH HOH A . 
K 5 HOH 6  13  13 HOH HOH A . 
K 5 HOH 7  14  14 HOH HOH A . 
K 5 HOH 8  15  15 HOH HOH A . 
K 5 HOH 9  17  17 HOH HOH A . 
K 5 HOH 10 18  18 HOH HOH A . 
K 5 HOH 11 19  19 HOH HOH A . 
K 5 HOH 12 20  20 HOH HOH A . 
K 5 HOH 13 21  21 HOH HOH A . 
K 5 HOH 14 22  22 HOH HOH A . 
K 5 HOH 15 24  24 HOH HOH A . 
K 5 HOH 16 25  25 HOH HOH A . 
K 5 HOH 17 26  26 HOH HOH A . 
K 5 HOH 18 27  27 HOH HOH A . 
K 5 HOH 19 28  28 HOH HOH A . 
K 5 HOH 20 29  29 HOH HOH A . 
K 5 HOH 21 30  30 HOH HOH A . 
K 5 HOH 22 31  31 HOH HOH A . 
K 5 HOH 23 32  32 HOH HOH A . 
K 5 HOH 24 33  33 HOH HOH A . 
K 5 HOH 25 34  34 HOH HOH A . 
K 5 HOH 26 35  35 HOH HOH A . 
K 5 HOH 27 36  36 HOH HOH A . 
K 5 HOH 28 37  37 HOH HOH A . 
K 5 HOH 29 38  38 HOH HOH A . 
K 5 HOH 30 39  39 HOH HOH A . 
K 5 HOH 31 40  40 HOH HOH A . 
K 5 HOH 32 42  42 HOH HOH A . 
K 5 HOH 33 44  44 HOH HOH A . 
K 5 HOH 34 45  45 HOH HOH A . 
K 5 HOH 35 46  46 HOH HOH A . 
K 5 HOH 36 47  47 HOH HOH A . 
K 5 HOH 37 48  48 HOH HOH A . 
K 5 HOH 38 49  49 HOH HOH A . 
K 5 HOH 39 50  50 HOH HOH A . 
K 5 HOH 40 51  51 HOH HOH A . 
K 5 HOH 41 53  53 HOH HOH A . 
K 5 HOH 42 54  54 HOH HOH A . 
K 5 HOH 43 55  55 HOH HOH A . 
K 5 HOH 44 57  57 HOH HOH A . 
K 5 HOH 45 58  58 HOH HOH A . 
K 5 HOH 46 59  59 HOH HOH A . 
K 5 HOH 47 60  60 HOH HOH A . 
K 5 HOH 48 61  61 HOH HOH A . 
K 5 HOH 49 62  62 HOH HOH A . 
K 5 HOH 50 63  63 HOH HOH A . 
K 5 HOH 51 65  65 HOH HOH A . 
K 5 HOH 52 66  66 HOH HOH A . 
K 5 HOH 53 67  67 HOH HOH A . 
K 5 HOH 54 68  68 HOH HOH A . 
K 5 HOH 55 69  69 HOH HOH A . 
K 5 HOH 56 70  70 HOH HOH A . 
K 5 HOH 57 71  71 HOH HOH A . 
K 5 HOH 58 72  72 HOH HOH A . 
K 5 HOH 59 371 1  HOH HOH A . 
K 5 HOH 60 372 2  HOH HOH A . 
K 5 HOH 61 373 3  HOH HOH A . 
K 5 HOH 62 374 4  HOH HOH A . 
L 5 HOH 1  13  5  HOH HOH B . 
L 5 HOH 2  14  7  HOH HOH B . 
L 5 HOH 3  15  11 HOH HOH B . 
L 5 HOH 4  16  16 HOH HOH B . 
L 5 HOH 5  23  23 HOH HOH B . 
L 5 HOH 6  41  41 HOH HOH B . 
L 5 HOH 7  43  43 HOH HOH B . 
L 5 HOH 8  52  52 HOH HOH B . 
L 5 HOH 9  56  56 HOH HOH B . 
L 5 HOH 10 64  64 HOH HOH B . 
# 
loop_
_software.name 
_software.classification 
_software.version 
_software.citation_id 
_software.pdbx_ordinal 
ADSC     'data collection' Quantum  ? 1 
SHELXS   phasing           .        ? 2 
REFMAC   refinement        5.5.0102 ? 3 
HKL-2000 'data reduction'  .        ? 4 
HKL-2000 'data scaling'    .        ? 5 
# 
_cell.entry_id           3ASL 
_cell.length_a           67.210 
_cell.length_b           36.137 
_cell.length_c           34.175 
_cell.angle_alpha        90.00 
_cell.angle_beta         110.69 
_cell.angle_gamma        90.00 
_cell.Z_PDB              4 
_cell.pdbx_unique_axis   ? 
_cell.length_a_esd       ? 
_cell.length_b_esd       ? 
_cell.length_c_esd       ? 
_cell.angle_alpha_esd    ? 
_cell.angle_beta_esd     ? 
_cell.angle_gamma_esd    ? 
# 
_symmetry.entry_id                         3ASL 
_symmetry.space_group_name_H-M             'C 1 2 1' 
_symmetry.pdbx_full_space_group_name_H-M   ? 
_symmetry.cell_setting                     ? 
_symmetry.Int_Tables_number                5 
_symmetry.space_group_name_Hall            ? 
# 
_exptl.entry_id          3ASL 
_exptl.method            'X-RAY DIFFRACTION' 
_exptl.crystals_number   2 
# 
_exptl_crystal.id                    1 
_exptl_crystal.density_meas          ? 
_exptl_crystal.density_Matthews      2.12 
_exptl_crystal.density_percent_sol   41.88 
_exptl_crystal.description           ? 
_exptl_crystal.F_000                 ? 
_exptl_crystal.preparation           ? 
# 
_exptl_crystal_grow.crystal_id      1 
_exptl_crystal_grow.method          'VAPOR DIFFUSION, HANGING DROP' 
_exptl_crystal_grow.temp            293 
_exptl_crystal_grow.temp_details    ? 
_exptl_crystal_grow.pH              ? 
_exptl_crystal_grow.pdbx_details    '10mM sodium citrate, 42% PEGMME2000, VAPOR DIFFUSION, HANGING DROP, temperature 293K' 
_exptl_crystal_grow.pdbx_pH_range   . 
# 
loop_
_diffrn.id 
_diffrn.ambient_temp 
_diffrn.ambient_temp_details 
_diffrn.crystal_id 
1 100 ? 1 
2 100 ? 1 
# 
loop_
_diffrn_detector.diffrn_id 
_diffrn_detector.detector 
_diffrn_detector.type 
_diffrn_detector.pdbx_collection_date 
_diffrn_detector.details 
1 CCD 'ADSC QUANTUM 210' 2008-11-12 ? 
2 CCD 'ADSC QUANTUM 270' 2009-01-22 ? 
# 
loop_
_diffrn_radiation.diffrn_id 
_diffrn_radiation.wavelength_id 
_diffrn_radiation.pdbx_monochromatic_or_laue_m_l 
_diffrn_radiation.monochromator 
_diffrn_radiation.pdbx_diffrn_protocol 
_diffrn_radiation.pdbx_scattering_type 
1 1 M ? SAD                 x-ray 
2 1 M ? 'SINGLE WAVELENGTH' x-ray 
# 
loop_
_diffrn_radiation_wavelength.id 
_diffrn_radiation_wavelength.wavelength 
_diffrn_radiation_wavelength.wt 
1 1.28221 1.0 
2 1       1.0 
# 
loop_
_diffrn_source.diffrn_id 
_diffrn_source.source 
_diffrn_source.type 
_diffrn_source.pdbx_synchrotron_site 
_diffrn_source.pdbx_synchrotron_beamline 
_diffrn_source.pdbx_wavelength 
_diffrn_source.pdbx_wavelength_list 
1 SYNCHROTRON 'PHOTON FACTORY BEAMLINE AR-NW12A' 'Photon Factory' AR-NW12A ? 1.28221 
2 SYNCHROTRON 'PHOTON FACTORY BEAMLINE BL-17A'   'Photon Factory' BL-17A   ? 1       
# 
_reflns.entry_id                     3ASL 
_reflns.observed_criterion_sigma_I   1 
_reflns.observed_criterion_sigma_F   1 
_reflns.d_resolution_low             50 
_reflns.d_resolution_high            1.4 
_reflns.number_obs                   14019 
_reflns.number_all                   ? 
_reflns.percent_possible_obs         92.6 
_reflns.pdbx_Rmerge_I_obs            ? 
_reflns.pdbx_Rsym_value              ? 
_reflns.pdbx_netI_over_sigmaI        ? 
_reflns.B_iso_Wilson_estimate        ? 
_reflns.pdbx_redundancy              ? 
_reflns.R_free_details               ? 
_reflns.limit_h_max                  ? 
_reflns.limit_h_min                  ? 
_reflns.limit_k_max                  ? 
_reflns.limit_k_min                  ? 
_reflns.limit_l_max                  ? 
_reflns.limit_l_min                  ? 
_reflns.observed_criterion_F_max     ? 
_reflns.observed_criterion_F_min     ? 
_reflns.pdbx_chi_squared             ? 
_reflns.pdbx_scaling_rejects         ? 
_reflns.pdbx_ordinal                 1 
_reflns.pdbx_diffrn_id               1,2 
# 
_reflns_shell.d_res_high                  1.40 
_reflns_shell.d_res_low                   1.45 
_reflns_shell.percent_possible_all        79.5 
_reflns_shell.Rmerge_I_obs                ? 
_reflns_shell.pdbx_Rsym_value             ? 
_reflns_shell.meanI_over_sigI_obs         ? 
_reflns_shell.pdbx_redundancy             ? 
_reflns_shell.percent_possible_obs        ? 
_reflns_shell.number_unique_all           ? 
_reflns_shell.number_measured_all         ? 
_reflns_shell.number_measured_obs         ? 
_reflns_shell.number_unique_obs           ? 
_reflns_shell.pdbx_chi_squared            ? 
_reflns_shell.pdbx_rejects                ? 
_reflns_shell.pdbx_netI_over_sigmaI_obs   ? 
_reflns_shell.number_possible             ? 
_reflns_shell.Rmerge_F_all                ? 
_reflns_shell.Rmerge_F_obs                ? 
_reflns_shell.Rmerge_I_all                ? 
_reflns_shell.meanI_over_sigI_all         ? 
_reflns_shell.pdbx_Rrim_I_all             ? 
_reflns_shell.pdbx_Rpim_I_all             ? 
_reflns_shell.pdbx_ordinal                1 
_reflns_shell.pdbx_diffrn_id              1,2 
# 
_refine.entry_id                                 3ASL 
_refine.ls_number_reflns_obs                     13317 
_refine.ls_number_reflns_all                     14019 
_refine.pdbx_ls_sigma_I                          ? 
_refine.pdbx_ls_sigma_F                          ? 
_refine.pdbx_data_cutoff_high_absF               ? 
_refine.pdbx_data_cutoff_low_absF                ? 
_refine.pdbx_data_cutoff_high_rms_absF           ? 
_refine.ls_d_res_low                             31.97 
_refine.ls_d_res_high                            1.41 
_refine.ls_percent_reflns_obs                    93.05 
_refine.ls_R_factor_obs                          0.16052 
_refine.ls_R_factor_all                          0.16052 
_refine.ls_R_factor_R_work                       0.15880 
_refine.ls_R_factor_R_free                       0.19621 
_refine.ls_R_factor_R_free_error                 ? 
_refine.ls_R_factor_R_free_error_details         ? 
_refine.ls_percent_reflns_R_free                 5.0 
_refine.ls_number_reflns_R_free                  702 
_refine.ls_number_parameters                     ? 
_refine.ls_number_restraints                     ? 
_refine.occupancy_min                            ? 
_refine.occupancy_max                            ? 
_refine.correlation_coeff_Fo_to_Fc               0.964 
_refine.correlation_coeff_Fo_to_Fc_free          0.947 
_refine.B_iso_mean                               12.965 
_refine.aniso_B[1][1]                            0.58 
_refine.aniso_B[2][2]                            -0.25 
_refine.aniso_B[3][3]                            -0.01 
_refine.aniso_B[1][2]                            0.00 
_refine.aniso_B[1][3]                            0.46 
_refine.aniso_B[2][3]                            0.00 
_refine.solvent_model_details                    'BABINET MODEL WITH MASK' 
_refine.solvent_model_param_ksol                 ? 
_refine.solvent_model_param_bsol                 ? 
_refine.pdbx_solvent_vdw_probe_radii             1.40 
_refine.pdbx_solvent_ion_probe_radii             0.80 
_refine.pdbx_solvent_shrinkage_radii             0.80 
_refine.pdbx_ls_cross_valid_method               THROUGHOUT 
_refine.details                                  'HYDROGENS HAVE BEEN ADDED IN THE RIDING POSITIONS' 
_refine.pdbx_starting_model                      ? 
_refine.pdbx_method_to_determine_struct          SAD 
_refine.pdbx_isotropic_thermal_model             ? 
_refine.pdbx_stereochemistry_target_values       'MAXIMUM LIKELIHOOD' 
_refine.pdbx_stereochem_target_val_spec_case     ? 
_refine.pdbx_R_Free_selection_details            RANDOM 
_refine.pdbx_overall_ESU_R_Free                  0.066 
_refine.overall_SU_ML                            0.036 
_refine.overall_SU_B                             1.917 
_refine.overall_SU_R_Cruickshank_DPI             ? 
_refine.ls_redundancy_reflns_obs                 ? 
_refine.B_iso_min                                ? 
_refine.B_iso_max                                ? 
_refine.overall_SU_R_free                        ? 
_refine.ls_wR_factor_R_free                      ? 
_refine.ls_wR_factor_R_work                      ? 
_refine.overall_FOM_free_R_set                   ? 
_refine.overall_FOM_work_R_set                   ? 
_refine.pdbx_refine_id                           'X-RAY DIFFRACTION' 
_refine.pdbx_overall_ESU_R                       ? 
_refine.pdbx_overall_phase_error                 ? 
_refine.pdbx_diffrn_id                           1,2 
_refine.pdbx_TLS_residual_ADP_flag               ? 
_refine.pdbx_overall_SU_R_free_Cruickshank_DPI   ? 
_refine.pdbx_overall_SU_R_Blow_DPI               ? 
_refine.pdbx_overall_SU_R_free_Blow_DPI          ? 
# 
_refine_hist.pdbx_refine_id                   'X-RAY DIFFRACTION' 
_refine_hist.cycle_id                         LAST 
_refine_hist.pdbx_number_atoms_protein        604 
_refine_hist.pdbx_number_atoms_nucleic_acid   0 
_refine_hist.pdbx_number_atoms_ligand         20 
_refine_hist.number_atoms_solvent             72 
_refine_hist.number_atoms_total               696 
_refine_hist.d_res_high                       1.41 
_refine_hist.d_res_low                        31.97 
# 
loop_
_refine_ls_restr.type 
_refine_ls_restr.dev_ideal 
_refine_ls_restr.dev_ideal_target 
_refine_ls_restr.weight 
_refine_ls_restr.number 
_refine_ls_restr.pdbx_refine_id 
_refine_ls_restr.pdbx_restraint_function 
r_bond_refined_d             0.014  0.021  ? 628  'X-RAY DIFFRACTION' ? 
r_bond_other_d               0.002  0.020  ? 461  'X-RAY DIFFRACTION' ? 
r_angle_refined_deg          1.512  1.977  ? 837  'X-RAY DIFFRACTION' ? 
r_angle_other_deg            0.954  3.000  ? 1115 'X-RAY DIFFRACTION' ? 
r_dihedral_angle_1_deg       5.550  5.000  ? 75   'X-RAY DIFFRACTION' ? 
r_dihedral_angle_2_deg       30.248 23.871 ? 31   'X-RAY DIFFRACTION' ? 
r_dihedral_angle_3_deg       11.245 15.000 ? 108  'X-RAY DIFFRACTION' ? 
r_dihedral_angle_4_deg       23.990 15.000 ? 6    'X-RAY DIFFRACTION' ? 
r_chiral_restr               0.092  0.200  ? 85   'X-RAY DIFFRACTION' ? 
r_gen_planes_refined         0.007  0.021  ? 684  'X-RAY DIFFRACTION' ? 
r_gen_planes_other           0.001  0.020  ? 117  'X-RAY DIFFRACTION' ? 
r_nbd_refined                ?      ?      ? ?    'X-RAY DIFFRACTION' ? 
r_nbd_other                  ?      ?      ? ?    'X-RAY DIFFRACTION' ? 
r_nbtor_refined              ?      ?      ? ?    'X-RAY DIFFRACTION' ? 
r_nbtor_other                ?      ?      ? ?    'X-RAY DIFFRACTION' ? 
r_xyhbond_nbd_refined        ?      ?      ? ?    'X-RAY DIFFRACTION' ? 
r_xyhbond_nbd_other          ?      ?      ? ?    'X-RAY DIFFRACTION' ? 
r_metal_ion_refined          ?      ?      ? ?    'X-RAY DIFFRACTION' ? 
r_metal_ion_other            ?      ?      ? ?    'X-RAY DIFFRACTION' ? 
r_symmetry_vdw_refined       ?      ?      ? ?    'X-RAY DIFFRACTION' ? 
r_symmetry_vdw_other         ?      ?      ? ?    'X-RAY DIFFRACTION' ? 
r_symmetry_hbond_refined     ?      ?      ? ?    'X-RAY DIFFRACTION' ? 
r_symmetry_hbond_other       ?      ?      ? ?    'X-RAY DIFFRACTION' ? 
r_symmetry_metal_ion_refined ?      ?      ? ?    'X-RAY DIFFRACTION' ? 
r_symmetry_metal_ion_other   ?      ?      ? ?    'X-RAY DIFFRACTION' ? 
r_mcbond_it                  1.239  1.500  ? 386  'X-RAY DIFFRACTION' ? 
r_mcbond_other               0.374  1.500  ? 149  'X-RAY DIFFRACTION' ? 
r_mcangle_it                 1.913  2.000  ? 621  'X-RAY DIFFRACTION' ? 
r_scbond_it                  3.104  3.000  ? 242  'X-RAY DIFFRACTION' ? 
r_scangle_it                 4.341  4.500  ? 216  'X-RAY DIFFRACTION' ? 
r_rigid_bond_restr           1.176  3.000  ? 1089 'X-RAY DIFFRACTION' ? 
r_sphericity_free            ?      ?      ? ?    'X-RAY DIFFRACTION' ? 
r_sphericity_bonded          ?      ?      ? ?    'X-RAY DIFFRACTION' ? 
# 
_refine_ls_shell.pdbx_refine_id                   'X-RAY DIFFRACTION' 
_refine_ls_shell.pdbx_total_number_of_bins_used   20 
_refine_ls_shell.d_res_high                       1.406 
_refine_ls_shell.d_res_low                        1.442 
_refine_ls_shell.number_reflns_R_work             856 
_refine_ls_shell.R_factor_R_work                  0.167 
_refine_ls_shell.percent_reflns_obs               82.85 
_refine_ls_shell.R_factor_R_free                  0.182 
_refine_ls_shell.R_factor_R_free_error            ? 
_refine_ls_shell.percent_reflns_R_free            ? 
_refine_ls_shell.number_reflns_R_free             52 
_refine_ls_shell.number_reflns_all                ? 
_refine_ls_shell.R_factor_all                     ? 
_refine_ls_shell.number_reflns_obs                ? 
_refine_ls_shell.redundancy_reflns_obs            ? 
# 
_struct.entry_id                  3ASL 
_struct.title                     'Structure of UHRF1 in complex with histone tail' 
_struct.pdbx_model_details        ? 
_struct.pdbx_CASP_flag            ? 
_struct.pdbx_model_type_details   ? 
# 
_struct_keywords.entry_id        3ASL 
_struct_keywords.pdbx_keywords   'LIGASE/DNA BINDING PROTEIN' 
_struct_keywords.text            'histone reader module, epigenetic regulation, histone H3, LIGASE-DNA BINDING PROTEIN complex' 
# 
loop_
_struct_asym.id 
_struct_asym.pdbx_blank_PDB_chainid_flag 
_struct_asym.pdbx_modified 
_struct_asym.entity_id 
_struct_asym.details 
A N N 1 ? 
B N N 2 ? 
C N N 3 ? 
D N N 3 ? 
E N N 3 ? 
F N N 3 ? 
G N N 4 ? 
H N N 4 ? 
I N N 4 ? 
J N N 4 ? 
K N N 5 ? 
L N N 5 ? 
# 
loop_
_struct_ref.id 
_struct_ref.db_name 
_struct_ref.db_code 
_struct_ref.pdbx_db_accession 
_struct_ref.entity_id 
_struct_ref.pdbx_seq_one_letter_code 
_struct_ref.pdbx_align_begin 
_struct_ref.pdbx_db_isoform 
1 UNP UHRF1_HUMAN Q96T88 1 SGPSCKHCKDDVNRLCRVCACHLCGGRQDPDKQLMCDECDMAFHIYCLDPPLSSVPSEDEWYCPECRNDA 298 ? 
2 UNP H33_HUMAN   P84243 2 ARTKQTARKST                                                            2   ? 
# 
loop_
_struct_ref_seq.align_id 
_struct_ref_seq.ref_id 
_struct_ref_seq.pdbx_PDB_id_code 
_struct_ref_seq.pdbx_strand_id 
_struct_ref_seq.seq_align_beg 
_struct_ref_seq.pdbx_seq_align_beg_ins_code 
_struct_ref_seq.seq_align_end 
_struct_ref_seq.pdbx_seq_align_end_ins_code 
_struct_ref_seq.pdbx_db_accession 
_struct_ref_seq.db_align_beg 
_struct_ref_seq.pdbx_db_align_beg_ins_code 
_struct_ref_seq.db_align_end 
_struct_ref_seq.pdbx_db_align_end_ins_code 
_struct_ref_seq.pdbx_auth_seq_align_beg 
_struct_ref_seq.pdbx_auth_seq_align_end 
1 1 3ASL A 1 ? 70 ? Q96T88 298 ? 367 ? 298 367 
2 2 3ASL B 1 ? 11 ? P84243 2   ? 12  ? 1   11  
# 
_pdbx_struct_assembly.id                   1 
_pdbx_struct_assembly.details              author_and_software_defined_assembly 
_pdbx_struct_assembly.method_details       PISA 
_pdbx_struct_assembly.oligomeric_details   dimeric 
_pdbx_struct_assembly.oligomeric_count     2 
# 
loop_
_pdbx_struct_assembly_prop.biol_id 
_pdbx_struct_assembly_prop.type 
_pdbx_struct_assembly_prop.value 
_pdbx_struct_assembly_prop.details 
1 'ABSA (A^2)' 940  ? 
1 MORE         -2   ? 
1 'SSA (A^2)'  5480 ? 
# 
_pdbx_struct_assembly_gen.assembly_id       1 
_pdbx_struct_assembly_gen.oper_expression   1 
_pdbx_struct_assembly_gen.asym_id_list      A,B,C,D,E,F,G,H,I,J,K,L 
# 
_pdbx_struct_oper_list.id                   1 
_pdbx_struct_oper_list.type                 'identity operation' 
_pdbx_struct_oper_list.name                 1_555 
_pdbx_struct_oper_list.symmetry_operation   x,y,z 
_pdbx_struct_oper_list.matrix[1][1]         1.0000000000 
_pdbx_struct_oper_list.matrix[1][2]         0.0000000000 
_pdbx_struct_oper_list.matrix[1][3]         0.0000000000 
_pdbx_struct_oper_list.vector[1]            0.0000000000 
_pdbx_struct_oper_list.matrix[2][1]         0.0000000000 
_pdbx_struct_oper_list.matrix[2][2]         1.0000000000 
_pdbx_struct_oper_list.matrix[2][3]         0.0000000000 
_pdbx_struct_oper_list.vector[2]            0.0000000000 
_pdbx_struct_oper_list.matrix[3][1]         0.0000000000 
_pdbx_struct_oper_list.matrix[3][2]         0.0000000000 
_pdbx_struct_oper_list.matrix[3][3]         1.0000000000 
_pdbx_struct_oper_list.vector[3]            0.0000000000 
# 
_struct_biol.id        1 
_struct_biol.details   ? 
# 
loop_
_struct_conf.conf_type_id 
_struct_conf.id 
_struct_conf.pdbx_PDB_helix_id 
_struct_conf.beg_label_comp_id 
_struct_conf.beg_label_asym_id 
_struct_conf.beg_label_seq_id 
_struct_conf.pdbx_beg_PDB_ins_code 
_struct_conf.end_label_comp_id 
_struct_conf.end_label_asym_id 
_struct_conf.end_label_seq_id 
_struct_conf.pdbx_end_PDB_ins_code 
_struct_conf.beg_auth_comp_id 
_struct_conf.beg_auth_asym_id 
_struct_conf.beg_auth_seq_id 
_struct_conf.end_auth_comp_id 
_struct_conf.end_auth_asym_id 
_struct_conf.end_auth_seq_id 
_struct_conf.pdbx_PDB_helix_class 
_struct_conf.details 
_struct_conf.pdbx_PDB_helix_length 
HELX_P HELX_P1 1 ASP A 29 ? ASP A 31 ? ASP A 326 ASP A 328 5 ? 3 
HELX_P HELX_P2 2 TYR A 46 ? LEU A 48 ? TYR A 343 LEU A 345 5 ? 3 
# 
_struct_conf_type.id          HELX_P 
_struct_conf_type.criteria    ? 
_struct_conf_type.reference   ? 
# 
loop_
_struct_conn.id 
_struct_conn.conn_type_id 
_struct_conn.pdbx_leaving_atom_flag 
_struct_conn.pdbx_PDB_id 
_struct_conn.ptnr1_label_asym_id 
_struct_conn.ptnr1_label_comp_id 
_struct_conn.ptnr1_label_seq_id 
_struct_conn.ptnr1_label_atom_id 
_struct_conn.pdbx_ptnr1_label_alt_id 
_struct_conn.pdbx_ptnr1_PDB_ins_code 
_struct_conn.pdbx_ptnr1_standard_comp_id 
_struct_conn.ptnr1_symmetry 
_struct_conn.ptnr2_label_asym_id 
_struct_conn.ptnr2_label_comp_id 
_struct_conn.ptnr2_label_seq_id 
_struct_conn.ptnr2_label_atom_id 
_struct_conn.pdbx_ptnr2_label_alt_id 
_struct_conn.pdbx_ptnr2_PDB_ins_code 
_struct_conn.ptnr1_auth_asym_id 
_struct_conn.ptnr1_auth_comp_id 
_struct_conn.ptnr1_auth_seq_id 
_struct_conn.ptnr2_auth_asym_id 
_struct_conn.ptnr2_auth_comp_id 
_struct_conn.ptnr2_auth_seq_id 
_struct_conn.ptnr2_symmetry 
_struct_conn.pdbx_ptnr3_label_atom_id 
_struct_conn.pdbx_ptnr3_label_seq_id 
_struct_conn.pdbx_ptnr3_label_comp_id 
_struct_conn.pdbx_ptnr3_label_asym_id 
_struct_conn.pdbx_ptnr3_label_alt_id 
_struct_conn.pdbx_ptnr3_PDB_ins_code 
_struct_conn.details 
_struct_conn.pdbx_dist_value 
_struct_conn.pdbx_value_order 
_struct_conn.pdbx_role 
metalc1  metalc ? ? C ZN . ZN ? ? ? 1_555 A CYS 5  SG  ? ? A ZN 1 A CYS 302 1_555 ? ? ? ? ? ? ? 2.341 ? ? 
metalc2  metalc ? ? C ZN . ZN ? ? ? 1_555 A CYS 8  SG  ? ? A ZN 1 A CYS 305 1_555 ? ? ? ? ? ? ? 2.360 ? ? 
metalc3  metalc ? ? C ZN . ZN ? ? ? 1_555 A CYS 16 SG  ? ? A ZN 1 A CYS 313 1_555 ? ? ? ? ? ? ? 2.305 ? ? 
metalc4  metalc ? ? C ZN . ZN ? ? ? 1_555 A CYS 19 SG  ? ? A ZN 1 A CYS 316 1_555 ? ? ? ? ? ? ? 2.313 ? ? 
metalc5  metalc ? ? D ZN . ZN ? ? ? 1_555 A CYS 21 SG  ? ? A ZN 2 A CYS 318 1_555 ? ? ? ? ? ? ? 2.328 ? ? 
metalc6  metalc ? ? D ZN . ZN ? ? ? 1_555 A CYS 24 SG  ? ? A ZN 2 A CYS 321 1_555 ? ? ? ? ? ? ? 2.362 ? ? 
metalc7  metalc ? ? D ZN . ZN ? ? ? 1_555 A HIS 44 ND1 ? ? A ZN 2 A HIS 341 1_555 ? ? ? ? ? ? ? 2.122 ? ? 
metalc8  metalc ? ? D ZN . ZN ? ? ? 1_555 A CYS 47 SG  ? ? A ZN 2 A CYS 344 1_555 ? ? ? ? ? ? ? 2.297 ? ? 
metalc9  metalc ? ? E ZN . ZN ? ? ? 1_555 A CYS 36 SG  ? ? A ZN 3 A CYS 333 1_555 ? ? ? ? ? ? ? 2.362 ? ? 
metalc10 metalc ? ? E ZN . ZN ? ? ? 1_555 A CYS 39 SG  ? ? A ZN 3 A CYS 336 1_555 ? ? ? ? ? ? ? 2.340 ? ? 
metalc11 metalc ? ? E ZN . ZN ? ? ? 1_555 A CYS 63 SG  ? ? A ZN 3 A CYS 360 1_555 ? ? ? ? ? ? ? 2.302 ? ? 
metalc12 metalc ? ? E ZN . ZN ? ? ? 1_555 A CYS 66 SG  ? ? A ZN 3 A CYS 363 1_555 ? ? ? ? ? ? ? 2.333 ? ? 
metalc13 metalc ? ? F ZN . ZN ? ? ? 1_555 A HIS 22 NE2 ? ? A ZN 4 A HIS 319 1_555 ? ? ? ? ? ? ? 1.971 ? ? 
metalc14 metalc ? ? F ZN . ZN ? ? ? 1_555 A GLU 65 OE1 ? ? A ZN 4 A GLU 362 1_555 ? ? ? ? ? ? ? 2.385 ? ? 
# 
_struct_conn_type.id          metalc 
_struct_conn_type.criteria    ? 
_struct_conn_type.reference   ? 
# 
loop_
_pdbx_struct_conn_angle.id 
_pdbx_struct_conn_angle.ptnr1_label_atom_id 
_pdbx_struct_conn_angle.ptnr1_label_alt_id 
_pdbx_struct_conn_angle.ptnr1_label_asym_id 
_pdbx_struct_conn_angle.ptnr1_label_comp_id 
_pdbx_struct_conn_angle.ptnr1_label_seq_id 
_pdbx_struct_conn_angle.ptnr1_auth_atom_id 
_pdbx_struct_conn_angle.ptnr1_auth_asym_id 
_pdbx_struct_conn_angle.ptnr1_auth_comp_id 
_pdbx_struct_conn_angle.ptnr1_auth_seq_id 
_pdbx_struct_conn_angle.ptnr1_PDB_ins_code 
_pdbx_struct_conn_angle.ptnr1_symmetry 
_pdbx_struct_conn_angle.ptnr2_label_atom_id 
_pdbx_struct_conn_angle.ptnr2_label_alt_id 
_pdbx_struct_conn_angle.ptnr2_label_asym_id 
_pdbx_struct_conn_angle.ptnr2_label_comp_id 
_pdbx_struct_conn_angle.ptnr2_label_seq_id 
_pdbx_struct_conn_angle.ptnr2_auth_atom_id 
_pdbx_struct_conn_angle.ptnr2_auth_asym_id 
_pdbx_struct_conn_angle.ptnr2_auth_comp_id 
_pdbx_struct_conn_angle.ptnr2_auth_seq_id 
_pdbx_struct_conn_angle.ptnr2_PDB_ins_code 
_pdbx_struct_conn_angle.ptnr2_symmetry 
_pdbx_struct_conn_angle.ptnr3_label_atom_id 
_pdbx_struct_conn_angle.ptnr3_label_alt_id 
_pdbx_struct_conn_angle.ptnr3_label_asym_id 
_pdbx_struct_conn_angle.ptnr3_label_comp_id 
_pdbx_struct_conn_angle.ptnr3_label_seq_id 
_pdbx_struct_conn_angle.ptnr3_auth_atom_id 
_pdbx_struct_conn_angle.ptnr3_auth_asym_id 
_pdbx_struct_conn_angle.ptnr3_auth_comp_id 
_pdbx_struct_conn_angle.ptnr3_auth_seq_id 
_pdbx_struct_conn_angle.ptnr3_PDB_ins_code 
_pdbx_struct_conn_angle.ptnr3_symmetry 
_pdbx_struct_conn_angle.value 
_pdbx_struct_conn_angle.value_esd 
1  SG  ? A CYS 5  ? A CYS 302 ? 1_555 ZN ? C ZN . ? A ZN 1 ? 1_555 SG  ? A CYS 8  ? A CYS 305 ? 1_555 107.1 ? 
2  SG  ? A CYS 5  ? A CYS 302 ? 1_555 ZN ? C ZN . ? A ZN 1 ? 1_555 SG  ? A CYS 16 ? A CYS 313 ? 1_555 114.6 ? 
3  SG  ? A CYS 8  ? A CYS 305 ? 1_555 ZN ? C ZN . ? A ZN 1 ? 1_555 SG  ? A CYS 16 ? A CYS 313 ? 1_555 112.9 ? 
4  SG  ? A CYS 5  ? A CYS 302 ? 1_555 ZN ? C ZN . ? A ZN 1 ? 1_555 SG  ? A CYS 19 ? A CYS 316 ? 1_555 111.5 ? 
5  SG  ? A CYS 8  ? A CYS 305 ? 1_555 ZN ? C ZN . ? A ZN 1 ? 1_555 SG  ? A CYS 19 ? A CYS 316 ? 1_555 100.8 ? 
6  SG  ? A CYS 16 ? A CYS 313 ? 1_555 ZN ? C ZN . ? A ZN 1 ? 1_555 SG  ? A CYS 19 ? A CYS 316 ? 1_555 109.2 ? 
7  SG  ? A CYS 21 ? A CYS 318 ? 1_555 ZN ? D ZN . ? A ZN 2 ? 1_555 SG  ? A CYS 24 ? A CYS 321 ? 1_555 109.0 ? 
8  SG  ? A CYS 21 ? A CYS 318 ? 1_555 ZN ? D ZN . ? A ZN 2 ? 1_555 ND1 ? A HIS 44 ? A HIS 341 ? 1_555 99.7  ? 
9  SG  ? A CYS 24 ? A CYS 321 ? 1_555 ZN ? D ZN . ? A ZN 2 ? 1_555 ND1 ? A HIS 44 ? A HIS 341 ? 1_555 99.4  ? 
10 SG  ? A CYS 21 ? A CYS 318 ? 1_555 ZN ? D ZN . ? A ZN 2 ? 1_555 SG  ? A CYS 47 ? A CYS 344 ? 1_555 122.5 ? 
11 SG  ? A CYS 24 ? A CYS 321 ? 1_555 ZN ? D ZN . ? A ZN 2 ? 1_555 SG  ? A CYS 47 ? A CYS 344 ? 1_555 112.7 ? 
12 ND1 ? A HIS 44 ? A HIS 341 ? 1_555 ZN ? D ZN . ? A ZN 2 ? 1_555 SG  ? A CYS 47 ? A CYS 344 ? 1_555 110.4 ? 
13 SG  ? A CYS 36 ? A CYS 333 ? 1_555 ZN ? E ZN . ? A ZN 3 ? 1_555 SG  ? A CYS 39 ? A CYS 336 ? 1_555 105.6 ? 
14 SG  ? A CYS 36 ? A CYS 333 ? 1_555 ZN ? E ZN . ? A ZN 3 ? 1_555 SG  ? A CYS 63 ? A CYS 360 ? 1_555 109.4 ? 
15 SG  ? A CYS 39 ? A CYS 336 ? 1_555 ZN ? E ZN . ? A ZN 3 ? 1_555 SG  ? A CYS 63 ? A CYS 360 ? 1_555 114.5 ? 
16 SG  ? A CYS 36 ? A CYS 333 ? 1_555 ZN ? E ZN . ? A ZN 3 ? 1_555 SG  ? A CYS 66 ? A CYS 363 ? 1_555 109.1 ? 
17 SG  ? A CYS 39 ? A CYS 336 ? 1_555 ZN ? E ZN . ? A ZN 3 ? 1_555 SG  ? A CYS 66 ? A CYS 363 ? 1_555 110.8 ? 
18 SG  ? A CYS 63 ? A CYS 360 ? 1_555 ZN ? E ZN . ? A ZN 3 ? 1_555 SG  ? A CYS 66 ? A CYS 363 ? 1_555 107.4 ? 
19 NE2 ? A HIS 22 ? A HIS 319 ? 1_555 ZN ? F ZN . ? A ZN 4 ? 1_555 OE1 ? A GLU 65 ? A GLU 362 ? 1_555 102.7 ? 
# 
_struct_mon_prot_cis.pdbx_id                1 
_struct_mon_prot_cis.label_comp_id          ASP 
_struct_mon_prot_cis.label_seq_id           49 
_struct_mon_prot_cis.label_asym_id          A 
_struct_mon_prot_cis.label_alt_id           . 
_struct_mon_prot_cis.pdbx_PDB_ins_code      ? 
_struct_mon_prot_cis.auth_comp_id           ASP 
_struct_mon_prot_cis.auth_seq_id            346 
_struct_mon_prot_cis.auth_asym_id           A 
_struct_mon_prot_cis.pdbx_label_comp_id_2   PRO 
_struct_mon_prot_cis.pdbx_label_seq_id_2    50 
_struct_mon_prot_cis.pdbx_label_asym_id_2   A 
_struct_mon_prot_cis.pdbx_PDB_ins_code_2    ? 
_struct_mon_prot_cis.pdbx_auth_comp_id_2    PRO 
_struct_mon_prot_cis.pdbx_auth_seq_id_2     347 
_struct_mon_prot_cis.pdbx_auth_asym_id_2    A 
_struct_mon_prot_cis.pdbx_PDB_model_num     1 
_struct_mon_prot_cis.pdbx_omega_angle       -1.47 
# 
_struct_sheet.id               A 
_struct_sheet.type             ? 
_struct_sheet.number_strands   2 
_struct_sheet.details          ? 
# 
_struct_sheet_order.sheet_id     A 
_struct_sheet_order.range_id_1   1 
_struct_sheet_order.range_id_2   2 
_struct_sheet_order.offset       ? 
_struct_sheet_order.sense        anti-parallel 
# 
loop_
_struct_sheet_range.sheet_id 
_struct_sheet_range.id 
_struct_sheet_range.beg_label_comp_id 
_struct_sheet_range.beg_label_asym_id 
_struct_sheet_range.beg_label_seq_id 
_struct_sheet_range.pdbx_beg_PDB_ins_code 
_struct_sheet_range.end_label_comp_id 
_struct_sheet_range.end_label_asym_id 
_struct_sheet_range.end_label_seq_id 
_struct_sheet_range.pdbx_end_PDB_ins_code 
_struct_sheet_range.beg_auth_comp_id 
_struct_sheet_range.beg_auth_asym_id 
_struct_sheet_range.beg_auth_seq_id 
_struct_sheet_range.end_auth_comp_id 
_struct_sheet_range.end_auth_asym_id 
_struct_sheet_range.end_auth_seq_id 
A 1 GLN A 33 ? MET A 35 ? GLN A 330 MET A 332 
A 2 ALA A 42 ? HIS A 44 ? ALA A 339 HIS A 341 
# 
_pdbx_struct_sheet_hbond.sheet_id                A 
_pdbx_struct_sheet_hbond.range_id_1              1 
_pdbx_struct_sheet_hbond.range_id_2              2 
_pdbx_struct_sheet_hbond.range_1_label_atom_id   N 
_pdbx_struct_sheet_hbond.range_1_label_comp_id   LEU 
_pdbx_struct_sheet_hbond.range_1_label_asym_id   A 
_pdbx_struct_sheet_hbond.range_1_label_seq_id    34 
_pdbx_struct_sheet_hbond.range_1_PDB_ins_code    ? 
_pdbx_struct_sheet_hbond.range_1_auth_atom_id    N 
_pdbx_struct_sheet_hbond.range_1_auth_comp_id    LEU 
_pdbx_struct_sheet_hbond.range_1_auth_asym_id    A 
_pdbx_struct_sheet_hbond.range_1_auth_seq_id     331 
_pdbx_struct_sheet_hbond.range_2_label_atom_id   O 
_pdbx_struct_sheet_hbond.range_2_label_comp_id   PHE 
_pdbx_struct_sheet_hbond.range_2_label_asym_id   A 
_pdbx_struct_sheet_hbond.range_2_label_seq_id    43 
_pdbx_struct_sheet_hbond.range_2_PDB_ins_code    ? 
_pdbx_struct_sheet_hbond.range_2_auth_atom_id    O 
_pdbx_struct_sheet_hbond.range_2_auth_comp_id    PHE 
_pdbx_struct_sheet_hbond.range_2_auth_asym_id    A 
_pdbx_struct_sheet_hbond.range_2_auth_seq_id     340 
# 
loop_
_struct_site.id 
_struct_site.pdbx_evidence_code 
_struct_site.pdbx_auth_asym_id 
_struct_site.pdbx_auth_comp_id 
_struct_site.pdbx_auth_seq_id 
_struct_site.pdbx_auth_ins_code 
_struct_site.pdbx_num_residues 
_struct_site.details 
AC1 Software A ZN  1   ? 4 'BINDING SITE FOR RESIDUE ZN A 1'    
AC2 Software A ZN  2   ? 4 'BINDING SITE FOR RESIDUE ZN A 2'    
AC3 Software A ZN  3   ? 4 'BINDING SITE FOR RESIDUE ZN A 3'    
AC4 Software A ZN  4   ? 4 'BINDING SITE FOR RESIDUE ZN A 4'    
AC5 Software A EDO 368 ? 3 'BINDING SITE FOR RESIDUE EDO A 368' 
AC6 Software A EDO 369 ? 4 'BINDING SITE FOR RESIDUE EDO A 369' 
AC7 Software A EDO 370 ? 9 'BINDING SITE FOR RESIDUE EDO A 370' 
AC8 Software B EDO 12  ? 5 'BINDING SITE FOR RESIDUE EDO B 12'  
# 
loop_
_struct_site_gen.id 
_struct_site_gen.site_id 
_struct_site_gen.pdbx_num_res 
_struct_site_gen.label_comp_id 
_struct_site_gen.label_asym_id 
_struct_site_gen.label_seq_id 
_struct_site_gen.pdbx_auth_ins_code 
_struct_site_gen.auth_comp_id 
_struct_site_gen.auth_asym_id 
_struct_site_gen.auth_seq_id 
_struct_site_gen.label_atom_id 
_struct_site_gen.label_alt_id 
_struct_site_gen.symmetry 
_struct_site_gen.details 
1  AC1 4 CYS A 5  ? CYS A 302 . ? 1_555 ? 
2  AC1 4 CYS A 8  ? CYS A 305 . ? 1_555 ? 
3  AC1 4 CYS A 16 ? CYS A 313 . ? 1_555 ? 
4  AC1 4 CYS A 19 ? CYS A 316 . ? 1_555 ? 
5  AC2 4 CYS A 21 ? CYS A 318 . ? 1_555 ? 
6  AC2 4 CYS A 24 ? CYS A 321 . ? 1_555 ? 
7  AC2 4 HIS A 44 ? HIS A 341 . ? 1_555 ? 
8  AC2 4 CYS A 47 ? CYS A 344 . ? 1_555 ? 
9  AC3 4 CYS A 36 ? CYS A 333 . ? 1_555 ? 
10 AC3 4 CYS A 39 ? CYS A 336 . ? 1_555 ? 
11 AC3 4 CYS A 63 ? CYS A 360 . ? 1_555 ? 
12 AC3 4 CYS A 66 ? CYS A 363 . ? 1_555 ? 
13 AC4 4 HIS A 22 ? HIS A 319 . ? 2_555 ? 
14 AC4 4 HIS A 22 ? HIS A 319 . ? 1_555 ? 
15 AC4 4 GLU A 65 ? GLU A 362 . ? 1_555 ? 
16 AC4 4 GLU A 65 ? GLU A 362 . ? 2_555 ? 
17 AC5 3 HOH K .  ? HOH A 15  . ? 1_555 ? 
18 AC5 3 CYS A 8  ? CYS A 305 . ? 1_555 ? 
19 AC5 3 ARG A 14 ? ARG A 311 . ? 1_555 ? 
20 AC6 4 HOH K .  ? HOH A 6   . ? 2_554 ? 
21 AC6 4 HOH K .  ? HOH A 15  . ? 1_555 ? 
22 AC6 4 LEU A 15 ? LEU A 312 . ? 1_555 ? 
23 AC6 4 HOH K .  ? HOH A 371 . ? 2_554 ? 
24 AC7 9 HOH K .  ? HOH A 58  . ? 1_555 ? 
25 AC7 9 HOH K .  ? HOH A 63  . ? 1_555 ? 
26 AC7 9 HOH K .  ? HOH A 63  . ? 2_554 ? 
27 AC7 9 LEU A 15 ? LEU A 312 . ? 2_554 ? 
28 AC7 9 GLY A 26 ? GLY A 323 . ? 1_555 ? 
29 AC7 9 ARG A 27 ? ARG A 324 . ? 1_555 ? 
30 AC7 9 GLN A 28 ? GLN A 325 . ? 1_555 ? 
31 AC7 9 HIS A 44 ? HIS A 341 . ? 1_555 ? 
32 AC7 9 TYR A 46 ? TYR A 343 . ? 1_555 ? 
33 AC8 5 PRO A 50 ? PRO A 347 . ? 4_545 ? 
34 AC8 5 ARG A 67 ? ARG A 364 . ? 4_545 ? 
35 AC8 5 ALA B 1  ? ALA B 1   . ? 1_555 ? 
36 AC8 5 THR B 3  ? THR B 3   . ? 1_555 ? 
37 AC8 5 HOH L .  ? HOH B 52  . ? 1_555 ? 
# 
loop_
_pdbx_validate_torsion.id 
_pdbx_validate_torsion.PDB_model_num 
_pdbx_validate_torsion.auth_comp_id 
_pdbx_validate_torsion.auth_asym_id 
_pdbx_validate_torsion.auth_seq_id 
_pdbx_validate_torsion.PDB_ins_code 
_pdbx_validate_torsion.label_alt_id 
_pdbx_validate_torsion.phi 
_pdbx_validate_torsion.psi 
1 1 ALA A 317 ? ? -119.72 -155.54 
2 1 GLU A 335 ? ? -102.47 -64.16  
# 
loop_
_pdbx_refine_tls.pdbx_refine_id 
_pdbx_refine_tls.id 
_pdbx_refine_tls.details 
_pdbx_refine_tls.method 
_pdbx_refine_tls.origin_x 
_pdbx_refine_tls.origin_y 
_pdbx_refine_tls.origin_z 
_pdbx_refine_tls.T[1][1] 
_pdbx_refine_tls.T[2][2] 
_pdbx_refine_tls.T[3][3] 
_pdbx_refine_tls.T[1][2] 
_pdbx_refine_tls.T[1][3] 
_pdbx_refine_tls.T[2][3] 
_pdbx_refine_tls.L[1][1] 
_pdbx_refine_tls.L[2][2] 
_pdbx_refine_tls.L[3][3] 
_pdbx_refine_tls.L[1][2] 
_pdbx_refine_tls.L[1][3] 
_pdbx_refine_tls.L[2][3] 
_pdbx_refine_tls.S[1][1] 
_pdbx_refine_tls.S[1][2] 
_pdbx_refine_tls.S[1][3] 
_pdbx_refine_tls.S[2][1] 
_pdbx_refine_tls.S[2][2] 
_pdbx_refine_tls.S[2][3] 
_pdbx_refine_tls.S[3][1] 
_pdbx_refine_tls.S[3][2] 
_pdbx_refine_tls.S[3][3] 
'X-RAY DIFFRACTION' 1  ? refined 4.9589  -10.8227 11.8405 0.1264 0.1004 0.1107 0.0013  -0.0803 0.0076  13.0632 9.5717  8.8134  1.7957  -4.4463 4.8135  0.0376  -0.6550 -0.4873 0.6781  0.0602  -0.8619 0.2063  0.4607  -0.0978 
'X-RAY DIFFRACTION' 2  ? refined 1.4968  -15.6988 5.6633  0.1200 0.0781 0.0611 -0.0025 -0.0197 -0.0022 5.7272  7.9647  8.4864  -1.2849 5.8686  3.0398  0.2232  0.0051  -0.1622 0.1727  0.1107  -0.2371 0.3777  0.0753  -0.3339 
'X-RAY DIFFRACTION' 3  ? refined -4.1771 -9.2771  5.4033  0.0740 0.1008 0.0448 -0.0239 0.0188  0.0061  2.5773  12.1998 4.7385  3.4377  1.6698  2.6455  0.0551  -0.1228 0.0545  0.5080  -0.0873 0.3960  0.1706  -0.3061 0.0322  
'X-RAY DIFFRACTION' 4  ? refined -4.3711 -3.2508  2.7241  0.1148 0.1046 0.0267 -0.0003 -0.0093 0.0005  1.3069  5.7970  6.5680  -1.1505 2.0599  2.1387  0.0233  -0.0593 -0.0354 -0.1338 -0.1109 0.1559  -0.1955 -0.2411 0.0876  
'X-RAY DIFFRACTION' 5  ? refined 0.0768  -7.7851  -3.0846 0.0827 0.0776 0.0408 -0.0069 0.0073  0.0028  0.5139  4.0824  2.6929  0.5866  -0.8982 0.2286  -0.0225 0.0373  -0.0413 -0.0656 0.0197  -0.2202 0.0827  -0.1620 0.0028  
'X-RAY DIFFRACTION' 6  ? refined 2.2156  0.6867   -4.2077 0.1066 0.0724 0.0751 0.0122  0.0180  -0.0016 3.4604  7.1074  4.1467  -0.1157 -1.8426 3.5249  0.0121  0.1597  0.0271  -0.0576 0.0449  -0.2371 -0.0505 -0.0647 -0.0572 
'X-RAY DIFFRACTION' 7  ? refined 1.4996  6.6213   6.3578  0.2240 0.1042 0.1511 0.0307  -0.1032 0.0036  6.1944  14.6270 5.8079  2.7355  -2.4920 -1.9739 0.1075  -0.4995 0.0925  0.5757  -0.1040 -0.3046 0.1103  0.1514  -0.0035 
'X-RAY DIFFRACTION' 8  ? refined -4.4644 0.7695   -4.0588 0.1125 0.0989 0.0578 0.0384  0.0051  0.0060  0.4676  5.3104  2.3262  -0.7483 1.0184  -1.0241 -0.0119 -0.0837 -0.0221 -0.1000 0.0061  0.4134  -0.0823 -0.2385 0.0058  
'X-RAY DIFFRACTION' 9  ? refined -6.8903 6.1161   -8.8777 0.1479 0.0920 0.1068 0.0323  -0.0291 0.0351  20.1761 2.9959  5.1888  -0.0145 -4.5964 2.6967  -0.0100 0.3022  0.3470  -0.3419 -0.0684 0.3704  -0.2841 -0.2160 0.0784  
'X-RAY DIFFRACTION' 10 ? refined 4.1795  12.0459  -5.0389 0.1041 0.0760 0.1065 0.0100  0.0259  0.0317  6.6342  11.5713 11.3684 -1.6464 -0.7303 5.3332  -0.1657 -0.2002 0.4972  0.0181  0.1419  -0.0760 -0.0880 0.3017  0.0239  
'X-RAY DIFFRACTION' 11 ? refined -5.1562 11.3407  3.1781  0.1477 0.0896 0.1126 0.0221  -0.0049 0.0052  6.0170  9.6681  6.7425  -1.6970 -1.7975 -2.5619 -0.1293 0.0109  0.4277  0.3810  0.0901  0.0114  -0.0423 -0.3668 0.0392  
'X-RAY DIFFRACTION' 12 ? refined 9.2096  -0.2657  -6.2889 0.0405 0.0323 0.0315 -0.0046 0.0146  -0.0084 4.9914  5.7941  0.6891  -0.6086 -0.4768 1.1629  0.0009  0.2089  -0.2859 -0.1629 0.0420  -0.0680 -0.1543 -0.0027 -0.0428 
# 
loop_
_pdbx_refine_tls_group.pdbx_refine_id 
_pdbx_refine_tls_group.id 
_pdbx_refine_tls_group.refine_tls_id 
_pdbx_refine_tls_group.beg_auth_asym_id 
_pdbx_refine_tls_group.beg_auth_seq_id 
_pdbx_refine_tls_group.beg_label_asym_id 
_pdbx_refine_tls_group.beg_label_seq_id 
_pdbx_refine_tls_group.end_auth_asym_id 
_pdbx_refine_tls_group.end_auth_seq_id 
_pdbx_refine_tls_group.end_label_asym_id 
_pdbx_refine_tls_group.end_label_seq_id 
_pdbx_refine_tls_group.selection 
_pdbx_refine_tls_group.selection_details 
'X-RAY DIFFRACTION' 1  1  A 299 ? ? A 304 ? ? ? ? 
'X-RAY DIFFRACTION' 2  2  A 305 ? ? A 310 ? ? ? ? 
'X-RAY DIFFRACTION' 3  3  A 311 ? ? A 315 ? ? ? ? 
'X-RAY DIFFRACTION' 4  4  A 316 ? ? A 321 ? ? ? ? 
'X-RAY DIFFRACTION' 5  5  A 322 ? ? A 327 ? ? ? ? 
'X-RAY DIFFRACTION' 6  6  A 328 ? ? A 332 ? ? ? ? 
'X-RAY DIFFRACTION' 7  7  A 333 ? ? A 338 ? ? ? ? 
'X-RAY DIFFRACTION' 8  8  A 339 ? ? A 345 ? ? ? ? 
'X-RAY DIFFRACTION' 9  9  A 346 ? ? A 351 ? ? ? ? 
'X-RAY DIFFRACTION' 10 10 A 352 ? ? A 357 ? ? ? ? 
'X-RAY DIFFRACTION' 11 11 A 358 ? ? A 366 ? ? ? ? 
'X-RAY DIFFRACTION' 12 12 B 1   ? ? B 9   ? ? ? ? 
# 
loop_
_pdbx_unobs_or_zero_occ_residues.id 
_pdbx_unobs_or_zero_occ_residues.PDB_model_num 
_pdbx_unobs_or_zero_occ_residues.polymer_flag 
_pdbx_unobs_or_zero_occ_residues.occupancy_flag 
_pdbx_unobs_or_zero_occ_residues.auth_asym_id 
_pdbx_unobs_or_zero_occ_residues.auth_comp_id 
_pdbx_unobs_or_zero_occ_residues.auth_seq_id 
_pdbx_unobs_or_zero_occ_residues.PDB_ins_code 
_pdbx_unobs_or_zero_occ_residues.label_asym_id 
_pdbx_unobs_or_zero_occ_residues.label_comp_id 
_pdbx_unobs_or_zero_occ_residues.label_seq_id 
1 1 Y 1 A SER 298 ? A SER 1  
2 1 Y 1 A ALA 367 ? A ALA 70 
3 1 Y 1 B SER 10  ? B SER 10 
4 1 Y 1 B THR 11  ? B THR 11 
# 
loop_
_chem_comp_atom.comp_id 
_chem_comp_atom.atom_id 
_chem_comp_atom.type_symbol 
_chem_comp_atom.pdbx_aromatic_flag 
_chem_comp_atom.pdbx_stereo_config 
_chem_comp_atom.pdbx_ordinal 
ALA N    N  N N 1   
ALA CA   C  N S 2   
ALA C    C  N N 3   
ALA O    O  N N 4   
ALA CB   C  N N 5   
ALA OXT  O  N N 6   
ALA H    H  N N 7   
ALA H2   H  N N 8   
ALA HA   H  N N 9   
ALA HB1  H  N N 10  
ALA HB2  H  N N 11  
ALA HB3  H  N N 12  
ALA HXT  H  N N 13  
ARG N    N  N N 14  
ARG CA   C  N S 15  
ARG C    C  N N 16  
ARG O    O  N N 17  
ARG CB   C  N N 18  
ARG CG   C  N N 19  
ARG CD   C  N N 20  
ARG NE   N  N N 21  
ARG CZ   C  N N 22  
ARG NH1  N  N N 23  
ARG NH2  N  N N 24  
ARG OXT  O  N N 25  
ARG H    H  N N 26  
ARG H2   H  N N 27  
ARG HA   H  N N 28  
ARG HB2  H  N N 29  
ARG HB3  H  N N 30  
ARG HG2  H  N N 31  
ARG HG3  H  N N 32  
ARG HD2  H  N N 33  
ARG HD3  H  N N 34  
ARG HE   H  N N 35  
ARG HH11 H  N N 36  
ARG HH12 H  N N 37  
ARG HH21 H  N N 38  
ARG HH22 H  N N 39  
ARG HXT  H  N N 40  
ASN N    N  N N 41  
ASN CA   C  N S 42  
ASN C    C  N N 43  
ASN O    O  N N 44  
ASN CB   C  N N 45  
ASN CG   C  N N 46  
ASN OD1  O  N N 47  
ASN ND2  N  N N 48  
ASN OXT  O  N N 49  
ASN H    H  N N 50  
ASN H2   H  N N 51  
ASN HA   H  N N 52  
ASN HB2  H  N N 53  
ASN HB3  H  N N 54  
ASN HD21 H  N N 55  
ASN HD22 H  N N 56  
ASN HXT  H  N N 57  
ASP N    N  N N 58  
ASP CA   C  N S 59  
ASP C    C  N N 60  
ASP O    O  N N 61  
ASP CB   C  N N 62  
ASP CG   C  N N 63  
ASP OD1  O  N N 64  
ASP OD2  O  N N 65  
ASP OXT  O  N N 66  
ASP H    H  N N 67  
ASP H2   H  N N 68  
ASP HA   H  N N 69  
ASP HB2  H  N N 70  
ASP HB3  H  N N 71  
ASP HD2  H  N N 72  
ASP HXT  H  N N 73  
CYS N    N  N N 74  
CYS CA   C  N R 75  
CYS C    C  N N 76  
CYS O    O  N N 77  
CYS CB   C  N N 78  
CYS SG   S  N N 79  
CYS OXT  O  N N 80  
CYS H    H  N N 81  
CYS H2   H  N N 82  
CYS HA   H  N N 83  
CYS HB2  H  N N 84  
CYS HB3  H  N N 85  
CYS HG   H  N N 86  
CYS HXT  H  N N 87  
EDO C1   C  N N 88  
EDO O1   O  N N 89  
EDO C2   C  N N 90  
EDO O2   O  N N 91  
EDO H11  H  N N 92  
EDO H12  H  N N 93  
EDO HO1  H  N N 94  
EDO H21  H  N N 95  
EDO H22  H  N N 96  
EDO HO2  H  N N 97  
GLN N    N  N N 98  
GLN CA   C  N S 99  
GLN C    C  N N 100 
GLN O    O  N N 101 
GLN CB   C  N N 102 
GLN CG   C  N N 103 
GLN CD   C  N N 104 
GLN OE1  O  N N 105 
GLN NE2  N  N N 106 
GLN OXT  O  N N 107 
GLN H    H  N N 108 
GLN H2   H  N N 109 
GLN HA   H  N N 110 
GLN HB2  H  N N 111 
GLN HB3  H  N N 112 
GLN HG2  H  N N 113 
GLN HG3  H  N N 114 
GLN HE21 H  N N 115 
GLN HE22 H  N N 116 
GLN HXT  H  N N 117 
GLU N    N  N N 118 
GLU CA   C  N S 119 
GLU C    C  N N 120 
GLU O    O  N N 121 
GLU CB   C  N N 122 
GLU CG   C  N N 123 
GLU CD   C  N N 124 
GLU OE1  O  N N 125 
GLU OE2  O  N N 126 
GLU OXT  O  N N 127 
GLU H    H  N N 128 
GLU H2   H  N N 129 
GLU HA   H  N N 130 
GLU HB2  H  N N 131 
GLU HB3  H  N N 132 
GLU HG2  H  N N 133 
GLU HG3  H  N N 134 
GLU HE2  H  N N 135 
GLU HXT  H  N N 136 
GLY N    N  N N 137 
GLY CA   C  N N 138 
GLY C    C  N N 139 
GLY O    O  N N 140 
GLY OXT  O  N N 141 
GLY H    H  N N 142 
GLY H2   H  N N 143 
GLY HA2  H  N N 144 
GLY HA3  H  N N 145 
GLY HXT  H  N N 146 
HIS N    N  N N 147 
HIS CA   C  N S 148 
HIS C    C  N N 149 
HIS O    O  N N 150 
HIS CB   C  N N 151 
HIS CG   C  Y N 152 
HIS ND1  N  Y N 153 
HIS CD2  C  Y N 154 
HIS CE1  C  Y N 155 
HIS NE2  N  Y N 156 
HIS OXT  O  N N 157 
HIS H    H  N N 158 
HIS H2   H  N N 159 
HIS HA   H  N N 160 
HIS HB2  H  N N 161 
HIS HB3  H  N N 162 
HIS HD1  H  N N 163 
HIS HD2  H  N N 164 
HIS HE1  H  N N 165 
HIS HE2  H  N N 166 
HIS HXT  H  N N 167 
HOH O    O  N N 168 
HOH H1   H  N N 169 
HOH H2   H  N N 170 
ILE N    N  N N 171 
ILE CA   C  N S 172 
ILE C    C  N N 173 
ILE O    O  N N 174 
ILE CB   C  N S 175 
ILE CG1  C  N N 176 
ILE CG2  C  N N 177 
ILE CD1  C  N N 178 
ILE OXT  O  N N 179 
ILE H    H  N N 180 
ILE H2   H  N N 181 
ILE HA   H  N N 182 
ILE HB   H  N N 183 
ILE HG12 H  N N 184 
ILE HG13 H  N N 185 
ILE HG21 H  N N 186 
ILE HG22 H  N N 187 
ILE HG23 H  N N 188 
ILE HD11 H  N N 189 
ILE HD12 H  N N 190 
ILE HD13 H  N N 191 
ILE HXT  H  N N 192 
LEU N    N  N N 193 
LEU CA   C  N S 194 
LEU C    C  N N 195 
LEU O    O  N N 196 
LEU CB   C  N N 197 
LEU CG   C  N N 198 
LEU CD1  C  N N 199 
LEU CD2  C  N N 200 
LEU OXT  O  N N 201 
LEU H    H  N N 202 
LEU H2   H  N N 203 
LEU HA   H  N N 204 
LEU HB2  H  N N 205 
LEU HB3  H  N N 206 
LEU HG   H  N N 207 
LEU HD11 H  N N 208 
LEU HD12 H  N N 209 
LEU HD13 H  N N 210 
LEU HD21 H  N N 211 
LEU HD22 H  N N 212 
LEU HD23 H  N N 213 
LEU HXT  H  N N 214 
LYS N    N  N N 215 
LYS CA   C  N S 216 
LYS C    C  N N 217 
LYS O    O  N N 218 
LYS CB   C  N N 219 
LYS CG   C  N N 220 
LYS CD   C  N N 221 
LYS CE   C  N N 222 
LYS NZ   N  N N 223 
LYS OXT  O  N N 224 
LYS H    H  N N 225 
LYS H2   H  N N 226 
LYS HA   H  N N 227 
LYS HB2  H  N N 228 
LYS HB3  H  N N 229 
LYS HG2  H  N N 230 
LYS HG3  H  N N 231 
LYS HD2  H  N N 232 
LYS HD3  H  N N 233 
LYS HE2  H  N N 234 
LYS HE3  H  N N 235 
LYS HZ1  H  N N 236 
LYS HZ2  H  N N 237 
LYS HZ3  H  N N 238 
LYS HXT  H  N N 239 
MET N    N  N N 240 
MET CA   C  N S 241 
MET C    C  N N 242 
MET O    O  N N 243 
MET CB   C  N N 244 
MET CG   C  N N 245 
MET SD   S  N N 246 
MET CE   C  N N 247 
MET OXT  O  N N 248 
MET H    H  N N 249 
MET H2   H  N N 250 
MET HA   H  N N 251 
MET HB2  H  N N 252 
MET HB3  H  N N 253 
MET HG2  H  N N 254 
MET HG3  H  N N 255 
MET HE1  H  N N 256 
MET HE2  H  N N 257 
MET HE3  H  N N 258 
MET HXT  H  N N 259 
PHE N    N  N N 260 
PHE CA   C  N S 261 
PHE C    C  N N 262 
PHE O    O  N N 263 
PHE CB   C  N N 264 
PHE CG   C  Y N 265 
PHE CD1  C  Y N 266 
PHE CD2  C  Y N 267 
PHE CE1  C  Y N 268 
PHE CE2  C  Y N 269 
PHE CZ   C  Y N 270 
PHE OXT  O  N N 271 
PHE H    H  N N 272 
PHE H2   H  N N 273 
PHE HA   H  N N 274 
PHE HB2  H  N N 275 
PHE HB3  H  N N 276 
PHE HD1  H  N N 277 
PHE HD2  H  N N 278 
PHE HE1  H  N N 279 
PHE HE2  H  N N 280 
PHE HZ   H  N N 281 
PHE HXT  H  N N 282 
PRO N    N  N N 283 
PRO CA   C  N S 284 
PRO C    C  N N 285 
PRO O    O  N N 286 
PRO CB   C  N N 287 
PRO CG   C  N N 288 
PRO CD   C  N N 289 
PRO OXT  O  N N 290 
PRO H    H  N N 291 
PRO HA   H  N N 292 
PRO HB2  H  N N 293 
PRO HB3  H  N N 294 
PRO HG2  H  N N 295 
PRO HG3  H  N N 296 
PRO HD2  H  N N 297 
PRO HD3  H  N N 298 
PRO HXT  H  N N 299 
SER N    N  N N 300 
SER CA   C  N S 301 
SER C    C  N N 302 
SER O    O  N N 303 
SER CB   C  N N 304 
SER OG   O  N N 305 
SER OXT  O  N N 306 
SER H    H  N N 307 
SER H2   H  N N 308 
SER HA   H  N N 309 
SER HB2  H  N N 310 
SER HB3  H  N N 311 
SER HG   H  N N 312 
SER HXT  H  N N 313 
THR N    N  N N 314 
THR CA   C  N S 315 
THR C    C  N N 316 
THR O    O  N N 317 
THR CB   C  N R 318 
THR OG1  O  N N 319 
THR CG2  C  N N 320 
THR OXT  O  N N 321 
THR H    H  N N 322 
THR H2   H  N N 323 
THR HA   H  N N 324 
THR HB   H  N N 325 
THR HG1  H  N N 326 
THR HG21 H  N N 327 
THR HG22 H  N N 328 
THR HG23 H  N N 329 
THR HXT  H  N N 330 
TRP N    N  N N 331 
TRP CA   C  N S 332 
TRP C    C  N N 333 
TRP O    O  N N 334 
TRP CB   C  N N 335 
TRP CG   C  Y N 336 
TRP CD1  C  Y N 337 
TRP CD2  C  Y N 338 
TRP NE1  N  Y N 339 
TRP CE2  C  Y N 340 
TRP CE3  C  Y N 341 
TRP CZ2  C  Y N 342 
TRP CZ3  C  Y N 343 
TRP CH2  C  Y N 344 
TRP OXT  O  N N 345 
TRP H    H  N N 346 
TRP H2   H  N N 347 
TRP HA   H  N N 348 
TRP HB2  H  N N 349 
TRP HB3  H  N N 350 
TRP HD1  H  N N 351 
TRP HE1  H  N N 352 
TRP HE3  H  N N 353 
TRP HZ2  H  N N 354 
TRP HZ3  H  N N 355 
TRP HH2  H  N N 356 
TRP HXT  H  N N 357 
TYR N    N  N N 358 
TYR CA   C  N S 359 
TYR C    C  N N 360 
TYR O    O  N N 361 
TYR CB   C  N N 362 
TYR CG   C  Y N 363 
TYR CD1  C  Y N 364 
TYR CD2  C  Y N 365 
TYR CE1  C  Y N 366 
TYR CE2  C  Y N 367 
TYR CZ   C  Y N 368 
TYR OH   O  N N 369 
TYR OXT  O  N N 370 
TYR H    H  N N 371 
TYR H2   H  N N 372 
TYR HA   H  N N 373 
TYR HB2  H  N N 374 
TYR HB3  H  N N 375 
TYR HD1  H  N N 376 
TYR HD2  H  N N 377 
TYR HE1  H  N N 378 
TYR HE2  H  N N 379 
TYR HH   H  N N 380 
TYR HXT  H  N N 381 
VAL N    N  N N 382 
VAL CA   C  N S 383 
VAL C    C  N N 384 
VAL O    O  N N 385 
VAL CB   C  N N 386 
VAL CG1  C  N N 387 
VAL CG2  C  N N 388 
VAL OXT  O  N N 389 
VAL H    H  N N 390 
VAL H2   H  N N 391 
VAL HA   H  N N 392 
VAL HB   H  N N 393 
VAL HG11 H  N N 394 
VAL HG12 H  N N 395 
VAL HG13 H  N N 396 
VAL HG21 H  N N 397 
VAL HG22 H  N N 398 
VAL HG23 H  N N 399 
VAL HXT  H  N N 400 
ZN  ZN   ZN N N 401 
# 
loop_
_chem_comp_bond.comp_id 
_chem_comp_bond.atom_id_1 
_chem_comp_bond.atom_id_2 
_chem_comp_bond.value_order 
_chem_comp_bond.pdbx_aromatic_flag 
_chem_comp_bond.pdbx_stereo_config 
_chem_comp_bond.pdbx_ordinal 
ALA N   CA   sing N N 1   
ALA N   H    sing N N 2   
ALA N   H2   sing N N 3   
ALA CA  C    sing N N 4   
ALA CA  CB   sing N N 5   
ALA CA  HA   sing N N 6   
ALA C   O    doub N N 7   
ALA C   OXT  sing N N 8   
ALA CB  HB1  sing N N 9   
ALA CB  HB2  sing N N 10  
ALA CB  HB3  sing N N 11  
ALA OXT HXT  sing N N 12  
ARG N   CA   sing N N 13  
ARG N   H    sing N N 14  
ARG N   H2   sing N N 15  
ARG CA  C    sing N N 16  
ARG CA  CB   sing N N 17  
ARG CA  HA   sing N N 18  
ARG C   O    doub N N 19  
ARG C   OXT  sing N N 20  
ARG CB  CG   sing N N 21  
ARG CB  HB2  sing N N 22  
ARG CB  HB3  sing N N 23  
ARG CG  CD   sing N N 24  
ARG CG  HG2  sing N N 25  
ARG CG  HG3  sing N N 26  
ARG CD  NE   sing N N 27  
ARG CD  HD2  sing N N 28  
ARG CD  HD3  sing N N 29  
ARG NE  CZ   sing N N 30  
ARG NE  HE   sing N N 31  
ARG CZ  NH1  sing N N 32  
ARG CZ  NH2  doub N N 33  
ARG NH1 HH11 sing N N 34  
ARG NH1 HH12 sing N N 35  
ARG NH2 HH21 sing N N 36  
ARG NH2 HH22 sing N N 37  
ARG OXT HXT  sing N N 38  
ASN N   CA   sing N N 39  
ASN N   H    sing N N 40  
ASN N   H2   sing N N 41  
ASN CA  C    sing N N 42  
ASN CA  CB   sing N N 43  
ASN CA  HA   sing N N 44  
ASN C   O    doub N N 45  
ASN C   OXT  sing N N 46  
ASN CB  CG   sing N N 47  
ASN CB  HB2  sing N N 48  
ASN CB  HB3  sing N N 49  
ASN CG  OD1  doub N N 50  
ASN CG  ND2  sing N N 51  
ASN ND2 HD21 sing N N 52  
ASN ND2 HD22 sing N N 53  
ASN OXT HXT  sing N N 54  
ASP N   CA   sing N N 55  
ASP N   H    sing N N 56  
ASP N   H2   sing N N 57  
ASP CA  C    sing N N 58  
ASP CA  CB   sing N N 59  
ASP CA  HA   sing N N 60  
ASP C   O    doub N N 61  
ASP C   OXT  sing N N 62  
ASP CB  CG   sing N N 63  
ASP CB  HB2  sing N N 64  
ASP CB  HB3  sing N N 65  
ASP CG  OD1  doub N N 66  
ASP CG  OD2  sing N N 67  
ASP OD2 HD2  sing N N 68  
ASP OXT HXT  sing N N 69  
CYS N   CA   sing N N 70  
CYS N   H    sing N N 71  
CYS N   H2   sing N N 72  
CYS CA  C    sing N N 73  
CYS CA  CB   sing N N 74  
CYS CA  HA   sing N N 75  
CYS C   O    doub N N 76  
CYS C   OXT  sing N N 77  
CYS CB  SG   sing N N 78  
CYS CB  HB2  sing N N 79  
CYS CB  HB3  sing N N 80  
CYS SG  HG   sing N N 81  
CYS OXT HXT  sing N N 82  
EDO C1  O1   sing N N 83  
EDO C1  C2   sing N N 84  
EDO C1  H11  sing N N 85  
EDO C1  H12  sing N N 86  
EDO O1  HO1  sing N N 87  
EDO C2  O2   sing N N 88  
EDO C2  H21  sing N N 89  
EDO C2  H22  sing N N 90  
EDO O2  HO2  sing N N 91  
GLN N   CA   sing N N 92  
GLN N   H    sing N N 93  
GLN N   H2   sing N N 94  
GLN CA  C    sing N N 95  
GLN CA  CB   sing N N 96  
GLN CA  HA   sing N N 97  
GLN C   O    doub N N 98  
GLN C   OXT  sing N N 99  
GLN CB  CG   sing N N 100 
GLN CB  HB2  sing N N 101 
GLN CB  HB3  sing N N 102 
GLN CG  CD   sing N N 103 
GLN CG  HG2  sing N N 104 
GLN CG  HG3  sing N N 105 
GLN CD  OE1  doub N N 106 
GLN CD  NE2  sing N N 107 
GLN NE2 HE21 sing N N 108 
GLN NE2 HE22 sing N N 109 
GLN OXT HXT  sing N N 110 
GLU N   CA   sing N N 111 
GLU N   H    sing N N 112 
GLU N   H2   sing N N 113 
GLU CA  C    sing N N 114 
GLU CA  CB   sing N N 115 
GLU CA  HA   sing N N 116 
GLU C   O    doub N N 117 
GLU C   OXT  sing N N 118 
GLU CB  CG   sing N N 119 
GLU CB  HB2  sing N N 120 
GLU CB  HB3  sing N N 121 
GLU CG  CD   sing N N 122 
GLU CG  HG2  sing N N 123 
GLU CG  HG3  sing N N 124 
GLU CD  OE1  doub N N 125 
GLU CD  OE2  sing N N 126 
GLU OE2 HE2  sing N N 127 
GLU OXT HXT  sing N N 128 
GLY N   CA   sing N N 129 
GLY N   H    sing N N 130 
GLY N   H2   sing N N 131 
GLY CA  C    sing N N 132 
GLY CA  HA2  sing N N 133 
GLY CA  HA3  sing N N 134 
GLY C   O    doub N N 135 
GLY C   OXT  sing N N 136 
GLY OXT HXT  sing N N 137 
HIS N   CA   sing N N 138 
HIS N   H    sing N N 139 
HIS N   H2   sing N N 140 
HIS CA  C    sing N N 141 
HIS CA  CB   sing N N 142 
HIS CA  HA   sing N N 143 
HIS C   O    doub N N 144 
HIS C   OXT  sing N N 145 
HIS CB  CG   sing N N 146 
HIS CB  HB2  sing N N 147 
HIS CB  HB3  sing N N 148 
HIS CG  ND1  sing Y N 149 
HIS CG  CD2  doub Y N 150 
HIS ND1 CE1  doub Y N 151 
HIS ND1 HD1  sing N N 152 
HIS CD2 NE2  sing Y N 153 
HIS CD2 HD2  sing N N 154 
HIS CE1 NE2  sing Y N 155 
HIS CE1 HE1  sing N N 156 
HIS NE2 HE2  sing N N 157 
HIS OXT HXT  sing N N 158 
HOH O   H1   sing N N 159 
HOH O   H2   sing N N 160 
ILE N   CA   sing N N 161 
ILE N   H    sing N N 162 
ILE N   H2   sing N N 163 
ILE CA  C    sing N N 164 
ILE CA  CB   sing N N 165 
ILE CA  HA   sing N N 166 
ILE C   O    doub N N 167 
ILE C   OXT  sing N N 168 
ILE CB  CG1  sing N N 169 
ILE CB  CG2  sing N N 170 
ILE CB  HB   sing N N 171 
ILE CG1 CD1  sing N N 172 
ILE CG1 HG12 sing N N 173 
ILE CG1 HG13 sing N N 174 
ILE CG2 HG21 sing N N 175 
ILE CG2 HG22 sing N N 176 
ILE CG2 HG23 sing N N 177 
ILE CD1 HD11 sing N N 178 
ILE CD1 HD12 sing N N 179 
ILE CD1 HD13 sing N N 180 
ILE OXT HXT  sing N N 181 
LEU N   CA   sing N N 182 
LEU N   H    sing N N 183 
LEU N   H2   sing N N 184 
LEU CA  C    sing N N 185 
LEU CA  CB   sing N N 186 
LEU CA  HA   sing N N 187 
LEU C   O    doub N N 188 
LEU C   OXT  sing N N 189 
LEU CB  CG   sing N N 190 
LEU CB  HB2  sing N N 191 
LEU CB  HB3  sing N N 192 
LEU CG  CD1  sing N N 193 
LEU CG  CD2  sing N N 194 
LEU CG  HG   sing N N 195 
LEU CD1 HD11 sing N N 196 
LEU CD1 HD12 sing N N 197 
LEU CD1 HD13 sing N N 198 
LEU CD2 HD21 sing N N 199 
LEU CD2 HD22 sing N N 200 
LEU CD2 HD23 sing N N 201 
LEU OXT HXT  sing N N 202 
LYS N   CA   sing N N 203 
LYS N   H    sing N N 204 
LYS N   H2   sing N N 205 
LYS CA  C    sing N N 206 
LYS CA  CB   sing N N 207 
LYS CA  HA   sing N N 208 
LYS C   O    doub N N 209 
LYS C   OXT  sing N N 210 
LYS CB  CG   sing N N 211 
LYS CB  HB2  sing N N 212 
LYS CB  HB3  sing N N 213 
LYS CG  CD   sing N N 214 
LYS CG  HG2  sing N N 215 
LYS CG  HG3  sing N N 216 
LYS CD  CE   sing N N 217 
LYS CD  HD2  sing N N 218 
LYS CD  HD3  sing N N 219 
LYS CE  NZ   sing N N 220 
LYS CE  HE2  sing N N 221 
LYS CE  HE3  sing N N 222 
LYS NZ  HZ1  sing N N 223 
LYS NZ  HZ2  sing N N 224 
LYS NZ  HZ3  sing N N 225 
LYS OXT HXT  sing N N 226 
MET N   CA   sing N N 227 
MET N   H    sing N N 228 
MET N   H2   sing N N 229 
MET CA  C    sing N N 230 
MET CA  CB   sing N N 231 
MET CA  HA   sing N N 232 
MET C   O    doub N N 233 
MET C   OXT  sing N N 234 
MET CB  CG   sing N N 235 
MET CB  HB2  sing N N 236 
MET CB  HB3  sing N N 237 
MET CG  SD   sing N N 238 
MET CG  HG2  sing N N 239 
MET CG  HG3  sing N N 240 
MET SD  CE   sing N N 241 
MET CE  HE1  sing N N 242 
MET CE  HE2  sing N N 243 
MET CE  HE3  sing N N 244 
MET OXT HXT  sing N N 245 
PHE N   CA   sing N N 246 
PHE N   H    sing N N 247 
PHE N   H2   sing N N 248 
PHE CA  C    sing N N 249 
PHE CA  CB   sing N N 250 
PHE CA  HA   sing N N 251 
PHE C   O    doub N N 252 
PHE C   OXT  sing N N 253 
PHE CB  CG   sing N N 254 
PHE CB  HB2  sing N N 255 
PHE CB  HB3  sing N N 256 
PHE CG  CD1  doub Y N 257 
PHE CG  CD2  sing Y N 258 
PHE CD1 CE1  sing Y N 259 
PHE CD1 HD1  sing N N 260 
PHE CD2 CE2  doub Y N 261 
PHE CD2 HD2  sing N N 262 
PHE CE1 CZ   doub Y N 263 
PHE CE1 HE1  sing N N 264 
PHE CE2 CZ   sing Y N 265 
PHE CE2 HE2  sing N N 266 
PHE CZ  HZ   sing N N 267 
PHE OXT HXT  sing N N 268 
PRO N   CA   sing N N 269 
PRO N   CD   sing N N 270 
PRO N   H    sing N N 271 
PRO CA  C    sing N N 272 
PRO CA  CB   sing N N 273 
PRO CA  HA   sing N N 274 
PRO C   O    doub N N 275 
PRO C   OXT  sing N N 276 
PRO CB  CG   sing N N 277 
PRO CB  HB2  sing N N 278 
PRO CB  HB3  sing N N 279 
PRO CG  CD   sing N N 280 
PRO CG  HG2  sing N N 281 
PRO CG  HG3  sing N N 282 
PRO CD  HD2  sing N N 283 
PRO CD  HD3  sing N N 284 
PRO OXT HXT  sing N N 285 
SER N   CA   sing N N 286 
SER N   H    sing N N 287 
SER N   H2   sing N N 288 
SER CA  C    sing N N 289 
SER CA  CB   sing N N 290 
SER CA  HA   sing N N 291 
SER C   O    doub N N 292 
SER C   OXT  sing N N 293 
SER CB  OG   sing N N 294 
SER CB  HB2  sing N N 295 
SER CB  HB3  sing N N 296 
SER OG  HG   sing N N 297 
SER OXT HXT  sing N N 298 
THR N   CA   sing N N 299 
THR N   H    sing N N 300 
THR N   H2   sing N N 301 
THR CA  C    sing N N 302 
THR CA  CB   sing N N 303 
THR CA  HA   sing N N 304 
THR C   O    doub N N 305 
THR C   OXT  sing N N 306 
THR CB  OG1  sing N N 307 
THR CB  CG2  sing N N 308 
THR CB  HB   sing N N 309 
THR OG1 HG1  sing N N 310 
THR CG2 HG21 sing N N 311 
THR CG2 HG22 sing N N 312 
THR CG2 HG23 sing N N 313 
THR OXT HXT  sing N N 314 
TRP N   CA   sing N N 315 
TRP N   H    sing N N 316 
TRP N   H2   sing N N 317 
TRP CA  C    sing N N 318 
TRP CA  CB   sing N N 319 
TRP CA  HA   sing N N 320 
TRP C   O    doub N N 321 
TRP C   OXT  sing N N 322 
TRP CB  CG   sing N N 323 
TRP CB  HB2  sing N N 324 
TRP CB  HB3  sing N N 325 
TRP CG  CD1  doub Y N 326 
TRP CG  CD2  sing Y N 327 
TRP CD1 NE1  sing Y N 328 
TRP CD1 HD1  sing N N 329 
TRP CD2 CE2  doub Y N 330 
TRP CD2 CE3  sing Y N 331 
TRP NE1 CE2  sing Y N 332 
TRP NE1 HE1  sing N N 333 
TRP CE2 CZ2  sing Y N 334 
TRP CE3 CZ3  doub Y N 335 
TRP CE3 HE3  sing N N 336 
TRP CZ2 CH2  doub Y N 337 
TRP CZ2 HZ2  sing N N 338 
TRP CZ3 CH2  sing Y N 339 
TRP CZ3 HZ3  sing N N 340 
TRP CH2 HH2  sing N N 341 
TRP OXT HXT  sing N N 342 
TYR N   CA   sing N N 343 
TYR N   H    sing N N 344 
TYR N   H2   sing N N 345 
TYR CA  C    sing N N 346 
TYR CA  CB   sing N N 347 
TYR CA  HA   sing N N 348 
TYR C   O    doub N N 349 
TYR C   OXT  sing N N 350 
TYR CB  CG   sing N N 351 
TYR CB  HB2  sing N N 352 
TYR CB  HB3  sing N N 353 
TYR CG  CD1  doub Y N 354 
TYR CG  CD2  sing Y N 355 
TYR CD1 CE1  sing Y N 356 
TYR CD1 HD1  sing N N 357 
TYR CD2 CE2  doub Y N 358 
TYR CD2 HD2  sing N N 359 
TYR CE1 CZ   doub Y N 360 
TYR CE1 HE1  sing N N 361 
TYR CE2 CZ   sing Y N 362 
TYR CE2 HE2  sing N N 363 
TYR CZ  OH   sing N N 364 
TYR OH  HH   sing N N 365 
TYR OXT HXT  sing N N 366 
VAL N   CA   sing N N 367 
VAL N   H    sing N N 368 
VAL N   H2   sing N N 369 
VAL CA  C    sing N N 370 
VAL CA  CB   sing N N 371 
VAL CA  HA   sing N N 372 
VAL C   O    doub N N 373 
VAL C   OXT  sing N N 374 
VAL CB  CG1  sing N N 375 
VAL CB  CG2  sing N N 376 
VAL CB  HB   sing N N 377 
VAL CG1 HG11 sing N N 378 
VAL CG1 HG12 sing N N 379 
VAL CG1 HG13 sing N N 380 
VAL CG2 HG21 sing N N 381 
VAL CG2 HG22 sing N N 382 
VAL CG2 HG23 sing N N 383 
VAL OXT HXT  sing N N 384 
# 
_atom_sites.entry_id                    3ASL 
_atom_sites.fract_transf_matrix[1][1]   0.00812280 
_atom_sites.fract_transf_matrix[1][2]   0.01045416 
_atom_sites.fract_transf_matrix[1][3]   -0.00881474 
_atom_sites.fract_transf_matrix[2][1]   -0.02351567 
_atom_sites.fract_transf_matrix[2][2]   0.01338570 
_atom_sites.fract_transf_matrix[2][3]   -0.00579448 
_atom_sites.fract_transf_matrix[3][1]   0.00946172 
_atom_sites.fract_transf_matrix[3][2]   0.02417498 
_atom_sites.fract_transf_matrix[3][3]   0.01744770 
_atom_sites.fract_transf_vector[1]      0.113340 
_atom_sites.fract_transf_vector[2]      0.470689 
_atom_sites.fract_transf_vector[3]      -0.130836 
# 
loop_
_atom_type.symbol 
C  
N  
O  
S  
ZN 
# 
loop_
_atom_site.group_PDB 
_atom_site.id 
_atom_site.type_symbol 
_atom_site.label_atom_id 
_atom_site.label_alt_id 
_atom_site.label_comp_id 
_atom_site.label_asym_id 
_atom_site.label_entity_id 
_atom_site.label_seq_id 
_atom_site.pdbx_PDB_ins_code 
_atom_site.Cartn_x 
_atom_site.Cartn_y 
_atom_site.Cartn_z 
_atom_site.occupancy 
_atom_site.B_iso_or_equiv 
_atom_site.pdbx_formal_charge 
_atom_site.auth_seq_id 
_atom_site.auth_comp_id 
_atom_site.auth_asym_id 
_atom_site.auth_atom_id 
_atom_site.pdbx_PDB_model_num 
ATOM   1   N  N   . GLY A 1 2  ? 10.751  -16.247 12.419  1.00 20.96 ? 299 GLY A N   1 
ATOM   2   C  CA  . GLY A 1 2  ? 10.728  -14.855 12.972  1.00 20.20 ? 299 GLY A CA  1 
ATOM   3   C  C   . GLY A 1 2  ? 10.119  -13.916 11.961  1.00 19.94 ? 299 GLY A C   1 
ATOM   4   O  O   . GLY A 1 2  ? 10.823  -13.136 11.326  1.00 20.42 ? 299 GLY A O   1 
ATOM   5   N  N   . PRO A 1 3  ? 8.792   -13.991 11.797  1.00 19.20 ? 300 PRO A N   1 
ATOM   6   C  CA  . PRO A 1 3  ? 8.197   -13.296 10.664  1.00 18.63 ? 300 PRO A CA  1 
ATOM   7   C  C   . PRO A 1 3  ? 8.338   -11.763 10.731  1.00 18.20 ? 300 PRO A C   1 
ATOM   8   O  O   . PRO A 1 3  ? 8.360   -11.173 11.820  1.00 18.46 ? 300 PRO A O   1 
ATOM   9   C  CB  . PRO A 1 3  ? 6.719   -13.725 10.719  1.00 18.29 ? 300 PRO A CB  1 
ATOM   10  C  CG  . PRO A 1 3  ? 6.617   -14.805 11.736  1.00 20.05 ? 300 PRO A CG  1 
ATOM   11  C  CD  . PRO A 1 3  ? 7.781   -14.650 12.645  1.00 19.28 ? 300 PRO A CD  1 
ATOM   12  N  N   . SER A 1 4  ? 8.439   -11.124 9.571   1.00 17.38 ? 301 SER A N   1 
ATOM   13  C  CA  . SER A 1 4  ? 8.415   -9.663  9.500   1.00 17.32 ? 301 SER A CA  1 
ATOM   14  C  C   . SER A 1 4  ? 7.105   -9.093  10.016  1.00 15.71 ? 301 SER A C   1 
ATOM   15  O  O   . SER A 1 4  ? 7.088   -8.088  10.713  1.00 17.43 ? 301 SER A O   1 
ATOM   16  C  CB  . SER A 1 4  ? 8.633   -9.186  8.064   1.00 17.67 ? 301 SER A CB  1 
ATOM   17  O  OG  . SER A 1 4  ? 8.580   -7.779  8.014   1.00 22.64 ? 301 SER A OG  1 
ATOM   18  N  N   . CYS A 1 5  ? 5.996   -9.739  9.647   1.00 14.05 ? 302 CYS A N   1 
ATOM   19  C  CA  . CYS A 1 5  ? 4.677   -9.310  10.082  1.00 13.91 ? 302 CYS A CA  1 
ATOM   20  C  C   . CYS A 1 5  ? 4.107   -10.322 11.042  1.00 14.13 ? 302 CYS A C   1 
ATOM   21  O  O   . CYS A 1 5  ? 3.829   -11.452 10.660  1.00 14.63 ? 302 CYS A O   1 
ATOM   22  C  CB  . CYS A 1 5  ? 3.755   -9.128  8.887   1.00 13.74 ? 302 CYS A CB  1 
ATOM   23  S  SG  . CYS A 1 5  ? 2.141   -8.477  9.411   1.00 13.46 ? 302 CYS A SG  1 
ATOM   24  N  N   . LYS A 1 6  ? 3.957   -9.932  12.302  1.00 14.69 ? 303 LYS A N   1 
ATOM   25  C  CA  . LYS A 1 6  ? 3.439   -10.845 13.319  1.00 14.91 ? 303 LYS A CA  1 
ATOM   26  C  C   . LYS A 1 6  ? 1.960   -11.126 13.149  1.00 14.70 ? 303 LYS A C   1 
ATOM   27  O  O   . LYS A 1 6  ? 1.465   -12.102 13.691  1.00 15.17 ? 303 LYS A O   1 
ATOM   28  C  CB  . LYS A 1 6  ? 3.746   -10.339 14.733  1.00 15.58 ? 303 LYS A CB  1 
ATOM   29  C  CG  . LYS A 1 6  ? 5.218   -10.430 15.039  1.00 19.32 ? 303 LYS A CG  1 
ATOM   30  C  CD  . LYS A 1 6  ? 5.718   -11.881 15.174  1.00 22.88 ? 303 LYS A CD  1 
ATOM   31  C  CE  . LYS A 1 6  ? 7.150   -11.935 15.679  1.00 24.48 ? 303 LYS A CE  1 
ATOM   32  N  NZ  . LYS A 1 6  ? 8.106   -11.263 14.756  1.00 25.57 ? 303 LYS A NZ  1 
ATOM   33  N  N   . HIS A 1 7  ? 1.269   -10.288 12.368  1.00 13.93 ? 304 HIS A N   1 
ATOM   34  C  CA  . HIS A 1 7  ? -0.165  -10.417 12.167  1.00 13.76 ? 304 HIS A CA  1 
ATOM   35  C  C   . HIS A 1 7  ? -0.473  -11.579 11.248  1.00 13.60 ? 304 HIS A C   1 
ATOM   36  O  O   . HIS A 1 7  ? -1.278  -12.425 11.581  1.00 15.52 ? 304 HIS A O   1 
ATOM   37  C  CB  . HIS A 1 7  ? -0.748  -9.082  11.663  1.00 13.67 ? 304 HIS A CB  1 
ATOM   38  C  CG  . HIS A 1 7  ? -0.407  -7.918  12.542  1.00 14.21 ? 304 HIS A CG  1 
ATOM   39  N  ND1 . HIS A 1 7  ? -1.042  -7.688  13.738  1.00 14.20 ? 304 HIS A ND1 1 
ATOM   40  C  CD2 . HIS A 1 7  ? 0.549   -6.969  12.440  1.00 14.52 ? 304 HIS A CD2 1 
ATOM   41  C  CE1 . HIS A 1 7  ? -0.523  -6.619  14.313  1.00 13.68 ? 304 HIS A CE1 1 
ATOM   42  N  NE2 . HIS A 1 7  ? 0.449   -6.166  13.546  1.00 13.78 ? 304 HIS A NE2 1 
ATOM   43  N  N   . CYS A 1 8  ? 0.163   -11.629 10.089  1.00 11.93 ? 305 CYS A N   1 
ATOM   44  C  CA  . CYS A 1 8  ? -0.097  -12.686 9.103   1.00 12.45 ? 305 CYS A CA  1 
ATOM   45  C  C   . CYS A 1 8  ? 0.984   -13.775 9.112   1.00 12.27 ? 305 CYS A C   1 
ATOM   46  O  O   . CYS A 1 8  ? 0.831   -14.771 8.412   1.00 12.79 ? 305 CYS A O   1 
ATOM   47  C  CB  . CYS A 1 8  ? -0.229  -12.088 7.714   1.00 12.17 ? 305 CYS A CB  1 
ATOM   48  S  SG  . CYS A 1 8  ? 1.282   -11.384 7.151   1.00 12.15 ? 305 CYS A SG  1 
ATOM   49  N  N   . LYS A 1 9  ? 2.062   -13.569 9.888   1.00 12.81 ? 306 LYS A N   1 
ATOM   50  C  CA  . LYS A 1 9  ? 3.204   -14.505 9.925   1.00 13.38 ? 306 LYS A CA  1 
ATOM   51  C  C   . LYS A 1 9  ? 3.851   -14.719 8.554   1.00 12.84 ? 306 LYS A C   1 
ATOM   52  O  O   . LYS A 1 9  ? 4.458   -15.756 8.295   1.00 13.36 ? 306 LYS A O   1 
ATOM   53  C  CB  . LYS A 1 9  ? 2.798   -15.853 10.546  1.00 13.51 ? 306 LYS A CB  1 
ATOM   54  C  CG  . LYS A 1 9  ? 2.251   -15.696 11.938  1.00 14.67 ? 306 LYS A CG  1 
ATOM   55  C  CD  . LYS A 1 9  ? 1.934   -17.018 12.575  1.00 16.23 ? 306 LYS A CD  1 
ATOM   56  C  CE  . LYS A 1 9  ? 1.325   -16.813 13.959  1.00 17.44 ? 306 LYS A CE  1 
ATOM   57  N  NZ  . LYS A 1 9  ? 1.076   -18.096 14.667  1.00 18.22 ? 306 LYS A NZ  1 
ATOM   58  N  N   . ASP A 1 10 ? 3.719   -13.717 7.696   1.00 12.65 ? 307 ASP A N   1 
ATOM   59  C  CA  . ASP A 1 10 ? 4.273   -13.704 6.351   1.00 12.74 ? 307 ASP A CA  1 
ATOM   60  C  C   . ASP A 1 10 ? 3.699   -14.800 5.482   1.00 13.04 ? 307 ASP A C   1 
ATOM   61  O  O   . ASP A 1 10 ? 4.328   -15.190 4.492   1.00 14.32 ? 307 ASP A O   1 
ATOM   62  C  CB  . ASP A 1 10 ? 5.819   -13.798 6.375   1.00 12.36 ? 307 ASP A CB  1 
ATOM   63  C  CG  . ASP A 1 10 ? 6.481   -12.661 7.113   1.00 12.75 ? 307 ASP A CG  1 
ATOM   64  O  OD1 . ASP A 1 10 ? 5.844   -11.621 7.403   1.00 12.21 ? 307 ASP A OD1 1 
ATOM   65  O  OD2 . ASP A 1 10 ? 7.688   -12.802 7.366   1.00 15.75 ? 307 ASP A OD2 1 
ATOM   66  N  N   . ASP A 1 11 ? 2.505   -15.283 5.828   1.00 13.34 ? 308 ASP A N   1 
ATOM   67  C  CA  . ASP A 1 11 ? 1.862   -16.371 5.086   1.00 12.84 ? 308 ASP A CA  1 
ATOM   68  C  C   . ASP A 1 11 ? 1.286   -15.840 3.790   1.00 12.41 ? 308 ASP A C   1 
ATOM   69  O  O   . ASP A 1 11 ? 0.304   -15.098 3.811   1.00 13.12 ? 308 ASP A O   1 
ATOM   70  C  CB  . ASP A 1 11 ? 0.738   -16.955 5.914   1.00 12.96 ? 308 ASP A CB  1 
ATOM   71  C  CG  . ASP A 1 11 ? 0.176   -18.209 5.327   1.00 14.85 ? 308 ASP A CG  1 
ATOM   72  O  OD1 . ASP A 1 11 ? 0.343   -18.454 4.096   1.00 14.78 ? 308 ASP A OD1 1 
ATOM   73  O  OD2 . ASP A 1 11 ? -0.470  -18.944 6.114   1.00 18.75 ? 308 ASP A OD2 1 
ATOM   74  N  N   . VAL A 1 12 ? 1.889   -16.208 2.661   1.00 12.70 ? 309 VAL A N   1 
ATOM   75  C  CA  . VAL A 1 12 ? 1.462   -15.701 1.359   1.00 12.79 ? 309 VAL A CA  1 
ATOM   76  C  C   . VAL A 1 12 ? 0.011   -16.088 1.025   1.00 11.95 ? 309 VAL A C   1 
ATOM   77  O  O   . VAL A 1 12 ? -0.640  -15.440 0.209   1.00 13.28 ? 309 VAL A O   1 
ATOM   78  C  CB  . VAL A 1 12 ? 2.364   -16.209 0.203   1.00 14.02 ? 309 VAL A CB  1 
ATOM   79  C  CG1 . VAL A 1 12 ? 2.338   -17.729 0.117   1.00 14.34 ? 309 VAL A CG1 1 
ATOM   80  C  CG2 . VAL A 1 12 ? 1.927   -15.613 -1.108  1.00 16.49 ? 309 VAL A CG2 1 
ATOM   81  N  N   . ASN A 1 13 ? -0.504  -17.125 1.673   1.00 11.41 ? 310 ASN A N   1 
ATOM   82  C  CA  . ASN A 1 13 ? -1.903  -17.493 1.473   1.00 11.93 ? 310 ASN A CA  1 
ATOM   83  C  C   . ASN A 1 13 ? -2.913  -16.580 2.133   1.00 11.30 ? 310 ASN A C   1 
ATOM   84  O  O   . ASN A 1 13 ? -4.109  -16.668 1.836   1.00 11.80 ? 310 ASN A O   1 
ATOM   85  C  CB  . ASN A 1 13 ? -2.149  -18.919 1.958   1.00 12.93 ? 310 ASN A CB  1 
ATOM   86  C  CG  . ASN A 1 13 ? -1.420  -19.940 1.138   1.00 13.76 ? 310 ASN A CG  1 
ATOM   87  O  OD1 . ASN A 1 13 ? -1.160  -19.763 -0.042  1.00 14.15 ? 310 ASN A OD1 1 
ATOM   88  N  ND2 . ASN A 1 13 ? -1.061  -21.027 1.784   1.00 18.23 ? 310 ASN A ND2 1 
ATOM   89  N  N   . ARG A 1 14 ? -2.463  -15.724 3.043   1.00 11.22 ? 311 ARG A N   1 
ATOM   90  C  CA  . ARG A 1 14 ? -3.374  -14.908 3.803   1.00 12.01 ? 311 ARG A CA  1 
ATOM   91  C  C   . ARG A 1 14 ? -3.391  -13.476 3.330   1.00 12.16 ? 311 ARG A C   1 
ATOM   92  O  O   . ARG A 1 14 ? -2.358  -12.906 3.068   1.00 13.45 ? 311 ARG A O   1 
ATOM   93  C  CB  . ARG A 1 14 ? -2.984  -14.958 5.285   1.00 13.53 ? 311 ARG A CB  1 
ATOM   94  C  CG  . ARG A 1 14 ? -2.932  -16.364 5.857   1.00 15.25 ? 311 ARG A CG  1 
ATOM   95  C  CD  . ARG A 1 14 ? -4.333  -16.886 6.274   1.00 17.64 ? 311 ARG A CD  1 
ATOM   96  N  NE  . ARG A 1 14 ? -5.227  -17.146 5.143   1.00 18.24 ? 311 ARG A NE  1 
ATOM   97  C  CZ  . ARG A 1 14 ? -5.369  -18.319 4.509   1.00 19.47 ? 311 ARG A CZ  1 
ATOM   98  N  NH1 . ARG A 1 14 ? -4.697  -19.418 4.871   1.00 20.62 ? 311 ARG A NH1 1 
ATOM   99  N  NH2 . ARG A 1 14 ? -6.214  -18.410 3.494   1.00 19.66 ? 311 ARG A NH2 1 
ATOM   100 N  N   . LEU A 1 15 ? -4.580  -12.891 3.292   1.00 10.90 ? 312 LEU A N   1 
ATOM   101 C  CA  . LEU A 1 15 ? -4.699  -11.433 3.174   1.00 11.10 ? 312 LEU A CA  1 
ATOM   102 C  C   . LEU A 1 15 ? -4.152  -10.788 4.449   1.00 12.04 ? 312 LEU A C   1 
ATOM   103 O  O   . LEU A 1 15 ? -4.287  -11.351 5.525   1.00 13.41 ? 312 LEU A O   1 
ATOM   104 C  CB  . LEU A 1 15 ? -6.180  -11.046 2.960   1.00 11.35 ? 312 LEU A CB  1 
ATOM   105 C  CG  . LEU A 1 15 ? -6.839  -11.530 1.672   1.00 11.73 ? 312 LEU A CG  1 
ATOM   106 C  CD1 . LEU A 1 15 ? -8.348  -11.271 1.717   1.00 12.56 ? 312 LEU A CD1 1 
ATOM   107 C  CD2 . LEU A 1 15 ? -6.216  -10.908 0.444   1.00 10.97 ? 312 LEU A CD2 1 
ATOM   108 N  N   . CYS A 1 16 ? -3.558  -9.601  4.316   1.00 10.21 ? 313 CYS A N   1 
ATOM   109 C  CA  . CYS A 1 16 ? -3.098  -8.841  5.481   1.00 10.64 ? 313 CYS A CA  1 
ATOM   110 C  C   . CYS A 1 16 ? -3.231  -7.355  5.210   1.00 10.62 ? 313 CYS A C   1 
ATOM   111 O  O   . CYS A 1 16 ? -2.575  -6.824  4.337   1.00 11.57 ? 313 CYS A O   1 
ATOM   112 C  CB  . CYS A 1 16 ? -1.649  -9.165  5.832   1.00 10.51 ? 313 CYS A CB  1 
ATOM   113 S  SG  . CYS A 1 16 ? -1.209  -8.411  7.400   1.00 11.39 ? 313 CYS A SG  1 
ATOM   114 N  N   . ARG A 1 17 ? -4.064  -6.698  6.003   1.00 9.91  ? 314 ARG A N   1 
ATOM   115 C  CA  . ARG A 1 17 ? -4.267  -5.284  5.850   1.00 9.80  ? 314 ARG A CA  1 
ATOM   116 C  C   . ARG A 1 17 ? -3.209  -4.451  6.563   1.00 9.64  ? 314 ARG A C   1 
ATOM   117 O  O   . ARG A 1 17 ? -3.262  -3.224  6.550   1.00 10.61 ? 314 ARG A O   1 
ATOM   118 C  CB  . ARG A 1 17 ? -5.681  -4.908  6.297   1.00 10.21 ? 314 ARG A CB  1 
ATOM   119 C  CG  . ARG A 1 17 ? -6.794  -5.536  5.404   1.00 14.49 ? 314 ARG A CG  1 
ATOM   120 C  CD  . ARG A 1 17 ? -8.206  -5.148  5.867   1.00 19.41 ? 314 ARG A CD  1 
ATOM   121 N  NE  . ARG A 1 17 ? -8.414  -3.718  5.680   1.00 25.37 ? 314 ARG A NE  1 
ATOM   122 C  CZ  . ARG A 1 17 ? -8.839  -2.826  6.587   1.00 27.82 ? 314 ARG A CZ  1 
ATOM   123 N  NH1 . ARG A 1 17 ? -9.219  -3.183  7.807   1.00 28.88 ? 314 ARG A NH1 1 
ATOM   124 N  NH2 . ARG A 1 17 ? -8.940  -1.541  6.235   1.00 29.23 ? 314 ARG A NH2 1 
ATOM   125 N  N   . VAL A 1 18 ? -2.266  -5.122  7.230   1.00 10.43 ? 315 VAL A N   1 
ATOM   126 C  CA  . VAL A 1 18 ? -1.181  -4.424  7.920   1.00 10.60 ? 315 VAL A CA  1 
ATOM   127 C  C   . VAL A 1 18 ? 0.078   -4.317  7.047   1.00 11.17 ? 315 VAL A C   1 
ATOM   128 O  O   . VAL A 1 18 ? 0.646   -3.235  6.941   1.00 13.29 ? 315 VAL A O   1 
ATOM   129 C  CB  . VAL A 1 18 ? -0.813  -5.114  9.239   1.00 10.68 ? 315 VAL A CB  1 
ATOM   130 C  CG1 . VAL A 1 18 ? 0.232   -4.272  10.008  1.00 11.32 ? 315 VAL A CG1 1 
ATOM   131 C  CG2 . VAL A 1 18 ? -2.063  -5.360  10.060  1.00 11.45 ? 315 VAL A CG2 1 
ATOM   132 N  N   . CYS A 1 19 ? 0.497   -5.442  6.460   1.00 10.66 ? 316 CYS A N   1 
ATOM   133 C  CA  . CYS A 1 19 ? 1.713   -5.465  5.645   1.00 10.37 ? 316 CYS A CA  1 
ATOM   134 C  C   . CYS A 1 19 ? 1.454   -5.452  4.155   1.00 11.71 ? 316 CYS A C   1 
ATOM   135 O  O   . CYS A 1 19 ? 2.378   -5.250  3.378   1.00 14.31 ? 316 CYS A O   1 
ATOM   136 C  CB  . CYS A 1 19 ? 2.649   -6.628  5.994   1.00 10.84 ? 316 CYS A CB  1 
ATOM   137 S  SG  . CYS A 1 19 ? 2.076   -8.249  5.571   1.00 11.46 ? 316 CYS A SG  1 
ATOM   138 N  N   . ALA A 1 20 ? 0.212   -5.647  3.739   1.00 10.42 ? 317 ALA A N   1 
ATOM   139 C  CA  . ALA A 1 20 ? -0.145  -5.574  2.316   1.00 9.98  ? 317 ALA A CA  1 
ATOM   140 C  C   . ALA A 1 20 ? -1.195  -4.452  2.128   1.00 9.91  ? 317 ALA A C   1 
ATOM   141 O  O   . ALA A 1 20 ? -1.251  -3.525  2.932   1.00 11.06 ? 317 ALA A O   1 
ATOM   142 C  CB  . ALA A 1 20 ? -0.603  -6.954  1.811   1.00 10.18 ? 317 ALA A CB  1 
ATOM   143 N  N   . CYS A 1 21 ? -2.023  -4.491  1.089   1.00 8.65  ? 318 CYS A N   1 
ATOM   144 C  CA  . CYS A 1 21 ? -2.939  -3.366  0.849   1.00 9.09  ? 318 CYS A CA  1 
ATOM   145 C  C   . CYS A 1 21 ? -3.881  -3.211  2.032   1.00 9.15  ? 318 CYS A C   1 
ATOM   146 O  O   . CYS A 1 21 ? -4.528  -4.166  2.454   1.00 10.24 ? 318 CYS A O   1 
ATOM   147 C  CB  . CYS A 1 21 ? -3.715  -3.568  -0.442  1.00 9.86  ? 318 CYS A CB  1 
ATOM   148 S  SG  . CYS A 1 21 ? -4.922  -2.279  -0.766  1.00 10.01 ? 318 CYS A SG  1 
ATOM   149 N  N   . HIS A 1 22 ? -3.942  -1.993  2.554   1.00 9.37  ? 319 HIS A N   1 
ATOM   150 C  CA  . HIS A 1 22 ? -4.735  -1.725  3.738   1.00 9.92  ? 319 HIS A CA  1 
ATOM   151 C  C   . HIS A 1 22 ? -6.225  -1.844  3.462   1.00 11.56 ? 319 HIS A C   1 
ATOM   152 O  O   . HIS A 1 22 ? -7.007  -2.060  4.393   1.00 12.75 ? 319 HIS A O   1 
ATOM   153 C  CB  . HIS A 1 22 ? -4.368  -0.352  4.330   1.00 10.08 ? 319 HIS A CB  1 
ATOM   154 C  CG  . HIS A 1 22 ? -4.993  -0.073  5.659   1.00 9.40  ? 319 HIS A CG  1 
ATOM   155 N  ND1 . HIS A 1 22 ? -4.834  -0.894  6.752   1.00 9.36  ? 319 HIS A ND1 1 
ATOM   156 C  CD2 . HIS A 1 22 ? -5.772  0.951   6.076   1.00 9.13  ? 319 HIS A CD2 1 
ATOM   157 C  CE1 . HIS A 1 22 ? -5.475  -0.388  7.789   1.00 8.62  ? 319 HIS A CE1 1 
ATOM   158 N  NE2 . HIS A 1 22 ? -6.075  0.718   7.400   1.00 8.40  ? 319 HIS A NE2 1 
ATOM   159 N  N   . LEU A 1 23 ? -6.611  -1.713  2.199   1.00 11.57 ? 320 LEU A N   1 
ATOM   160 C  CA  . LEU A 1 23 ? -8.018  -1.765  1.823   1.00 12.66 ? 320 LEU A CA  1 
ATOM   161 C  C   . LEU A 1 23 ? -8.467  -3.183  1.527   1.00 12.21 ? 320 LEU A C   1 
ATOM   162 O  O   . LEU A 1 23 ? -9.519  -3.591  1.998   1.00 14.02 ? 320 LEU A O   1 
ATOM   163 C  CB  . LEU A 1 23 ? -8.294  -0.832  0.641   1.00 12.86 ? 320 LEU A CB  1 
ATOM   164 C  CG  . LEU A 1 23 ? -8.044  0.638   0.934   1.00 14.48 ? 320 LEU A CG  1 
ATOM   165 C  CD1 . LEU A 1 23 ? -8.039  1.496   -0.356  1.00 15.39 ? 320 LEU A CD1 1 
ATOM   166 C  CD2 . LEU A 1 23 ? -9.108  1.111   1.943   1.00 17.34 ? 320 LEU A CD2 1 
ATOM   167 N  N   . CYS A 1 24 ? -7.715  -3.927  0.730   1.00 11.94 ? 321 CYS A N   1 
ATOM   168 C  CA  . CYS A 1 24 ? -8.128  -5.265  0.288   1.00 10.51 ? 321 CYS A CA  1 
ATOM   169 C  C   . CYS A 1 24 ? -7.336  -6.417  0.902   1.00 10.90 ? 321 CYS A C   1 
ATOM   170 O  O   . CYS A 1 24 ? -7.760  -7.566  0.817   1.00 10.70 ? 321 CYS A O   1 
ATOM   171 C  CB  . CYS A 1 24 ? -8.109  -5.392  -1.245  1.00 10.65 ? 321 CYS A CB  1 
ATOM   172 S  SG  . CYS A 1 24 ? -6.468  -5.551  -1.982  1.00 11.02 ? 321 CYS A SG  1 
ATOM   173 N  N   . GLY A 1 25 ? -6.184  -6.110  1.493   1.00 10.92 ? 322 GLY A N   1 
ATOM   174 C  CA  . GLY A 1 25 ? -5.295  -7.096  2.101   1.00 10.22 ? 322 GLY A CA  1 
ATOM   175 C  C   . GLY A 1 25 ? -4.481  -7.905  1.106   1.00 10.39 ? 322 GLY A C   1 
ATOM   176 O  O   . GLY A 1 25 ? -3.714  -8.790  1.486   1.00 10.78 ? 322 GLY A O   1 
ATOM   177 N  N   . GLY A 1 26 ? -4.604  -7.569  -0.164  1.00 10.72 ? 323 GLY A N   1 
ATOM   178 C  CA  . GLY A 1 26 ? -3.944  -8.326  -1.208  1.00 10.45 ? 323 GLY A CA  1 
ATOM   179 C  C   . GLY A 1 26 ? -2.464  -7.992  -1.302  1.00 9.99  ? 323 GLY A C   1 
ATOM   180 O  O   . GLY A 1 26 ? -2.052  -6.847  -1.134  1.00 10.89 ? 323 GLY A O   1 
ATOM   181 N  N   . ARG A 1 27 ? -1.675  -9.013  -1.608  1.00 10.00 ? 324 ARG A N   1 
ATOM   182 C  CA  . ARG A 1 27 ? -0.215  -8.919  -1.579  1.00 9.83  ? 324 ARG A CA  1 
ATOM   183 C  C   . ARG A 1 27 ? 0.403   -8.632  -2.910  1.00 10.18 ? 324 ARG A C   1 
ATOM   184 O  O   . ARG A 1 27 ? 1.571   -8.315  -3.004  1.00 10.95 ? 324 ARG A O   1 
ATOM   185 C  CB  . ARG A 1 27 ? 0.418   -10.222 -1.046  1.00 9.60  ? 324 ARG A CB  1 
ATOM   186 C  CG  . ARG A 1 27 ? -0.052  -10.630 0.300   1.00 11.24 ? 324 ARG A CG  1 
ATOM   187 C  CD  . ARG A 1 27 ? 0.640   -11.881 0.748   1.00 13.71 ? 324 ARG A CD  1 
ATOM   188 N  NE  . ARG A 1 27 ? 0.202   -12.222 2.066   1.00 14.68 ? 324 ARG A NE  1 
ATOM   189 C  CZ  . ARG A 1 27 ? 0.698   -11.724 3.196   1.00 11.96 ? 324 ARG A CZ  1 
ATOM   190 N  NH1 . ARG A 1 27 ? 1.776   -10.975 3.226   1.00 15.27 ? 324 ARG A NH1 1 
ATOM   191 N  NH2 . ARG A 1 27 ? 0.168   -12.099 4.316   1.00 15.81 ? 324 ARG A NH2 1 
ATOM   192 N  N   . GLN A 1 28 ? -0.352  -8.777  -3.980  1.00 9.99  ? 325 GLN A N   1 
ATOM   193 C  CA  . GLN A 1 28 ? 0.239   -8.585  -5.284  1.00 10.29 ? 325 GLN A CA  1 
ATOM   194 C  C   . GLN A 1 28 ? 0.526   -7.108  -5.596  1.00 10.66 ? 325 GLN A C   1 
ATOM   195 O  O   . GLN A 1 28 ? 0.058   -6.206  -4.888  1.00 11.38 ? 325 GLN A O   1 
ATOM   196 C  CB  . GLN A 1 28 ? -0.568  -9.342  -6.341  1.00 12.37 ? 325 GLN A CB  1 
ATOM   197 C  CG  . GLN A 1 28 ? -0.359  -10.928 -6.269  1.00 14.25 ? 325 GLN A CG  1 
ATOM   198 C  CD  . GLN A 1 28 ? -0.923  -11.665 -5.004  1.00 13.14 ? 325 GLN A CD  1 
ATOM   199 O  OE1 . GLN A 1 28 ? -2.190  -11.770 -4.793  1.00 13.31 ? 325 GLN A OE1 1 
ATOM   200 N  NE2 . GLN A 1 28 ? 0.031   -12.215 -4.172  1.00 12.08 ? 325 GLN A NE2 1 
ATOM   201 N  N   . ASP A 1 29 ? 1.355   -6.878  -6.606  1.00 10.08 ? 326 ASP A N   1 
ATOM   202 C  CA  . ASP A 1 29 ? 1.642   -5.515  -7.073  1.00 10.69 ? 326 ASP A CA  1 
ATOM   203 C  C   . ASP A 1 29 ? 2.111   -4.545  -5.970  1.00 10.70 ? 326 ASP A C   1 
ATOM   204 O  O   . ASP A 1 29 ? 1.593   -3.428  -5.849  1.00 12.41 ? 326 ASP A O   1 
ATOM   205 C  CB  . ASP A 1 29 ? 0.398   -4.923  -7.746  1.00 10.64 ? 326 ASP A CB  1 
ATOM   206 C  CG  . ASP A 1 29 ? 0.008   -5.632  -9.002  1.00 10.59 ? 326 ASP A CG  1 
ATOM   207 O  OD1 . ASP A 1 29 ? 0.867   -6.223  -9.669  1.00 12.21 ? 326 ASP A OD1 1 
ATOM   208 O  OD2 . ASP A 1 29 ? -1.200  -5.555  -9.350  1.00 11.85 ? 326 ASP A OD2 1 
ATOM   209 N  N   . PRO A 1 30 ? 3.137   -4.924  -5.191  1.00 11.76 ? 327 PRO A N   1 
ATOM   210 C  CA  . PRO A 1 30 ? 3.619   -3.983  -4.183  1.00 11.84 ? 327 PRO A CA  1 
ATOM   211 C  C   . PRO A 1 30 ? 4.273   -2.728  -4.797  1.00 11.95 ? 327 PRO A C   1 
ATOM   212 O  O   . PRO A 1 30 ? 4.354   -1.682  -4.144  1.00 12.69 ? 327 PRO A O   1 
ATOM   213 C  CB  . PRO A 1 30 ? 4.635   -4.813  -3.397  1.00 11.57 ? 327 PRO A CB  1 
ATOM   214 C  CG  . PRO A 1 30 ? 5.105   -5.828  -4.391  1.00 12.30 ? 327 PRO A CG  1 
ATOM   215 C  CD  . PRO A 1 30 ? 3.873   -6.194  -5.148  1.00 11.96 ? 327 PRO A CD  1 
ATOM   216 N  N   . ASP A 1 31 ? 4.709   -2.835  -6.046  1.00 12.45 ? 328 ASP A N   1 
ATOM   217 C  CA  . ASP A 1 31 ? 5.219   -1.693  -6.791  1.00 12.33 ? 328 ASP A CA  1 
ATOM   218 C  C   . ASP A 1 31 ? 4.149   -0.681  -7.154  1.00 11.72 ? 328 ASP A C   1 
ATOM   219 O  O   . ASP A 1 31 ? 4.465   0.440   -7.557  1.00 13.25 ? 328 ASP A O   1 
ATOM   220 C  CB  . ASP A 1 31 ? 5.930   -2.136  -8.070  1.00 12.55 ? 328 ASP A CB  1 
ATOM   221 C  CG  . ASP A 1 31 ? 5.090   -3.065  -8.917  1.00 13.74 ? 328 ASP A CG  1 
ATOM   222 O  OD1 . ASP A 1 31 ? 4.634   -4.087  -8.364  1.00 15.53 ? 328 ASP A OD1 1 
ATOM   223 O  OD2 . ASP A 1 31 ? 4.939   -2.767  -10.107 1.00 17.32 ? 328 ASP A OD2 1 
ATOM   224 N  N   . LYS A 1 32 ? 2.876   -1.063  -6.972  1.00 10.95 ? 329 LYS A N   1 
ATOM   225 C  CA  . LYS A 1 32 ? 1.739   -0.184  -7.201  1.00 11.27 ? 329 LYS A CA  1 
ATOM   226 C  C   . LYS A 1 32 ? 0.964   0.099   -5.920  1.00 10.79 ? 329 LYS A C   1 
ATOM   227 O  O   . LYS A 1 32 ? -0.182  0.535   -5.972  1.00 12.18 ? 329 LYS A O   1 
ATOM   228 C  CB  . LYS A 1 32 ? 0.795   -0.827  -8.205  1.00 11.83 ? 329 LYS A CB  1 
ATOM   229 C  CG  . LYS A 1 32 ? 1.449   -1.105  -9.531  1.00 14.63 ? 329 LYS A CG  1 
ATOM   230 C  CD  . LYS A 1 32 ? 0.487   -1.701  -10.529 1.00 17.66 ? 329 LYS A CD  1 
ATOM   231 C  CE  . LYS A 1 32 ? 1.161   -1.937  -11.866 1.00 21.14 ? 329 LYS A CE  1 
ATOM   232 N  NZ  . LYS A 1 32 ? 0.336   -2.851  -12.689 1.00 23.65 ? 329 LYS A NZ  1 
ATOM   233 N  N   . GLN A 1 33 ? 1.587   -0.170  -4.784  1.00 10.86 ? 330 GLN A N   1 
ATOM   234 C  CA  . GLN A 1 33 ? 1.024   0.147   -3.474  1.00 10.74 ? 330 GLN A CA  1 
ATOM   235 C  C   . GLN A 1 33 ? 1.709   1.416   -2.974  1.00 10.96 ? 330 GLN A C   1 
ATOM   236 O  O   . GLN A 1 33 ? 2.910   1.443   -2.718  1.00 12.79 ? 330 GLN A O   1 
ATOM   237 C  CB  . GLN A 1 33 ? 1.227   -1.001  -2.477  1.00 10.63 ? 330 GLN A CB  1 
ATOM   238 C  CG  . GLN A 1 33 ? 0.451   -2.293  -2.828  1.00 10.54 ? 330 GLN A CG  1 
ATOM   239 C  CD  . GLN A 1 33 ? 0.663   -3.414  -1.812  1.00 12.01 ? 330 GLN A CD  1 
ATOM   240 O  OE1 . GLN A 1 33 ? 0.795   -3.147  -0.615  1.00 15.00 ? 330 GLN A OE1 1 
ATOM   241 N  NE2 . GLN A 1 33 ? 0.652   -4.656  -2.268  1.00 13.78 ? 330 GLN A NE2 1 
ATOM   242 N  N   . LEU A 1 34 ? 0.934   2.480   -2.891  1.00 11.71 ? 331 LEU A N   1 
ATOM   243 C  CA  . LEU A 1 34 ? 1.435   3.746   -2.344  1.00 11.45 ? 331 LEU A CA  1 
ATOM   244 C  C   . LEU A 1 34 ? 1.525   3.721   -0.834  1.00 11.24 ? 331 LEU A C   1 
ATOM   245 O  O   . LEU A 1 34 ? 0.653   3.145   -0.172  1.00 12.68 ? 331 LEU A O   1 
ATOM   246 C  CB  . LEU A 1 34 ? 0.498   4.865   -2.707  1.00 12.24 ? 331 LEU A CB  1 
ATOM   247 C  CG  . LEU A 1 34 ? 0.107   5.056   -4.141  1.00 11.92 ? 331 LEU A CG  1 
ATOM   248 C  CD1 . LEU A 1 34 ? -0.750  6.338   -4.277  1.00 13.30 ? 331 LEU A CD1 1 
ATOM   249 C  CD2 . LEU A 1 34 ? 1.375   5.112   -5.007  1.00 13.03 ? 331 LEU A CD2 1 
ATOM   250 N  N   . MET A 1 35 ? 2.590   4.308   -0.293  1.00 11.56 ? 332 MET A N   1 
ATOM   251 C  CA  . MET A 1 35 ? 2.745   4.458   1.148   1.00 11.64 ? 332 MET A CA  1 
ATOM   252 C  C   . MET A 1 35 ? 2.266   5.807   1.607   1.00 10.94 ? 332 MET A C   1 
ATOM   253 O  O   . MET A 1 35 ? 2.727   6.838   1.137   1.00 12.69 ? 332 MET A O   1 
ATOM   254 C  CB  . MET A 1 35 ? 4.209   4.288   1.577   1.00 12.58 ? 332 MET A CB  1 
ATOM   255 C  CG  . MET A 1 35 ? 4.836   3.027   1.152   1.00 14.38 ? 332 MET A CG  1 
ATOM   256 S  SD  . MET A 1 35 ? 4.001   1.508   1.655   1.00 17.54 ? 332 MET A SD  1 
ATOM   257 C  CE  . MET A 1 35 ? 4.039   1.593   3.434   1.00 16.91 ? 332 MET A CE  1 
ATOM   258 N  N   . CYS A 1 36 ? 1.387   5.807   2.593   1.00 10.61 ? 333 CYS A N   1 
ATOM   259 C  CA  . CYS A 1 36 ? 0.887   7.060   3.152   1.00 9.97  ? 333 CYS A CA  1 
ATOM   260 C  C   . CYS A 1 36 ? 1.925   7.750   4.039   1.00 9.91  ? 333 CYS A C   1 
ATOM   261 O  O   . CYS A 1 36 ? 2.504   7.116   4.904   1.00 11.24 ? 333 CYS A O   1 
ATOM   262 C  CB  . CYS A 1 36 ? -0.357  6.780   3.995   1.00 10.84 ? 333 CYS A CB  1 
ATOM   263 S  SG  . CYS A 1 36 ? -1.000  8.254   4.810   1.00 11.23 ? 333 CYS A SG  1 
ATOM   264 N  N   . ASP A 1 37 ? 2.130   9.053   3.865   1.00 9.45  ? 334 ASP A N   1 
ATOM   265 C  CA  . ASP A 1 37 ? 3.154   9.761   4.636   1.00 9.15  ? 334 ASP A CA  1 
ATOM   266 C  C   . ASP A 1 37 ? 2.710   10.186  6.031   1.00 10.19 ? 334 ASP A C   1 
ATOM   267 O  O   . ASP A 1 37 ? 3.483   10.831  6.718   1.00 11.14 ? 334 ASP A O   1 
ATOM   268 C  CB  . ASP A 1 37 ? 3.666   10.926  3.784   1.00 10.07 ? 334 ASP A CB  1 
ATOM   269 C  CG  . ASP A 1 37 ? 4.510   10.420  2.624   1.00 8.64  ? 334 ASP A CG  1 
ATOM   270 O  OD1 . ASP A 1 37 ? 5.533   9.741   2.874   1.00 12.56 ? 334 ASP A OD1 1 
ATOM   271 O  OD2 . ASP A 1 37 ? 4.152   10.639  1.473   1.00 11.03 ? 334 ASP A OD2 1 
ATOM   272 N  N   . GLU A 1 38 ? 1.495   9.822   6.442   1.00 10.57 ? 335 GLU A N   1 
ATOM   273 C  CA  . GLU A 1 38 ? 1.087   9.940   7.838   1.00 10.88 ? 335 GLU A CA  1 
ATOM   274 C  C   . GLU A 1 38 ? 1.131   8.583   8.522   1.00 10.91 ? 335 GLU A C   1 
ATOM   275 O  O   . GLU A 1 38 ? 1.918   8.385   9.446   1.00 11.44 ? 335 GLU A O   1 
ATOM   276 C  CB  . GLU A 1 38 ? -0.314  10.534  7.968   1.00 10.97 ? 335 GLU A CB  1 
ATOM   277 C  CG  . GLU A 1 38 ? -0.831  10.698  9.419   1.00 12.60 ? 335 GLU A CG  1 
ATOM   278 C  CD  . GLU A 1 38 ? 0.085   11.549  10.282  1.00 15.88 ? 335 GLU A CD  1 
ATOM   279 O  OE1 . GLU A 1 38 ? 0.658   12.541  9.776   1.00 18.68 ? 335 GLU A OE1 1 
ATOM   280 O  OE2 . GLU A 1 38 ? 0.226   11.225  11.477  1.00 19.09 ? 335 GLU A OE2 1 
ATOM   281 N  N   . CYS A 1 39 ? 0.300   7.641   8.082   1.00 10.57 ? 336 CYS A N   1 
ATOM   282 C  CA  . CYS A 1 39 ? 0.182   6.348   8.773   1.00 10.57 ? 336 CYS A CA  1 
ATOM   283 C  C   . CYS A 1 39 ? 1.180   5.278   8.337   1.00 11.14 ? 336 CYS A C   1 
ATOM   284 O  O   . CYS A 1 39 ? 1.355   4.294   9.026   1.00 11.69 ? 336 CYS A O   1 
ATOM   285 C  CB  . CYS A 1 39 ? -1.235  5.812   8.661   1.00 10.61 ? 336 CYS A CB  1 
ATOM   286 S  SG  . CYS A 1 39 ? -1.708  5.306   7.008   1.00 12.66 ? 336 CYS A SG  1 
ATOM   287 N  N   . ASP A 1 40 ? 1.807   5.473   7.176   1.00 11.04 ? 337 ASP A N   1 
ATOM   288 C  CA  . ASP A 1 40 ? 2.748   4.506   6.575   1.00 11.63 ? 337 ASP A CA  1 
ATOM   289 C  C   . ASP A 1 40 ? 2.152   3.137   6.193   1.00 11.15 ? 337 ASP A C   1 
ATOM   290 O  O   . ASP A 1 40 ? 2.869   2.162   6.064   1.00 12.05 ? 337 ASP A O   1 
ATOM   291 C  CB  . ASP A 1 40 ? 4.011   4.302   7.427   1.00 12.02 ? 337 ASP A CB  1 
ATOM   292 C  CG  . ASP A 1 40 ? 5.240   3.982   6.562   1.00 12.78 ? 337 ASP A CG  1 
ATOM   293 O  OD1 . ASP A 1 40 ? 5.315   4.528   5.436   1.00 17.26 ? 337 ASP A OD1 1 
ATOM   294 O  OD2 . ASP A 1 40 ? 6.127   3.216   6.977   1.00 13.76 ? 337 ASP A OD2 1 
ATOM   295 N  N   . MET A 1 41 ? 0.856   3.087   5.973   1.00 10.21 ? 338 MET A N   1 
ATOM   296 C  CA  . MET A 1 41 ? 0.236   1.945   5.369   1.00 10.04 ? 338 MET A CA  1 
ATOM   297 C  C   . MET A 1 41 ? 0.250   2.022   3.853   1.00 9.71  ? 338 MET A C   1 
ATOM   298 O  O   . MET A 1 41 ? 0.487   3.081   3.268   1.00 8.68  ? 338 MET A O   1 
ATOM   299 C  CB  . MET A 1 41 ? -1.154  1.859   5.879   1.00 10.30 ? 338 MET A CB  1 
ATOM   300 C  CG  . MET A 1 41 ? -1.079  2.011   7.397   1.00 12.75 ? 338 MET A CG  1 
ATOM   301 S  SD  . MET A 1 41 ? -2.054  0.945   8.326   1.00 15.97 ? 338 MET A SD  1 
ATOM   302 C  CE  . MET A 1 41 ? -1.296  -0.470  7.709   1.00 7.91  ? 338 MET A CE  1 
ATOM   303 N  N   . ALA A 1 42 ? -0.049  0.882   3.234   1.00 10.98 ? 339 ALA A N   1 
ATOM   304 C  CA  . ALA A 1 42 ? 0.101   0.673   1.805   1.00 10.87 ? 339 ALA A CA  1 
ATOM   305 C  C   . ALA A 1 42 ? -1.253  0.534   1.139   1.00 10.72 ? 339 ALA A C   1 
ATOM   306 O  O   . ALA A 1 42 ? -2.168  -0.048  1.726   1.00 10.21 ? 339 ALA A O   1 
ATOM   307 C  CB  . ALA A 1 42 ? 0.954   -0.534  1.546   1.00 11.92 ? 339 ALA A CB  1 
ATOM   308 N  N   . PHE A 1 43 ? -1.388  1.097   -0.068  1.00 10.07 ? 340 PHE A N   1 
ATOM   309 C  CA  . PHE A 1 43 ? -2.682  1.137   -0.752  1.00 10.51 ? 340 PHE A CA  1 
ATOM   310 C  C   . PHE A 1 43 ? -2.514  0.883   -2.245  1.00 11.30 ? 340 PHE A C   1 
ATOM   311 O  O   . PHE A 1 43 ? -1.858  1.674   -2.922  1.00 11.17 ? 340 PHE A O   1 
ATOM   312 C  CB  . PHE A 1 43 ? -3.285  2.537   -0.575  1.00 11.47 ? 340 PHE A CB  1 
ATOM   313 C  CG  . PHE A 1 43 ? -3.597  2.879   0.859   1.00 11.07 ? 340 PHE A CG  1 
ATOM   314 C  CD1 . PHE A 1 43 ? -4.873  2.718   1.356   1.00 10.58 ? 340 PHE A CD1 1 
ATOM   315 C  CD2 . PHE A 1 43 ? -2.598  3.303   1.716   1.00 11.29 ? 340 PHE A CD2 1 
ATOM   316 C  CE1 . PHE A 1 43 ? -5.151  2.991   2.677   1.00 11.31 ? 340 PHE A CE1 1 
ATOM   317 C  CE2 . PHE A 1 43 ? -2.881  3.580   3.032   1.00 10.43 ? 340 PHE A CE2 1 
ATOM   318 C  CZ  . PHE A 1 43 ? -4.155  3.426   3.514   1.00 10.97 ? 340 PHE A CZ  1 
ATOM   319 N  N   . HIS A 1 44 ? -3.056  -0.206  -2.772  1.00 10.78 ? 341 HIS A N   1 
ATOM   320 C  CA  . HIS A 1 44 ? -3.023  -0.353  -4.231  1.00 10.53 ? 341 HIS A CA  1 
ATOM   321 C  C   . HIS A 1 44 ? -3.582  0.929   -4.889  1.00 11.63 ? 341 HIS A C   1 
ATOM   322 O  O   . HIS A 1 44 ? -4.652  1.399   -4.475  1.00 11.21 ? 341 HIS A O   1 
ATOM   323 C  CB  . HIS A 1 44 ? -3.878  -1.510  -4.703  1.00 11.14 ? 341 HIS A CB  1 
ATOM   324 C  CG  . HIS A 1 44 ? -3.349  -2.870  -4.403  1.00 11.10 ? 341 HIS A CG  1 
ATOM   325 N  ND1 . HIS A 1 44 ? -4.090  -3.789  -3.701  1.00 10.25 ? 341 HIS A ND1 1 
ATOM   326 C  CD2 . HIS A 1 44 ? -2.222  -3.507  -4.793  1.00 11.60 ? 341 HIS A CD2 1 
ATOM   327 C  CE1 . HIS A 1 44 ? -3.427  -4.926  -3.624  1.00 8.87  ? 341 HIS A CE1 1 
ATOM   328 N  NE2 . HIS A 1 44 ? -2.288  -4.789  -4.296  1.00 10.88 ? 341 HIS A NE2 1 
ATOM   329 N  N   . ILE A 1 45 ? -2.899  1.446   -5.925  1.00 11.85 ? 342 ILE A N   1 
ATOM   330 C  CA  . ILE A 1 45 ? -3.396  2.610   -6.629  1.00 12.13 ? 342 ILE A CA  1 
ATOM   331 C  C   . ILE A 1 45 ? -4.831  2.342   -7.121  1.00 11.23 ? 342 ILE A C   1 
ATOM   332 O  O   . ILE A 1 45 ? -5.668  3.254   -7.192  1.00 12.19 ? 342 ILE A O   1 
ATOM   333 C  CB  . ILE A 1 45 ? -2.429  3.078   -7.782  1.00 11.94 ? 342 ILE A CB  1 
ATOM   334 C  CG1 . ILE A 1 45 ? -2.119  1.957   -8.796  1.00 13.59 ? 342 ILE A CG1 1 
ATOM   335 C  CG2 . ILE A 1 45 ? -1.147  3.681   -7.197  1.00 14.53 ? 342 ILE A CG2 1 
ATOM   336 C  CD1 . ILE A 1 45 ? -1.239  2.372   -10.000 1.00 14.71 ? 342 ILE A CD1 1 
ATOM   337 N  N   . TYR A 1 46 ? -5.113  1.091   -7.494  1.00 11.17 ? 343 TYR A N   1 
ATOM   338 C  CA  . TYR A 1 46 ? -6.392  0.709   -8.068  1.00 11.12 ? 343 TYR A CA  1 
ATOM   339 C  C   . TYR A 1 46 ? -7.471  0.381   -7.059  1.00 11.15 ? 343 TYR A C   1 
ATOM   340 O  O   . TYR A 1 46 ? -8.582  0.091   -7.426  1.00 12.20 ? 343 TYR A O   1 
ATOM   341 C  CB  . TYR A 1 46 ? -6.238  -0.402  -9.124  1.00 11.54 ? 343 TYR A CB  1 
ATOM   342 C  CG  . TYR A 1 46 ? -5.404  -1.591  -8.722  1.00 10.41 ? 343 TYR A CG  1 
ATOM   343 C  CD1 . TYR A 1 46 ? -5.835  -2.498  -7.738  1.00 11.76 ? 343 TYR A CD1 1 
ATOM   344 C  CD2 . TYR A 1 46 ? -4.167  -1.812  -9.301  1.00 11.62 ? 343 TYR A CD2 1 
ATOM   345 C  CE1 . TYR A 1 46 ? -5.070  -3.611  -7.406  1.00 9.99  ? 343 TYR A CE1 1 
ATOM   346 C  CE2 . TYR A 1 46 ? -3.406  -2.904  -8.978  1.00 12.66 ? 343 TYR A CE2 1 
ATOM   347 C  CZ  . TYR A 1 46 ? -3.842  -3.803  -8.025  1.00 9.94  ? 343 TYR A CZ  1 
ATOM   348 O  OH  . TYR A 1 46 ? -3.099  -4.909  -7.719  1.00 11.48 ? 343 TYR A OH  1 
ATOM   349 N  N   . CYS A 1 47 ? -7.131  0.421   -5.768  1.00 10.62 ? 344 CYS A N   1 
ATOM   350 C  CA  . CYS A 1 47 ? -8.097  0.240   -4.691  1.00 11.17 ? 344 CYS A CA  1 
ATOM   351 C  C   . CYS A 1 47 ? -8.605  1.594   -4.148  1.00 11.38 ? 344 CYS A C   1 
ATOM   352 O  O   . CYS A 1 47 ? -9.557  1.629   -3.372  1.00 13.31 ? 344 CYS A O   1 
ATOM   353 C  CB  . CYS A 1 47 ? -7.507  -0.591  -3.556  1.00 10.95 ? 344 CYS A CB  1 
ATOM   354 S  SG  . CYS A 1 47 ? -7.413  -2.355  -3.963  1.00 12.64 ? 344 CYS A SG  1 
ATOM   355 N  N   . LEU A 1 48 ? -7.946  2.683   -4.535  1.00 12.37 ? 345 LEU A N   1 
ATOM   356 C  CA  . LEU A 1 48 ? -8.366  4.025   -4.146  1.00 12.30 ? 345 LEU A CA  1 
ATOM   357 C  C   . LEU A 1 48 ? -9.672  4.445   -4.835  1.00 12.45 ? 345 LEU A C   1 
ATOM   358 O  O   . LEU A 1 48 ? -10.026 3.909   -5.882  1.00 12.53 ? 345 LEU A O   1 
ATOM   359 C  CB  . LEU A 1 48 ? -7.257  5.024   -4.462  1.00 13.10 ? 345 LEU A CB  1 
ATOM   360 C  CG  . LEU A 1 48 ? -5.969  4.761   -3.706  1.00 12.40 ? 345 LEU A CG  1 
ATOM   361 C  CD1 . LEU A 1 48 ? -4.856  5.624   -4.257  1.00 13.93 ? 345 LEU A CD1 1 
ATOM   362 C  CD2 . LEU A 1 48 ? -6.137  4.961   -2.211  1.00 13.80 ? 345 LEU A CD2 1 
ATOM   363 N  N   . ASP A 1 49 ? -10.366 5.408   -4.231  1.00 13.78 ? 346 ASP A N   1 
ATOM   364 C  CA  . ASP A 1 49 ? -11.567 6.005   -4.817  1.00 13.95 ? 346 ASP A CA  1 
ATOM   365 C  C   . ASP A 1 49 ? -11.306 7.495   -5.032  1.00 13.86 ? 346 ASP A C   1 
ATOM   366 O  O   . ASP A 1 49 ? -11.218 8.262   -4.068  1.00 15.33 ? 346 ASP A O   1 
ATOM   367 C  CB  . ASP A 1 49 ? -12.793 5.827   -3.908  1.00 15.19 ? 346 ASP A CB  1 
ATOM   368 C  CG  . ASP A 1 49 ? -13.203 4.370   -3.741  1.00 17.64 ? 346 ASP A CG  1 
ATOM   369 O  OD1 . ASP A 1 49 ? -13.133 3.594   -4.717  1.00 22.89 ? 346 ASP A OD1 1 
ATOM   370 O  OD2 . ASP A 1 49 ? -13.631 4.001   -2.624  1.00 22.06 ? 346 ASP A OD2 1 
ATOM   371 N  N   . PRO A 1 50 ? -11.128 7.909   -6.285  1.00 13.30 ? 347 PRO A N   1 
ATOM   372 C  CA  . PRO A 1 50 ? -11.124 7.104   -7.487  1.00 12.88 ? 347 PRO A CA  1 
ATOM   373 C  C   . PRO A 1 50 ? -9.810  6.377   -7.633  1.00 12.92 ? 347 PRO A C   1 
ATOM   374 O  O   . PRO A 1 50 ? -8.786  6.757   -7.047  1.00 12.87 ? 347 PRO A O   1 
ATOM   375 C  CB  . PRO A 1 50 ? -11.248 8.135   -8.623  1.00 12.62 ? 347 PRO A CB  1 
ATOM   376 C  CG  . PRO A 1 50 ? -11.436 9.420   -7.992  1.00 14.00 ? 347 PRO A CG  1 
ATOM   377 C  CD  . PRO A 1 50 ? -10.945 9.338   -6.601  1.00 13.17 ? 347 PRO A CD  1 
ATOM   378 N  N   . PRO A 1 51 ? -9.803  5.345   -8.465  1.00 12.81 ? 348 PRO A N   1 
ATOM   379 C  CA  . PRO A 1 51 ? -8.575  4.623   -8.684  1.00 13.11 ? 348 PRO A CA  1 
ATOM   380 C  C   . PRO A 1 51 ? -7.580  5.460   -9.488  1.00 13.78 ? 348 PRO A C   1 
ATOM   381 O  O   . PRO A 1 51 ? -7.990  6.284   -10.297 1.00 15.10 ? 348 PRO A O   1 
ATOM   382 C  CB  . PRO A 1 51 ? -9.045  3.390   -9.452  1.00 13.65 ? 348 PRO A CB  1 
ATOM   383 C  CG  . PRO A 1 51 ? -10.287 3.824   -10.149 1.00 13.55 ? 348 PRO A CG  1 
ATOM   384 C  CD  . PRO A 1 51 ? -10.945 4.751   -9.189  1.00 12.68 ? 348 PRO A CD  1 
ATOM   385 N  N   . LEU A 1 52 ? -6.300  5.264   -9.245  1.00 13.95 ? 349 LEU A N   1 
ATOM   386 C  CA  . LEU A 1 52 ? -5.251  5.939   -9.971  1.00 14.39 ? 349 LEU A CA  1 
ATOM   387 C  C   . LEU A 1 52 ? -4.561  4.937   -10.876 1.00 14.39 ? 349 LEU A C   1 
ATOM   388 O  O   . LEU A 1 52 ? -4.477  3.749   -10.532 1.00 15.43 ? 349 LEU A O   1 
ATOM   389 C  CB  . LEU A 1 52 ? -4.226  6.515   -9.004  1.00 14.39 ? 349 LEU A CB  1 
ATOM   390 C  CG  . LEU A 1 52 ? -4.763  7.543   -7.997  1.00 14.45 ? 349 LEU A CG  1 
ATOM   391 C  CD1 . LEU A 1 52 ? -3.660  8.040   -7.091  1.00 16.38 ? 349 LEU A CD1 1 
ATOM   392 C  CD2 . LEU A 1 52 ? -5.418  8.704   -8.727  1.00 16.29 ? 349 LEU A CD2 1 
ATOM   393 N  N   . SER A 1 53 ? -4.075  5.431   -12.021 1.00 15.86 ? 350 SER A N   1 
ATOM   394 C  CA  . SER A 1 53 ? -3.409  4.610   -13.045 1.00 16.46 ? 350 SER A CA  1 
ATOM   395 C  C   . SER A 1 53 ? -1.891  4.679   -12.944 1.00 16.63 ? 350 SER A C   1 
ATOM   396 O  O   . SER A 1 53 ? -1.188  3.961   -13.661 1.00 17.30 ? 350 SER A O   1 
ATOM   397 C  CB  . SER A 1 53 ? -3.774  5.085   -14.467 1.00 16.94 ? 350 SER A CB  1 
ATOM   398 O  OG  . SER A 1 53 ? -5.177  5.172   -14.691 1.00 20.51 ? 350 SER A OG  1 
ATOM   399 N  N   . SER A 1 54 ? -1.381  5.607   -12.147 1.00 16.88 ? 351 SER A N   1 
ATOM   400 C  CA  . SER A 1 54 ? 0.051   5.763   -11.988 1.00 17.20 ? 351 SER A CA  1 
ATOM   401 C  C   . SER A 1 54 ? 0.365   6.180   -10.558 1.00 16.47 ? 351 SER A C   1 
ATOM   402 O  O   . SER A 1 54 ? -0.476  6.734   -9.860  1.00 15.85 ? 351 SER A O   1 
ATOM   403 C  CB  . SER A 1 54 ? 0.618   6.798   -12.961 1.00 18.25 ? 351 SER A CB  1 
ATOM   404 O  OG  . SER A 1 54 ? 0.017   8.062   -12.792 1.00 20.52 ? 351 SER A OG  1 
ATOM   405 N  N   . VAL A 1 55 ? 1.606   5.934   -10.162 1.00 16.17 ? 352 VAL A N   1 
ATOM   406 C  CA  . VAL A 1 55 ? 2.164   6.459   -8.922  1.00 16.22 ? 352 VAL A CA  1 
ATOM   407 C  C   . VAL A 1 55 ? 2.288   8.000   -9.007  1.00 16.17 ? 352 VAL A C   1 
ATOM   408 O  O   . VAL A 1 55 ? 2.920   8.545   -9.924  1.00 16.58 ? 352 VAL A O   1 
ATOM   409 C  CB  . VAL A 1 55 ? 3.537   5.808   -8.638  1.00 16.64 ? 352 VAL A CB  1 
ATOM   410 C  CG1 . VAL A 1 55 ? 4.166   6.399   -7.397  1.00 16.57 ? 352 VAL A CG1 1 
ATOM   411 C  CG2 . VAL A 1 55 ? 3.392   4.287   -8.499  1.00 16.74 ? 352 VAL A CG2 1 
ATOM   412 N  N   . PRO A 1 56 ? 1.656   8.704   -8.058  1.00 15.75 ? 353 PRO A N   1 
ATOM   413 C  CA  . PRO A 1 56 ? 1.764   10.152  -8.032  1.00 16.31 ? 353 PRO A CA  1 
ATOM   414 C  C   . PRO A 1 56 ? 3.220   10.662  -8.024  1.00 17.07 ? 353 PRO A C   1 
ATOM   415 O  O   . PRO A 1 56 ? 4.078   10.077  -7.333  1.00 17.63 ? 353 PRO A O   1 
ATOM   416 C  CB  . PRO A 1 56 ? 1.094   10.503  -6.695  1.00 16.37 ? 353 PRO A CB  1 
ATOM   417 C  CG  . PRO A 1 56 ? 0.031   9.454   -6.524  1.00 15.27 ? 353 PRO A CG  1 
ATOM   418 C  CD  . PRO A 1 56 ? 0.734   8.206   -7.012  1.00 16.23 ? 353 PRO A CD  1 
ATOM   419 N  N   . SER A 1 57 ? 3.454   11.768  -8.738  1.00 17.01 ? 354 SER A N   1 
ATOM   420 C  CA  . SER A 1 57 ? 4.805   12.332  -8.917  1.00 16.74 ? 354 SER A CA  1 
ATOM   421 C  C   . SER A 1 57 ? 5.304   13.073  -7.675  1.00 16.00 ? 354 SER A C   1 
ATOM   422 O  O   . SER A 1 57 ? 6.514   13.165  -7.419  1.00 16.18 ? 354 SER A O   1 
ATOM   423 C  CB  . SER A 1 57 ? 4.818   13.255  -10.129 1.00 17.58 ? 354 SER A CB  1 
ATOM   424 O  OG  . SER A 1 57 ? 4.513   12.531  -11.311 1.00 21.94 ? 354 SER A OG  1 
ATOM   425 N  N   . GLU A 1 58 ? 4.368   13.614  -6.908  1.00 15.09 ? 355 GLU A N   1 
ATOM   426 C  CA  . GLU A 1 58 ? 4.721   14.450  -5.770  1.00 14.96 ? 355 GLU A CA  1 
ATOM   427 C  C   . GLU A 1 58 ? 5.312   13.604  -4.655  1.00 14.90 ? 355 GLU A C   1 
ATOM   428 O  O   . GLU A 1 58 ? 5.003   12.410  -4.535  1.00 15.16 ? 355 GLU A O   1 
ATOM   429 C  CB  . GLU A 1 58 ? 3.505   15.238  -5.279  1.00 14.44 ? 355 GLU A CB  1 
ATOM   430 C  CG  . GLU A 1 58 ? 2.338   14.410  -4.718  1.00 14.59 ? 355 GLU A CG  1 
ATOM   431 C  CD  . GLU A 1 58 ? 1.329   13.936  -5.749  1.00 15.16 ? 355 GLU A CD  1 
ATOM   432 O  OE1 . GLU A 1 58 ? 1.637   13.933  -6.961  1.00 16.77 ? 355 GLU A OE1 1 
ATOM   433 O  OE2 . GLU A 1 58 ? 0.203   13.562  -5.306  1.00 16.12 ? 355 GLU A OE2 1 
ATOM   434 N  N   . ASP A 1 59 ? 6.175   14.207  -3.839  1.00 15.27 ? 356 ASP A N   1 
ATOM   435 C  CA  . ASP A 1 59 ? 6.897   13.426  -2.835  1.00 15.39 ? 356 ASP A CA  1 
ATOM   436 C  C   . ASP A 1 59 ? 6.000   12.876  -1.729  1.00 15.56 ? 356 ASP A C   1 
ATOM   437 O  O   . ASP A 1 59 ? 6.217   11.743  -1.274  1.00 17.33 ? 356 ASP A O   1 
ATOM   438 C  CB  . ASP A 1 59 ? 8.032   14.241  -2.195  1.00 16.05 ? 356 ASP A CB  1 
ATOM   439 C  CG  . ASP A 1 59 ? 9.365   14.071  -2.887  1.00 17.00 ? 356 ASP A CG  1 
ATOM   440 O  OD1 . ASP A 1 59 ? 9.442   13.427  -3.954  1.00 19.37 ? 356 ASP A OD1 1 
ATOM   441 O  OD2 . ASP A 1 59 ? 10.359  14.599  -2.333  1.00 17.68 ? 356 ASP A OD2 1 
ATOM   442 N  N   . GLU A 1 60 ? 5.018   13.675  -1.297  1.00 14.61 ? 357 GLU A N   1 
ATOM   443 C  CA  . GLU A 1 60 ? 4.170   13.334  -0.165  1.00 14.57 ? 357 GLU A CA  1 
ATOM   444 C  C   . GLU A 1 60 ? 2.742   12.992  -0.603  1.00 12.73 ? 357 GLU A C   1 
ATOM   445 O  O   . GLU A 1 60 ? 2.123   13.738  -1.368  1.00 14.89 ? 357 GLU A O   1 
ATOM   446 C  CB  . GLU A 1 60 ? 4.143   14.456  0.864   1.00 15.45 ? 357 GLU A CB  1 
ATOM   447 C  CG  . GLU A 1 60 ? 5.487   14.825  1.450   1.00 17.67 ? 357 GLU A CG  1 
ATOM   448 C  CD  . GLU A 1 60 ? 5.362   15.821  2.589   1.00 19.64 ? 357 GLU A CD  1 
ATOM   449 O  OE1 . GLU A 1 60 ? 6.348   15.992  3.340   1.00 21.46 ? 357 GLU A OE1 1 
ATOM   450 O  OE2 . GLU A 1 60 ? 4.276   16.430  2.754   1.00 22.47 ? 357 GLU A OE2 1 
ATOM   451 N  N   . TRP A 1 61 ? 2.243   11.854  -0.144  1.00 11.60 ? 358 TRP A N   1 
ATOM   452 C  CA  . TRP A 1 61 ? 0.874   11.442  -0.451  1.00 9.99  ? 358 TRP A CA  1 
ATOM   453 C  C   . TRP A 1 61 ? 0.206   10.945  0.820   1.00 10.30 ? 358 TRP A C   1 
ATOM   454 O  O   . TRP A 1 61 ? 0.827   10.257  1.601   1.00 10.30 ? 358 TRP A O   1 
ATOM   455 C  CB  . TRP A 1 61 ? 0.876   10.335  -1.526  1.00 10.44 ? 358 TRP A CB  1 
ATOM   456 C  CG  . TRP A 1 61 ? -0.483  9.778   -1.811  1.00 9.73  ? 358 TRP A CG  1 
ATOM   457 C  CD1 . TRP A 1 61 ? -1.404  10.258  -2.717  1.00 9.82  ? 358 TRP A CD1 1 
ATOM   458 C  CD2 . TRP A 1 61 ? -1.067  8.609   -1.215  1.00 10.16 ? 358 TRP A CD2 1 
ATOM   459 N  NE1 . TRP A 1 61 ? -2.541  9.465   -2.686  1.00 9.38  ? 358 TRP A NE1 1 
ATOM   460 C  CE2 . TRP A 1 61 ? -2.356  8.449   -1.774  1.00 10.09 ? 358 TRP A CE2 1 
ATOM   461 C  CE3 . TRP A 1 61 ? -0.632  7.684   -0.251  1.00 10.33 ? 358 TRP A CE3 1 
ATOM   462 C  CZ2 . TRP A 1 61 ? -3.225  7.409   -1.382  1.00 10.88 ? 358 TRP A CZ2 1 
ATOM   463 C  CZ3 . TRP A 1 61 ? -1.511  6.651   0.142   1.00 11.64 ? 358 TRP A CZ3 1 
ATOM   464 C  CH2 . TRP A 1 61 ? -2.780  6.517   -0.432  1.00 10.75 ? 358 TRP A CH2 1 
ATOM   465 N  N   . TYR A 1 62 ? -1.077  11.250  0.977   1.00 10.30 ? 359 TYR A N   1 
ATOM   466 C  CA  . TYR A 1 62 ? -1.807  10.952  2.210   1.00 11.63 ? 359 TYR A CA  1 
ATOM   467 C  C   . TYR A 1 62 ? -3.039  10.169  1.846   1.00 11.42 ? 359 TYR A C   1 
ATOM   468 O  O   . TYR A 1 62 ? -3.776  10.527  0.938   1.00 11.33 ? 359 TYR A O   1 
ATOM   469 C  CB  . TYR A 1 62 ? -2.177  12.252  2.967   1.00 12.12 ? 359 TYR A CB  1 
ATOM   470 C  CG  . TYR A 1 62 ? -0.939  12.973  3.413   1.00 12.80 ? 359 TYR A CG  1 
ATOM   471 C  CD1 . TYR A 1 62 ? -0.276  12.589  4.581   1.00 12.84 ? 359 TYR A CD1 1 
ATOM   472 C  CD2 . TYR A 1 62 ? -0.359  13.969  2.620   1.00 12.10 ? 359 TYR A CD2 1 
ATOM   473 C  CE1 . TYR A 1 62 ? 0.906   13.211  4.971   1.00 11.20 ? 359 TYR A CE1 1 
ATOM   474 C  CE2 . TYR A 1 62 ? 0.825   14.597  3.004   1.00 11.82 ? 359 TYR A CE2 1 
ATOM   475 C  CZ  . TYR A 1 62 ? 1.445   14.220  4.183   1.00 10.58 ? 359 TYR A CZ  1 
ATOM   476 O  OH  . TYR A 1 62 ? 2.622   14.820  4.544   1.00 12.46 ? 359 TYR A OH  1 
ATOM   477 N  N   . CYS A 1 63 ? -3.222  9.061   2.550   1.00 11.96 ? 360 CYS A N   1 
ATOM   478 C  CA  . CYS A 1 63 ? -4.301  8.135   2.283   1.00 12.30 ? 360 CYS A CA  1 
ATOM   479 C  C   . CYS A 1 63 ? -5.629  8.728   2.686   1.00 13.07 ? 360 CYS A C   1 
ATOM   480 O  O   . CYS A 1 63 ? -5.684  9.806   3.298   1.00 13.59 ? 360 CYS A O   1 
ATOM   481 C  CB  . CYS A 1 63 ? -4.054  6.801   3.005   1.00 12.28 ? 360 CYS A CB  1 
ATOM   482 S  SG  . CYS A 1 63 ? -4.523  6.814   4.761   1.00 13.99 ? 360 CYS A SG  1 
ATOM   483 N  N   . PRO A 1 64 ? -6.725  8.035   2.355   1.00 13.64 ? 361 PRO A N   1 
ATOM   484 C  CA  . PRO A 1 64 ? -7.996  8.640   2.687   1.00 14.32 ? 361 PRO A CA  1 
ATOM   485 C  C   . PRO A 1 64 ? -8.225  8.815   4.186   1.00 15.06 ? 361 PRO A C   1 
ATOM   486 O  O   . PRO A 1 64 ? -8.973  9.693   4.592   1.00 15.24 ? 361 PRO A O   1 
ATOM   487 C  CB  . PRO A 1 64 ? -9.006  7.663   2.103   1.00 14.72 ? 361 PRO A CB  1 
ATOM   488 C  CG  . PRO A 1 64 ? -8.290  6.954   1.065   1.00 15.43 ? 361 PRO A CG  1 
ATOM   489 C  CD  . PRO A 1 64 ? -6.895  6.829   1.521   1.00 13.94 ? 361 PRO A CD  1 
ATOM   490 N  N   . GLU A 1 65 ? -7.599  7.970   4.990   1.00 15.02 ? 362 GLU A N   1 
ATOM   491 C  CA  . GLU A 1 65 ? -7.765  8.060   6.434   1.00 15.48 ? 362 GLU A CA  1 
ATOM   492 C  C   . GLU A 1 65 ? -7.026  9.262   7.031   1.00 15.36 ? 362 GLU A C   1 
ATOM   493 O  O   . GLU A 1 65 ? -7.455  9.798   8.041   1.00 16.97 ? 362 GLU A O   1 
ATOM   494 C  CB  . GLU A 1 65 ? -7.359  6.715   7.101   1.00 16.29 ? 362 GLU A CB  1 
ATOM   495 C  CG  . GLU A 1 65 ? -8.277  5.546   6.638   1.00 17.07 ? 362 GLU A CG  1 
ATOM   496 C  CD  . GLU A 1 65 ? -7.765  4.128   6.962   1.00 19.25 ? 362 GLU A CD  1 
ATOM   497 O  OE1 . GLU A 1 65 ? -7.041  3.946   7.940   1.00 17.36 ? 362 GLU A OE1 1 
ATOM   498 O  OE2 . GLU A 1 65 ? -8.098  3.175   6.220   1.00 22.00 ? 362 GLU A OE2 1 
ATOM   499 N  N   . CYS A 1 66 ? -5.934  9.686   6.400   1.00 14.78 ? 363 CYS A N   1 
ATOM   500 C  CA  . CYS A 1 66 ? -5.042  10.719  6.937   1.00 13.96 ? 363 CYS A CA  1 
ATOM   501 C  C   . CYS A 1 66 ? -5.067  12.089  6.267   1.00 13.76 ? 363 CYS A C   1 
ATOM   502 O  O   . CYS A 1 66 ? -4.534  13.055  6.808   1.00 13.67 ? 363 CYS A O   1 
ATOM   503 C  CB  . CYS A 1 66 ? -3.619  10.211  6.843   1.00 13.29 ? 363 CYS A CB  1 
ATOM   504 S  SG  . CYS A 1 66 ? -3.372  8.688   7.778   1.00 15.63 ? 363 CYS A SG  1 
ATOM   505 N  N   . ARG A 1 67 ? -5.612  12.166  5.057   1.00 12.92 ? 364 ARG A N   1 
ATOM   506 C  CA  . ARG A 1 67 ? -5.585  13.414  4.300   1.00 13.35 ? 364 ARG A CA  1 
ATOM   507 C  C   . ARG A 1 67 ? -6.603  14.415  4.804   1.00 14.20 ? 364 ARG A C   1 
ATOM   508 O  O   . ARG A 1 67 ? -7.621  14.048  5.425   1.00 14.45 ? 364 ARG A O   1 
ATOM   509 C  CB  . ARG A 1 67 ? -5.846  13.157  2.817   1.00 12.48 ? 364 ARG A CB  1 
ATOM   510 C  CG  . ARG A 1 67 ? -7.236  12.660  2.539   1.00 11.43 ? 364 ARG A CG  1 
ATOM   511 C  CD  . ARG A 1 67 ? -7.467  12.354  1.076   1.00 12.78 ? 364 ARG A CD  1 
ATOM   512 N  NE  . ARG A 1 67 ? -6.575  11.335  0.559   1.00 12.96 ? 364 ARG A NE  1 
ATOM   513 C  CZ  . ARG A 1 67 ? -6.787  10.608  -0.532  1.00 11.97 ? 364 ARG A CZ  1 
ATOM   514 N  NH1 . ARG A 1 67 ? -7.902  10.730  -1.239  1.00 13.45 ? 364 ARG A NH1 1 
ATOM   515 N  NH2 . ARG A 1 67 ? -5.855  9.731   -0.907  1.00 11.45 ? 364 ARG A NH2 1 
ATOM   516 N  N   . ASN A 1 68 ? -6.312  15.683  4.497   1.00 15.44 ? 365 ASN A N   1 
ATOM   517 C  CA  . ASN A 1 68 ? -7.220  16.809  4.703   1.00 17.11 ? 365 ASN A CA  1 
ATOM   518 C  C   . ASN A 1 68 ? -8.411  16.707  3.763   1.00 18.15 ? 365 ASN A C   1 
ATOM   519 O  O   . ASN A 1 68 ? -8.249  16.330  2.593   1.00 18.75 ? 365 ASN A O   1 
ATOM   520 C  CB  . ASN A 1 68 ? -6.479  18.123  4.428   1.00 17.30 ? 365 ASN A CB  1 
ATOM   521 C  CG  . ASN A 1 68 ? -7.250  19.330  4.867   1.00 18.04 ? 365 ASN A CG  1 
ATOM   522 O  OD1 . ASN A 1 68 ? -7.762  20.079  4.036   1.00 19.82 ? 365 ASN A OD1 1 
ATOM   523 N  ND2 . ASN A 1 68 ? -7.342  19.538  6.178   1.00 19.20 ? 365 ASN A ND2 1 
ATOM   524 N  N   . ASP A 1 69 ? -9.592  17.049  4.270   1.00 19.62 ? 366 ASP A N   1 
ATOM   525 C  CA  . ASP A 1 69 ? -10.834 16.981  3.496   1.00 20.86 ? 366 ASP A CA  1 
ATOM   526 C  C   . ASP A 1 69 ? -11.389 18.377  3.254   1.00 21.00 ? 366 ASP A C   1 
ATOM   527 O  O   . ASP A 1 69 ? -11.631 19.129  4.202   1.00 21.43 ? 366 ASP A O   1 
ATOM   528 C  CB  . ASP A 1 69 ? -11.850 16.093  4.233   1.00 21.65 ? 366 ASP A CB  1 
ATOM   529 C  CG  . ASP A 1 69 ? -11.256 14.742  4.647   1.00 24.29 ? 366 ASP A CG  1 
ATOM   530 O  OD1 . ASP A 1 69 ? -10.207 14.354  4.091   1.00 29.60 ? 366 ASP A OD1 1 
ATOM   531 O  OD2 . ASP A 1 69 ? -11.821 14.058  5.531   1.00 26.72 ? 366 ASP A OD2 1 
ATOM   532 N  N   . ALA B 2 1  ? 5.719   9.939   -5.174  1.00 18.64 ? 1   ALA B N   1 
ATOM   533 C  CA  . ALA B 2 1  ? 5.299   9.359   -3.857  1.00 17.19 ? 1   ALA B CA  1 
ATOM   534 C  C   . ALA B 2 1  ? 6.032   8.054   -3.597  1.00 17.63 ? 1   ALA B C   1 
ATOM   535 O  O   . ALA B 2 1  ? 6.605   7.476   -4.509  1.00 18.75 ? 1   ALA B O   1 
ATOM   536 C  CB  . ALA B 2 1  ? 3.786   9.122   -3.850  1.00 17.61 ? 1   ALA B CB  1 
ATOM   537 N  N   . ARG B 2 2  ? 6.027   7.599   -2.358  1.00 17.58 ? 2   ARG B N   1 
ATOM   538 C  CA  . ARG B 2 2  ? 6.628   6.320   -1.996  1.00 18.01 ? 2   ARG B CA  1 
ATOM   539 C  C   . ARG B 2 2  ? 5.733   5.144   -2.396  1.00 18.16 ? 2   ARG B C   1 
ATOM   540 O  O   . ARG B 2 2  ? 4.509   5.199   -2.289  1.00 16.90 ? 2   ARG B O   1 
ATOM   541 C  CB  . ARG B 2 2  ? 6.904   6.254   -0.479  1.00 20.00 ? 2   ARG B CB  1 
ATOM   542 C  CG  . ARG B 2 2  ? 8.020   7.151   -0.018  1.00 20.22 ? 2   ARG B CG  1 
ATOM   543 C  CD  . ARG B 2 2  ? 8.282   7.012   1.457   1.00 22.19 ? 2   ARG B CD  1 
ATOM   544 N  NE  . ARG B 2 2  ? 7.076   7.304   2.236   1.00 22.11 ? 2   ARG B NE  1 
ATOM   545 C  CZ  . ARG B 2 2  ? 6.529   6.529   3.175   1.00 21.96 ? 2   ARG B CZ  1 
ATOM   546 N  NH1 . ARG B 2 2  ? 7.084   5.380   3.544   1.00 24.18 ? 2   ARG B NH1 1 
ATOM   547 N  NH2 . ARG B 2 2  ? 5.420   6.937   3.778   1.00 21.49 ? 2   ARG B NH2 1 
ATOM   548 N  N   . THR B 2 3  ? 6.352   4.062   -2.845  1.00 18.28 ? 3   THR B N   1 
ATOM   549 C  CA  . THR B 2 3  ? 5.643   2.801   -3.033  1.00 18.16 ? 3   THR B CA  1 
ATOM   550 C  C   . THR B 2 3  ? 6.258   1.785   -2.080  1.00 17.90 ? 3   THR B C   1 
ATOM   551 O  O   . THR B 2 3  ? 7.412   1.941   -1.620  1.00 19.23 ? 3   THR B O   1 
ATOM   552 C  CB  . THR B 2 3  ? 5.772   2.292   -4.488  1.00 18.36 ? 3   THR B CB  1 
ATOM   553 O  OG1 . THR B 2 3  ? 7.163   2.173   -4.821  1.00 20.01 ? 3   THR B OG1 1 
ATOM   554 C  CG2 . THR B 2 3  ? 5.130   3.255   -5.467  1.00 19.47 ? 3   THR B CG2 1 
ATOM   555 N  N   . LYS B 2 4  ? 5.508   0.714   -1.819  1.00 17.58 ? 4   LYS B N   1 
ATOM   556 C  CA  . LYS B 2 4  ? 5.976   -0.311  -0.919  1.00 17.45 ? 4   LYS B CA  1 
ATOM   557 C  C   . LYS B 2 4  ? 7.227   -0.985  -1.418  1.00 17.07 ? 4   LYS B C   1 
ATOM   558 O  O   . LYS B 2 4  ? 8.155   -1.265  -0.642  1.00 17.81 ? 4   LYS B O   1 
ATOM   559 C  CB  . LYS B 2 4  ? 4.888   -1.347  -0.652  1.00 17.68 ? 4   LYS B CB  1 
ATOM   560 C  CG  . LYS B 2 4  ? 5.250   -2.188  0.557   1.00 20.54 ? 4   LYS B CG  1 
ATOM   561 C  CD  . LYS B 2 4  ? 4.113   -2.972  1.072   1.00 24.20 ? 4   LYS B CD  1 
ATOM   562 C  CE  . LYS B 2 4  ? 3.831   -4.072  0.121   1.00 25.37 ? 4   LYS B CE  1 
ATOM   563 N  NZ  . LYS B 2 4  ? 2.663   -4.841  0.594   1.00 26.43 ? 4   LYS B NZ  1 
ATOM   564 N  N   . GLN B 2 5  ? 7.220   -1.310  -2.701  1.00 16.02 ? 5   GLN B N   1 
ATOM   565 C  CA  . GLN B 2 5  ? 8.405   -1.835  -3.380  1.00 16.20 ? 5   GLN B CA  1 
ATOM   566 C  C   . GLN B 2 5  ? 8.540   -1.221  -4.758  1.00 16.40 ? 5   GLN B C   1 
ATOM   567 O  O   . GLN B 2 5  ? 7.710   -0.442  -5.187  1.00 16.29 ? 5   GLN B O   1 
ATOM   568 C  CB  . GLN B 2 5  ? 8.339   -3.371  -3.477  1.00 16.55 ? 5   GLN B CB  1 
ATOM   569 C  CG  . GLN B 2 5  ? 8.218   -4.035  -2.133  1.00 17.47 ? 5   GLN B CG  1 
ATOM   570 C  CD  . GLN B 2 5  ? 8.099   -5.538  -2.205  1.00 20.52 ? 5   GLN B CD  1 
ATOM   571 O  OE1 . GLN B 2 5  ? 8.444   -6.162  -3.207  1.00 22.55 ? 5   GLN B OE1 1 
ATOM   572 N  NE2 . GLN B 2 5  ? 7.590   -6.131  -1.133  1.00 21.83 ? 5   GLN B NE2 1 
ATOM   573 N  N   . THR B 2 6  ? 9.652   -1.532  -5.418  1.00 15.73 ? 6   THR B N   1 
ATOM   574 C  CA  . THR B 2 6  ? 9.891   -1.201  -6.832  1.00 16.38 ? 6   THR B CA  1 
ATOM   575 C  C   . THR B 2 6  ? 9.915   -2.515  -7.604  1.00 16.72 ? 6   THR B C   1 
ATOM   576 O  O   . THR B 2 6  ? 10.047  -3.599  -6.993  1.00 18.11 ? 6   THR B O   1 
ATOM   577 C  CB  . THR B 2 6  ? 11.239  -0.471  -7.013  1.00 15.95 ? 6   THR B CB  1 
ATOM   578 O  OG1 . THR B 2 6  ? 12.297  -1.344  -6.612  1.00 16.76 ? 6   THR B OG1 1 
ATOM   579 C  CG2 . THR B 2 6  ? 11.263  0.786   -6.189  1.00 16.68 ? 6   THR B CG2 1 
ATOM   580 N  N   . ALA B 2 7  ? 9.845   -2.428  -8.935  1.00 17.49 ? 7   ALA B N   1 
ATOM   581 C  CA  . ALA B 2 7  ? 9.881   -3.595  -9.813  1.00 18.30 ? 7   ALA B CA  1 
ATOM   582 C  C   . ALA B 2 7  ? 10.723  -3.263  -11.025 1.00 19.44 ? 7   ALA B C   1 
ATOM   583 O  O   . ALA B 2 7  ? 10.811  -2.105  -11.435 1.00 18.73 ? 7   ALA B O   1 
ATOM   584 C  CB  . ALA B 2 7  ? 8.480   -4.016  -10.232 1.00 19.18 ? 7   ALA B CB  1 
ATOM   585 N  N   . ARG B 2 8  ? 11.293  -4.318  -11.602 1.00 21.58 ? 8   ARG B N   1 
ATOM   586 C  CA  . ARG B 2 8  ? 12.155  -4.233  -12.767 1.00 23.87 ? 8   ARG B CA  1 
ATOM   587 C  C   . ARG B 2 8  ? 11.321  -3.757  -13.940 1.00 25.06 ? 8   ARG B C   1 
ATOM   588 O  O   . ARG B 2 8  ? 10.161  -4.144  -14.065 1.00 25.72 ? 8   ARG B O   1 
ATOM   589 C  CB  . ARG B 2 8  ? 12.761  -5.614  -13.068 1.00 24.65 ? 8   ARG B CB  1 
ATOM   590 C  CG  . ARG B 2 8  ? 14.118  -5.585  -13.764 1.00 27.32 ? 8   ARG B CG  1 
ATOM   591 C  CD  . ARG B 2 8  ? 14.817  -6.953  -13.712 1.00 30.78 ? 8   ARG B CD  1 
ATOM   592 N  NE  . ARG B 2 8  ? 16.262  -6.819  -13.520 1.00 34.13 ? 8   ARG B NE  1 
ATOM   593 C  CZ  . ARG B 2 8  ? 17.144  -7.804  -13.672 1.00 37.46 ? 8   ARG B CZ  1 
ATOM   594 N  NH1 . ARG B 2 8  ? 16.751  -9.032  -14.027 1.00 39.10 ? 8   ARG B NH1 1 
ATOM   595 N  NH2 . ARG B 2 8  ? 18.438  -7.560  -13.483 1.00 38.67 ? 8   ARG B NH2 1 
ATOM   596 N  N   . LYS B 2 9  ? 11.918  -2.915  -14.782 1.00 26.11 ? 9   LYS B N   1 
ATOM   597 C  CA  . LYS B 2 9  ? 11.283  -2.411  -15.999 1.00 26.92 ? 9   LYS B CA  1 
ATOM   598 C  C   . LYS B 2 9  ? 11.368  -3.450  -17.116 1.00 27.32 ? 9   LYS B C   1 
ATOM   599 O  O   . LYS B 2 9  ? 11.374  -4.664  -16.872 1.00 27.54 ? 9   LYS B O   1 
ATOM   600 C  CB  . LYS B 2 9  ? 11.972  -1.105  -16.424 1.00 27.05 ? 9   LYS B CB  1 
ATOM   601 C  CG  . LYS B 2 9  ? 11.488  -0.463  -17.714 1.00 28.37 ? 9   LYS B CG  1 
ATOM   602 C  CD  . LYS B 2 9  ? 11.741  1.057   -17.736 1.00 29.41 ? 9   LYS B CD  1 
ATOM   603 C  CE  . LYS B 2 9  ? 13.156  1.442   -17.286 1.00 29.21 ? 9   LYS B CE  1 
ATOM   604 N  NZ  . LYS B 2 9  ? 14.215  0.574   -17.895 1.00 29.77 ? 9   LYS B NZ  1 
HETATM 605 ZN ZN  . ZN  C 3 .  ? 1.002   -9.061  7.452   1.00 18.37 ? 1   ZN  A ZN  1 
HETATM 606 ZN ZN  . ZN  D 3 .  ? -5.855  -3.357  -2.606  1.00 18.81 ? 2   ZN  A ZN  1 
HETATM 607 ZN ZN  . ZN  E 3 .  ? -2.692  7.223   6.095   1.00 25.20 ? 3   ZN  A ZN  1 
HETATM 608 ZN ZN  . ZN  F 3 .  ? -7.266  1.678   8.643   0.50 16.30 ? 4   ZN  A ZN  1 
HETATM 609 C  C1  . EDO G 4 .  ? -3.008  -15.429 8.928   1.00 40.03 ? 368 EDO A C1  1 
HETATM 610 O  O1  . EDO G 4 .  ? -4.119  -14.626 9.318   1.00 41.47 ? 368 EDO A O1  1 
HETATM 611 C  C2  . EDO G 4 .  ? -2.074  -15.751 10.084  1.00 39.25 ? 368 EDO A C2  1 
HETATM 612 O  O2  . EDO G 4 .  ? -0.955  -16.508 9.607   1.00 39.41 ? 368 EDO A O2  1 
HETATM 613 C  C1  . EDO H 4 .  ? -8.184  -13.315 6.316   1.00 37.72 ? 369 EDO A C1  1 
HETATM 614 O  O1  . EDO H 4 .  ? -9.086  -13.182 5.214   1.00 37.51 ? 369 EDO A O1  1 
HETATM 615 C  C2  . EDO H 4 .  ? -7.479  -11.974 6.530   1.00 38.60 ? 369 EDO A C2  1 
HETATM 616 O  O2  . EDO H 4 .  ? -6.153  -12.206 7.000   1.00 39.82 ? 369 EDO A O2  1 
HETATM 617 C  C1  . EDO I 4 .  ? -3.294  -7.369  -6.306  1.00 28.12 ? 370 EDO A C1  1 
HETATM 618 O  O1  . EDO I 4 .  ? -4.648  -7.043  -6.245  1.00 25.24 ? 370 EDO A O1  1 
HETATM 619 C  C2  . EDO I 4 .  ? -3.301  -8.709  -5.668  1.00 27.10 ? 370 EDO A C2  1 
HETATM 620 O  O2  . EDO I 4 .  ? -3.212  -8.427  -4.322  1.00 21.45 ? 370 EDO A O2  1 
HETATM 621 C  C1  . EDO J 4 .  ? 7.978   5.755   -6.531  1.00 37.50 ? 12  EDO B C1  1 
HETATM 622 O  O1  . EDO J 4 .  ? 8.845   6.774   -6.066  1.00 38.86 ? 12  EDO B O1  1 
HETATM 623 C  C2  . EDO J 4 .  ? 8.543   4.487   -5.948  1.00 36.71 ? 12  EDO B C2  1 
HETATM 624 O  O2  . EDO J 4 .  ? 8.497   3.468   -6.943  1.00 36.00 ? 12  EDO B O2  1 
HETATM 625 O  O   . HOH K 5 .  ? -1.662  -5.028  -11.863 1.00 23.28 ? 6   HOH A O   1 
HETATM 626 O  O   . HOH K 5 .  ? 1.550   -3.760  14.094  1.00 13.27 ? 8   HOH A O   1 
HETATM 627 O  O   . HOH K 5 .  ? -10.712 10.921  2.610   1.00 29.69 ? 9   HOH A O   1 
HETATM 628 O  O   . HOH K 5 .  ? 4.690   -10.147 5.536   1.00 18.59 ? 10  HOH A O   1 
HETATM 629 O  O   . HOH K 5 .  ? 4.147   -18.155 2.991   1.00 22.34 ? 12  HOH A O   1 
HETATM 630 O  O   . HOH K 5 .  ? -7.466  8.715   -5.603  1.00 17.33 ? 13  HOH A O   1 
HETATM 631 O  O   . HOH K 5 .  ? -0.911  -18.008 -2.116  1.00 28.27 ? 14  HOH A O   1 
HETATM 632 O  O   . HOH K 5 .  ? -3.635  -12.297 8.054   1.00 18.75 ? 15  HOH A O   1 
HETATM 633 O  O   . HOH K 5 .  ? 8.124   11.611  -5.533  1.00 18.20 ? 17  HOH A O   1 
HETATM 634 O  O   . HOH K 5 .  ? 2.307   -0.845  5.405   1.00 27.47 ? 18  HOH A O   1 
HETATM 635 O  O   . HOH K 5 .  ? -5.396  -8.093  8.094   1.00 25.07 ? 19  HOH A O   1 
HETATM 636 O  O   . HOH K 5 .  ? 4.667   16.590  -2.024  1.00 27.77 ? 20  HOH A O   1 
HETATM 637 O  O   . HOH K 5 .  ? 1.460   12.839  -10.557 1.00 18.84 ? 21  HOH A O   1 
HETATM 638 O  O   . HOH K 5 .  ? 0.149   15.149  11.742  1.00 19.89 ? 22  HOH A O   1 
HETATM 639 O  O   . HOH K 5 .  ? -11.033 1.440   -6.744  1.00 20.06 ? 24  HOH A O   1 
HETATM 640 O  O   . HOH K 5 .  ? -10.145 7.233   -11.669 1.00 23.66 ? 25  HOH A O   1 
HETATM 641 O  O   . HOH K 5 .  ? 6.118   -6.270  7.836   1.00 24.26 ? 26  HOH A O   1 
HETATM 642 O  O   . HOH K 5 .  ? 3.705   -5.627  9.366   1.00 19.18 ? 27  HOH A O   1 
HETATM 643 O  O   . HOH K 5 .  ? 4.969   -7.250  12.987  1.00 25.93 ? 28  HOH A O   1 
HETATM 644 O  O   . HOH K 5 .  ? -3.275  -9.867  9.311   1.00 24.62 ? 29  HOH A O   1 
HETATM 645 O  O   . HOH K 5 .  ? 5.054   -3.703  5.624   1.00 26.11 ? 30  HOH A O   1 
HETATM 646 O  O   . HOH K 5 .  ? -1.349  9.345   -10.147 1.00 16.08 ? 31  HOH A O   1 
HETATM 647 O  O   . HOH K 5 .  ? -8.078  -1.394  9.499   1.00 18.16 ? 32  HOH A O   1 
HETATM 648 O  O   . HOH K 5 .  ? 7.293   10.559  0.829   1.00 11.94 ? 33  HOH A O   1 
HETATM 649 O  O   . HOH K 5 .  ? -2.087  11.357  -8.455  1.00 13.24 ? 34  HOH A O   1 
HETATM 650 O  O   . HOH K 5 .  ? 6.182   -6.333  -7.920  1.00 26.47 ? 35  HOH A O   1 
HETATM 651 O  O   . HOH K 5 .  ? 5.351   -5.915  3.244   1.00 29.22 ? 36  HOH A O   1 
HETATM 652 O  O   . HOH K 5 .  ? -9.615  6.457   -1.798  1.00 20.99 ? 37  HOH A O   1 
HETATM 653 O  O   . HOH K 5 .  ? 3.094   -8.965  1.350   1.00 39.03 ? 38  HOH A O   1 
HETATM 654 O  O   . HOH K 5 .  ? -3.034  13.397  9.103   1.00 28.06 ? 39  HOH A O   1 
HETATM 655 O  O   . HOH K 5 .  ? 3.261   -7.858  18.599  1.00 41.76 ? 40  HOH A O   1 
HETATM 656 O  O   . HOH K 5 .  ? 5.652   8.689   -9.882  1.00 29.48 ? 42  HOH A O   1 
HETATM 657 O  O   . HOH K 5 .  ? -1.133  1.278   -13.673 1.00 24.05 ? 44  HOH A O   1 
HETATM 658 O  O   . HOH K 5 .  ? -11.016 8.611   -0.792  1.00 35.18 ? 45  HOH A O   1 
HETATM 659 O  O   . HOH K 5 .  ? 6.459   -7.861  5.669   1.00 24.68 ? 46  HOH A O   1 
HETATM 660 O  O   . HOH K 5 .  ? 2.843   -13.905 15.313  1.00 21.38 ? 47  HOH A O   1 
HETATM 661 O  O   . HOH K 5 .  ? -9.646  -0.170  -10.952 1.00 37.64 ? 48  HOH A O   1 
HETATM 662 O  O   . HOH K 5 .  ? 7.163   10.570  -11.177 1.00 31.05 ? 49  HOH A O   1 
HETATM 663 O  O   . HOH K 5 .  ? 2.333   -20.170 2.871   1.00 30.97 ? 50  HOH A O   1 
HETATM 664 O  O   . HOH K 5 .  ? -1.316  -14.353 13.614  1.00 63.09 ? 51  HOH A O   1 
HETATM 665 O  O   . HOH K 5 .  ? -1.561  -21.044 4.817   1.00 35.36 ? 53  HOH A O   1 
HETATM 666 O  O   . HOH K 5 .  ? -0.262  13.890  -2.700  1.00 11.27 ? 54  HOH A O   1 
HETATM 667 O  O   . HOH K 5 .  ? 9.383   -11.576 5.452   1.00 37.02 ? 55  HOH A O   1 
HETATM 668 O  O   . HOH K 5 .  ? -11.405 -1.815  3.354   1.00 27.69 ? 57  HOH A O   1 
HETATM 669 O  O   . HOH K 5 .  ? -6.837  -6.392  -5.098  1.00 28.71 ? 58  HOH A O   1 
HETATM 670 O  O   . HOH K 5 .  ? -1.922  12.081  -5.705  1.00 14.77 ? 59  HOH A O   1 
HETATM 671 O  O   . HOH K 5 .  ? 5.816   -1.078  3.696   1.00 56.26 ? 60  HOH A O   1 
HETATM 672 O  O   . HOH K 5 .  ? -0.049  10.884  -12.094 1.00 24.56 ? 61  HOH A O   1 
HETATM 673 O  O   . HOH K 5 .  ? -0.489  13.479  -8.629  1.00 23.79 ? 62  HOH A O   1 
HETATM 674 O  O   . HOH K 5 .  ? -5.604  -9.860  -3.823  0.50 17.12 ? 63  HOH A O   1 
HETATM 675 O  O   . HOH K 5 .  ? -10.579 -2.841  -2.476  1.00 34.59 ? 65  HOH A O   1 
HETATM 676 O  O   . HOH K 5 .  ? 4.777   16.778  -8.758  1.00 27.41 ? 66  HOH A O   1 
HETATM 677 O  O   . HOH K 5 .  ? 6.294   -17.431 9.588   1.00 27.16 ? 67  HOH A O   1 
HETATM 678 O  O   . HOH K 5 .  ? -8.719  -7.442  -8.208  1.00 49.12 ? 68  HOH A O   1 
HETATM 679 O  O   . HOH K 5 .  ? -7.009  -5.959  -10.601 1.00 41.20 ? 69  HOH A O   1 
HETATM 680 O  O   . HOH K 5 .  ? 8.902   -15.388 7.567   1.00 32.38 ? 70  HOH A O   1 
HETATM 681 O  O   . HOH K 5 .  ? 1.533   -21.934 7.226   1.00 58.31 ? 71  HOH A O   1 
HETATM 682 O  O   . HOH K 5 .  ? -9.949  17.461  7.037   1.00 29.04 ? 72  HOH A O   1 
HETATM 683 O  O   . HOH K 5 .  ? 0.425   -8.337  -11.342 1.00 14.34 ? 371 HOH A O   1 
HETATM 684 O  O   . HOH K 5 .  ? -0.639  -1.588  4.708   1.00 18.42 ? 372 HOH A O   1 
HETATM 685 O  O   . HOH K 5 .  ? -5.311  9.422   -3.814  1.00 14.04 ? 373 HOH A O   1 
HETATM 686 O  O   . HOH K 5 .  ? 4.253   8.521   -0.391  1.00 13.15 ? 374 HOH A O   1 
HETATM 687 O  O   . HOH L 5 .  ? 8.751   0.139   -9.829  1.00 12.90 ? 13  HOH B O   1 
HETATM 688 O  O   . HOH L 5 .  ? 9.686   1.220   -3.169  1.00 24.33 ? 14  HOH B O   1 
HETATM 689 O  O   . HOH L 5 .  ? 2.399   -6.825  -0.685  1.00 18.65 ? 15  HOH B O   1 
HETATM 690 O  O   . HOH L 5 .  ? 8.309   -5.615  -6.212  1.00 28.48 ? 16  HOH B O   1 
HETATM 691 O  O   . HOH L 5 .  ? 9.281   3.308   -0.162  1.00 27.83 ? 23  HOH B O   1 
HETATM 692 O  O   . HOH L 5 .  ? 10.796  -6.963  -10.406 1.00 28.81 ? 41  HOH B O   1 
HETATM 693 O  O   . HOH L 5 .  ? 9.655   4.785   -2.257  1.00 28.37 ? 43  HOH B O   1 
HETATM 694 O  O   . HOH L 5 .  ? 10.450  3.425   -4.464  1.00 27.66 ? 52  HOH B O   1 
HETATM 695 O  O   . HOH L 5 .  ? 11.144  -5.262  -5.237  1.00 43.00 ? 56  HOH B O   1 
HETATM 696 O  O   . HOH L 5 .  ? 10.749  6.599   3.788   1.00 41.82 ? 64  HOH B O   1 
# 
loop_
_atom_site_anisotrop.id 
_atom_site_anisotrop.type_symbol 
_atom_site_anisotrop.pdbx_label_atom_id 
_atom_site_anisotrop.pdbx_label_alt_id 
_atom_site_anisotrop.pdbx_label_comp_id 
_atom_site_anisotrop.pdbx_label_asym_id 
_atom_site_anisotrop.pdbx_label_seq_id 
_atom_site_anisotrop.pdbx_PDB_ins_code 
_atom_site_anisotrop.U[1][1] 
_atom_site_anisotrop.U[2][2] 
_atom_site_anisotrop.U[3][3] 
_atom_site_anisotrop.U[1][2] 
_atom_site_anisotrop.U[1][3] 
_atom_site_anisotrop.U[2][3] 
_atom_site_anisotrop.pdbx_auth_seq_id 
_atom_site_anisotrop.pdbx_auth_comp_id 
_atom_site_anisotrop.pdbx_auth_asym_id 
_atom_site_anisotrop.pdbx_auth_atom_id 
1   N  N   . GLY A 2  ? 0.2742 0.2588 0.2633 -0.0221 0.0147  -0.0040 299 GLY A N   
2   C  CA  . GLY A 2  ? 0.2614 0.2481 0.2580 -0.0137 0.0094  0.0010  299 GLY A CA  
3   C  C   . GLY A 2  ? 0.2544 0.2478 0.2551 -0.0134 0.0035  0.0014  299 GLY A C   
4   O  O   . GLY A 2  ? 0.2596 0.2530 0.2630 -0.0182 0.0083  -0.0012 299 GLY A O   
5   N  N   . PRO A 3  ? 0.2441 0.2377 0.2476 -0.0037 -0.0050 0.0052  300 PRO A N   
6   C  CA  . PRO A 3  ? 0.2389 0.2293 0.2396 -0.0007 -0.0101 0.0038  300 PRO A CA  
7   C  C   . PRO A 3  ? 0.2355 0.2234 0.2325 -0.0013 -0.0124 0.0019  300 PRO A C   
8   O  O   . PRO A 3  ? 0.2557 0.2221 0.2235 -0.0032 -0.0166 0.0060  300 PRO A O   
9   C  CB  . PRO A 3  ? 0.2303 0.2225 0.2421 0.0000  -0.0139 0.0030  300 PRO A CB  
10  C  CG  . PRO A 3  ? 0.2511 0.2619 0.2485 -0.0115 -0.0072 0.0011  300 PRO A CG  
11  C  CD  . PRO A 3  ? 0.2417 0.2435 0.2472 0.0011  -0.0088 0.0092  300 PRO A CD  
12  N  N   . SER A 4  ? 0.2187 0.2174 0.2242 -0.0001 -0.0160 -0.0029 301 SER A N   
13  C  CA  . SER A 4  ? 0.2146 0.2155 0.2280 0.0005  -0.0156 -0.0034 301 SER A CA  
14  C  C   . SER A 4  ? 0.1950 0.1881 0.2135 -0.0018 -0.0194 -0.0104 301 SER A C   
15  O  O   . SER A 4  ? 0.2066 0.2103 0.2452 0.0062  -0.0206 -0.0161 301 SER A O   
16  C  CB  . SER A 4  ? 0.2180 0.2223 0.2312 0.0046  -0.0127 -0.0013 301 SER A CB  
17  O  OG  . SER A 4  ? 0.2933 0.2795 0.2872 0.0066  -0.0015 0.0153  301 SER A OG  
18  N  N   . CYS A 5  ? 0.1756 0.1667 0.1913 0.0000  -0.0235 -0.0102 302 CYS A N   
19  C  CA  . CYS A 5  ? 0.1780 0.1723 0.1779 -0.0054 -0.0140 -0.0144 302 CYS A CA  
20  C  C   . CYS A 5  ? 0.1740 0.1778 0.1850 -0.0005 -0.0055 -0.0136 302 CYS A C   
21  O  O   . CYS A 5  ? 0.1871 0.1774 0.1913 -0.0054 0.0114  -0.0089 302 CYS A O   
22  C  CB  . CYS A 5  ? 0.1704 0.1746 0.1770 -0.0084 -0.0252 -0.0180 302 CYS A CB  
23  S  SG  . CYS A 5  ? 0.1700 0.1703 0.1711 -0.0040 -0.0169 -0.0055 302 CYS A SG  
24  N  N   . LYS A 6  ? 0.1812 0.1864 0.1904 -0.0004 0.0029  -0.0122 303 LYS A N   
25  C  CA  . LYS A 6  ? 0.1899 0.1833 0.1930 -0.0008 0.0002  -0.0098 303 LYS A CA  
26  C  C   . LYS A 6  ? 0.1816 0.1859 0.1911 0.0067  0.0070  -0.0011 303 LYS A C   
27  O  O   . LYS A 6  ? 0.1808 0.2016 0.1936 -0.0013 0.0076  -0.0083 303 LYS A O   
28  C  CB  . LYS A 6  ? 0.2064 0.1942 0.1911 0.0008  0.0065  -0.0121 303 LYS A CB  
29  C  CG  . LYS A 6  ? 0.2482 0.2395 0.2464 -0.0048 0.0105  -0.0073 303 LYS A CG  
30  C  CD  . LYS A 6  ? 0.3067 0.2710 0.2913 -0.0029 0.0288  -0.0021 303 LYS A CD  
31  C  CE  . LYS A 6  ? 0.3114 0.2970 0.3215 -0.0045 0.0346  0.0083  303 LYS A CE  
32  N  NZ  . LYS A 6  ? 0.3460 0.2991 0.3263 -0.0189 0.0387  0.0161  303 LYS A NZ  
33  N  N   . HIS A 7  ? 0.1677 0.1741 0.1872 0.0020  -0.0002 -0.0091 304 HIS A N   
34  C  CA  . HIS A 7  ? 0.1687 0.1770 0.1767 0.0022  0.0040  -0.0001 304 HIS A CA  
35  C  C   . HIS A 7  ? 0.1593 0.1696 0.1877 -0.0030 0.0021  -0.0059 304 HIS A C   
36  O  O   . HIS A 7  ? 0.2191 0.1902 0.1802 -0.0133 0.0119  -0.0011 304 HIS A O   
37  C  CB  . HIS A 7  ? 0.1549 0.1778 0.1866 -0.0025 -0.0034 -0.0079 304 HIS A CB  
38  C  CG  . HIS A 7  ? 0.1833 0.1716 0.1848 0.0092  0.0011  0.0105  304 HIS A CG  
39  N  ND1 . HIS A 7  ? 0.1418 0.1905 0.2072 0.0212  0.0007  -0.0166 304 HIS A ND1 
40  C  CD2 . HIS A 7  ? 0.1786 0.1977 0.1754 -0.0008 0.0164  -0.0023 304 HIS A CD2 
41  C  CE1 . HIS A 7  ? 0.1420 0.1920 0.1859 0.0190  0.0172  -0.0342 304 HIS A CE1 
42  N  NE2 . HIS A 7  ? 0.1654 0.1849 0.1732 0.0175  -0.0007 -0.0017 304 HIS A NE2 
43  N  N   . CYS A 8  ? 0.1444 0.1409 0.1677 0.0011  -0.0054 -0.0120 305 CYS A N   
44  C  CA  . CYS A 8  ? 0.1359 0.1580 0.1790 -0.0024 -0.0161 -0.0148 305 CYS A CA  
45  C  C   . CYS A 8  ? 0.1334 0.1589 0.1737 -0.0019 -0.0156 -0.0165 305 CYS A C   
46  O  O   . CYS A 8  ? 0.1373 0.1585 0.1900 0.0038  -0.0083 -0.0302 305 CYS A O   
47  C  CB  . CYS A 8  ? 0.1098 0.1799 0.1725 0.0000  -0.0264 -0.0174 305 CYS A CB  
48  S  SG  . CYS A 8  ? 0.1341 0.1701 0.1574 0.0038  -0.0098 -0.0109 305 CYS A SG  
49  N  N   . LYS A 9  ? 0.1462 0.1597 0.1805 -0.0028 -0.0089 -0.0075 306 LYS A N   
50  C  CA  . LYS A 9  ? 0.1520 0.1701 0.1860 -0.0021 -0.0060 0.0024  306 LYS A CA  
51  C  C   . LYS A 9  ? 0.1373 0.1645 0.1861 -0.0079 -0.0057 -0.0044 306 LYS A C   
52  O  O   . LYS A 9  ? 0.1400 0.1718 0.1955 -0.0058 0.0211  -0.0057 306 LYS A O   
53  C  CB  . LYS A 9  ? 0.1535 0.1694 0.1900 0.0001  0.0007  0.0011  306 LYS A CB  
54  C  CG  . LYS A 9  ? 0.1722 0.1888 0.1962 0.0052  0.0127  -0.0031 306 LYS A CG  
55  C  CD  . LYS A 9  ? 0.2049 0.2149 0.1967 0.0035  0.0230  0.0108  306 LYS A CD  
56  C  CE  . LYS A 9  ? 0.2298 0.2156 0.2172 0.0173  0.0363  0.0119  306 LYS A CE  
57  N  NZ  . LYS A 9  ? 0.2436 0.2081 0.2403 0.0119  0.0406  0.0189  306 LYS A NZ  
58  N  N   . ASP A 10 ? 0.1413 0.1582 0.1809 -0.0172 -0.0053 -0.0095 307 ASP A N   
59  C  CA  . ASP A 10 ? 0.1480 0.1591 0.1769 -0.0118 -0.0008 -0.0012 307 ASP A CA  
60  C  C   . ASP A 10 ? 0.1521 0.1714 0.1719 -0.0166 -0.0008 -0.0052 307 ASP A C   
61  O  O   . ASP A 10 ? 0.1693 0.2000 0.1747 -0.0351 0.0057  -0.0167 307 ASP A O   
62  C  CB  . ASP A 10 ? 0.1397 0.1571 0.1725 -0.0034 -0.0043 0.0008  307 ASP A CB  
63  C  CG  . ASP A 10 ? 0.1387 0.1511 0.1945 0.0029  -0.0012 0.0003  307 ASP A CG  
64  O  OD1 . ASP A 10 ? 0.1033 0.1487 0.2119 -0.0145 0.0002  -0.0117 307 ASP A OD1 
65  O  OD2 . ASP A 10 ? 0.1516 0.1949 0.2518 -0.0291 -0.0105 -0.0196 307 ASP A OD2 
66  N  N   . ASP A 11 ? 0.1561 0.1757 0.1749 -0.0191 0.0016  -0.0119 308 ASP A N   
67  C  CA  . ASP A 11 ? 0.1509 0.1673 0.1695 -0.0126 0.0021  -0.0146 308 ASP A CA  
68  C  C   . ASP A 11 ? 0.1509 0.1511 0.1692 -0.0135 -0.0051 -0.0132 308 ASP A C   
69  O  O   . ASP A 11 ? 0.1422 0.1572 0.1988 -0.0206 -0.0060 -0.0319 308 ASP A O   
70  C  CB  . ASP A 11 ? 0.1575 0.1708 0.1638 -0.0118 0.0027  -0.0075 308 ASP A CB  
71  C  CG  . ASP A 11 ? 0.1874 0.1727 0.2040 -0.0129 0.0095  -0.0003 308 ASP A CG  
72  O  OD1 . ASP A 11 ? 0.2158 0.1616 0.1840 -0.0165 0.0051  0.0245  308 ASP A OD1 
73  O  OD2 . ASP A 11 ? 0.2515 0.2393 0.2216 -0.0398 0.0312  0.0013  308 ASP A OD2 
74  N  N   . VAL A 12 ? 0.1555 0.1506 0.1764 -0.0135 -0.0020 -0.0066 309 VAL A N   
75  C  CA  . VAL A 12 ? 0.1664 0.1460 0.1736 -0.0116 -0.0074 0.0044  309 VAL A CA  
76  C  C   . VAL A 12 ? 0.1596 0.1385 0.1559 -0.0149 -0.0185 0.0091  309 VAL A C   
77  O  O   . VAL A 12 ? 0.1900 0.1556 0.1587 -0.0143 -0.0155 0.0212  309 VAL A O   
78  C  CB  . VAL A 12 ? 0.1740 0.1678 0.1907 -0.0166 -0.0024 0.0093  309 VAL A CB  
79  C  CG1 . VAL A 12 ? 0.2039 0.1756 0.1653 0.0017  0.0144  -0.0218 309 VAL A CG1 
80  C  CG2 . VAL A 12 ? 0.2134 0.1897 0.2235 -0.0141 0.0244  0.0265  309 VAL A CG2 
81  N  N   . ASN A 13 ? 0.1518 0.1429 0.1386 -0.0196 -0.0225 0.0132  310 ASN A N   
82  C  CA  . ASN A 13 ? 0.1539 0.1432 0.1560 -0.0178 -0.0230 0.0288  310 ASN A CA  
83  C  C   . ASN A 13 ? 0.1525 0.1349 0.1415 -0.0214 -0.0208 0.0239  310 ASN A C   
84  O  O   . ASN A 13 ? 0.1567 0.1459 0.1457 -0.0060 -0.0138 0.0250  310 ASN A O   
85  C  CB  . ASN A 13 ? 0.1610 0.1470 0.1832 -0.0200 -0.0228 0.0376  310 ASN A CB  
86  C  CG  . ASN A 13 ? 0.1640 0.1401 0.2184 -0.0339 -0.0340 0.0355  310 ASN A CG  
87  O  OD1 . ASN A 13 ? 0.1867 0.1310 0.2198 -0.0251 -0.0225 -0.0075 310 ASN A OD1 
88  N  ND2 . ASN A 13 ? 0.2167 0.1496 0.3263 -0.0114 -0.0462 0.0853  310 ASN A ND2 
89  N  N   . ARG A 14 ? 0.1430 0.1317 0.1514 -0.0147 -0.0059 0.0051  311 ARG A N   
90  C  CA  . ARG A 14 ? 0.1471 0.1603 0.1486 -0.0139 0.0011  0.0075  311 ARG A CA  
91  C  C   . ARG A 14 ? 0.1522 0.1611 0.1487 -0.0167 0.0007  0.0078  311 ARG A C   
92  O  O   . ARG A 14 ? 0.1737 0.1760 0.1610 -0.0285 0.0005  0.0270  311 ARG A O   
93  C  CB  . ARG A 14 ? 0.1588 0.1943 0.1607 -0.0091 0.0114  0.0026  311 ARG A CB  
94  C  CG  . ARG A 14 ? 0.1938 0.2237 0.1621 -0.0069 0.0027  0.0162  311 ARG A CG  
95  C  CD  . ARG A 14 ? 0.2228 0.2401 0.2071 -0.0110 0.0079  0.0111  311 ARG A CD  
96  N  NE  . ARG A 14 ? 0.2298 0.2343 0.2288 -0.0022 0.0013  0.0230  311 ARG A NE  
97  C  CZ  . ARG A 14 ? 0.2444 0.2258 0.2692 0.0067  -0.0114 0.0155  311 ARG A CZ  
98  N  NH1 . ARG A 14 ? 0.2541 0.2485 0.2809 0.0196  -0.0147 0.0267  311 ARG A NH1 
99  N  NH2 . ARG A 14 ? 0.2622 0.2453 0.2394 0.0164  -0.0164 0.0133  311 ARG A NH2 
100 N  N   . LEU A 15 ? 0.1408 0.1382 0.1351 -0.0201 -0.0115 0.0064  312 LEU A N   
101 C  CA  . LEU A 15 ? 0.1457 0.1409 0.1348 -0.0147 -0.0116 0.0012  312 LEU A CA  
102 C  C   . LEU A 15 ? 0.1737 0.1393 0.1442 -0.0156 -0.0055 -0.0035 312 LEU A C   
103 O  O   . LEU A 15 ? 0.1914 0.1583 0.1598 -0.0203 -0.0055 0.0081  312 LEU A O   
104 C  CB  . LEU A 15 ? 0.1482 0.1448 0.1379 -0.0141 -0.0128 -0.0020 312 LEU A CB  
105 C  CG  . LEU A 15 ? 0.1483 0.1525 0.1447 -0.0314 -0.0114 -0.0143 312 LEU A CG  
106 C  CD1 . LEU A 15 ? 0.1431 0.1955 0.1382 -0.0207 -0.0355 -0.0311 312 LEU A CD1 
107 C  CD2 . LEU A 15 ? 0.1747 0.1277 0.1142 0.0006  -0.0057 -0.0200 312 LEU A CD2 
108 N  N   . CYS A 16 ? 0.1347 0.1328 0.1203 -0.0175 -0.0061 0.0060  313 CYS A N   
109 C  CA  . CYS A 16 ? 0.1348 0.1317 0.1374 -0.0038 -0.0061 -0.0128 313 CYS A CA  
110 C  C   . CYS A 16 ? 0.1289 0.1381 0.1361 -0.0112 -0.0016 -0.0091 313 CYS A C   
111 O  O   . CYS A 16 ? 0.1402 0.1395 0.1598 -0.0079 0.0156  -0.0093 313 CYS A O   
112 C  CB  . CYS A 16 ? 0.1328 0.1302 0.1364 0.0028  0.0010  -0.0057 313 CYS A CB  
113 S  SG  . CYS A 16 ? 0.1359 0.1470 0.1499 0.0147  -0.0046 -0.0255 313 CYS A SG  
114 N  N   . ARG A 17 ? 0.1160 0.1357 0.1246 -0.0084 -0.0013 -0.0154 314 ARG A N   
115 C  CA  . ARG A 17 ? 0.1164 0.1353 0.1205 0.0024  -0.0007 -0.0034 314 ARG A CA  
116 C  C   . ARG A 17 ? 0.1111 0.1266 0.1284 -0.0037 0.0036  0.0032  314 ARG A C   
117 O  O   . ARG A 17 ? 0.1136 0.1295 0.1598 -0.0008 -0.0133 -0.0046 314 ARG A O   
118 C  CB  . ARG A 17 ? 0.1179 0.1373 0.1326 0.0008  0.0037  -0.0114 314 ARG A CB  
119 C  CG  . ARG A 17 ? 0.1995 0.1761 0.1748 -0.0189 -0.0174 -0.0211 314 ARG A CG  
120 C  CD  . ARG A 17 ? 0.2489 0.2460 0.2425 0.0007  -0.0151 -0.0087 314 ARG A CD  
121 N  NE  . ARG A 17 ? 0.3526 0.2953 0.3161 0.0038  -0.0175 0.0063  314 ARG A NE  
122 C  CZ  . ARG A 17 ? 0.3870 0.3536 0.3164 0.0018  0.0109  -0.0050 314 ARG A CZ  
123 N  NH1 . ARG A 17 ? 0.4044 0.3712 0.3214 -0.0141 0.0065  0.0140  314 ARG A NH1 
124 N  NH2 . ARG A 17 ? 0.4097 0.3526 0.3484 -0.0165 0.0188  -0.0180 314 ARG A NH2 
125 N  N   . VAL A 18 ? 0.1236 0.1406 0.1321 -0.0054 -0.0105 -0.0018 315 VAL A N   
126 C  CA  . VAL A 18 ? 0.1139 0.1433 0.1455 -0.0083 0.0072  -0.0036 315 VAL A CA  
127 C  C   . VAL A 18 ? 0.1228 0.1562 0.1452 -0.0167 0.0130  0.0013  315 VAL A C   
128 O  O   . VAL A 18 ? 0.1472 0.1632 0.1943 -0.0063 -0.0054 0.0006  315 VAL A O   
129 C  CB  . VAL A 18 ? 0.1092 0.1537 0.1427 -0.0152 0.0118  -0.0060 315 VAL A CB  
130 C  CG1 . VAL A 18 ? 0.0993 0.1749 0.1558 -0.0032 -0.0169 -0.0051 315 VAL A CG1 
131 C  CG2 . VAL A 18 ? 0.1028 0.1996 0.1327 0.0147  0.0282  -0.0125 315 VAL A CG2 
132 N  N   . CYS A 19 ? 0.1085 0.1563 0.1399 -0.0115 0.0213  0.0012  316 CYS A N   
133 C  CA  . CYS A 19 ? 0.0951 0.1598 0.1388 -0.0173 0.0259  0.0058  316 CYS A CA  
134 C  C   . CYS A 19 ? 0.1005 0.1938 0.1504 -0.0136 0.0223  0.0107  316 CYS A C   
135 O  O   . CYS A 19 ? 0.1053 0.2805 0.1579 -0.0261 0.0385  0.0298  316 CYS A O   
136 C  CB  . CYS A 19 ? 0.1105 0.1667 0.1345 -0.0223 0.0233  0.0047  316 CYS A CB  
137 S  SG  . CYS A 19 ? 0.1054 0.1774 0.1527 -0.0251 0.0292  -0.0278 316 CYS A SG  
138 N  N   . ALA A 20 ? 0.0835 0.1822 0.1299 -0.0085 0.0106  0.0006  317 ALA A N   
139 C  CA  . ALA A 20 ? 0.0857 0.1597 0.1339 -0.0028 0.0102  -0.0016 317 ALA A CA  
140 C  C   . ALA A 20 ? 0.1063 0.1430 0.1272 -0.0010 0.0028  -0.0060 317 ALA A C   
141 O  O   . ALA A 20 ? 0.1219 0.1559 0.1421 -0.0101 -0.0074 -0.0082 317 ALA A O   
142 C  CB  . ALA A 20 ? 0.0953 0.1500 0.1414 0.0116  0.0102  -0.0136 317 ALA A CB  
143 N  N   . CYS A 21 ? 0.0784 0.1289 0.1211 0.0012  0.0074  0.0037  318 CYS A N   
144 C  CA  . CYS A 21 ? 0.1054 0.1202 0.1196 0.0049  0.0181  -0.0080 318 CYS A CA  
145 C  C   . CYS A 21 ? 0.1005 0.1164 0.1305 -0.0037 0.0207  -0.0049 318 CYS A C   
146 O  O   . CYS A 21 ? 0.1268 0.1213 0.1408 -0.0049 0.0276  -0.0064 318 CYS A O   
147 C  CB  . CYS A 21 ? 0.1171 0.1345 0.1229 0.0003  0.0188  -0.0110 318 CYS A CB  
148 S  SG  . CYS A 21 ? 0.0870 0.1526 0.1405 0.0227  0.0250  0.0003  318 CYS A SG  
149 N  N   . HIS A 22 ? 0.1084 0.1209 0.1265 -0.0093 0.0345  -0.0013 319 HIS A N   
150 C  CA  . HIS A 22 ? 0.1124 0.1341 0.1302 -0.0105 0.0293  -0.0147 319 HIS A CA  
151 C  C   . HIS A 22 ? 0.1202 0.1575 0.1612 -0.0106 0.0323  -0.0063 319 HIS A C   
152 O  O   . HIS A 22 ? 0.1291 0.1780 0.1771 -0.0184 0.0506  -0.0120 319 HIS A O   
153 C  CB  . HIS A 22 ? 0.1138 0.1273 0.1418 -0.0032 0.0388  -0.0189 319 HIS A CB  
154 C  CG  . HIS A 22 ? 0.0995 0.1391 0.1186 -0.0175 0.0132  -0.0028 319 HIS A CG  
155 N  ND1 . HIS A 22 ? 0.0894 0.1306 0.1355 -0.0183 0.0079  0.0027  319 HIS A ND1 
156 C  CD2 . HIS A 22 ? 0.0858 0.1199 0.1410 -0.0141 0.0129  0.0191  319 HIS A CD2 
157 C  CE1 . HIS A 22 ? 0.1060 0.1236 0.0977 -0.0240 -0.0086 0.0234  319 HIS A CE1 
158 N  NE2 . HIS A 22 ? 0.0913 0.1139 0.1137 -0.0280 0.0036  0.0362  319 HIS A NE2 
159 N  N   . LEU A 23 ? 0.0981 0.1710 0.1703 -0.0064 0.0291  -0.0025 320 LEU A N   
160 C  CA  . LEU A 23 ? 0.1002 0.1897 0.1910 -0.0103 0.0282  -0.0015 320 LEU A CA  
161 C  C   . LEU A 23 ? 0.0929 0.1816 0.1892 -0.0107 0.0275  0.0066  320 LEU A C   
162 O  O   . LEU A 23 ? 0.1043 0.2049 0.2234 -0.0217 0.0392  0.0109  320 LEU A O   
163 C  CB  . LEU A 23 ? 0.0886 0.1906 0.2093 -0.0045 0.0244  -0.0010 320 LEU A CB  
164 C  CG  . LEU A 23 ? 0.1303 0.1932 0.2265 -0.0052 0.0278  0.0195  320 LEU A CG  
165 C  CD1 . LEU A 23 ? 0.1555 0.1665 0.2626 0.0005  0.0019  0.0488  320 LEU A CD1 
166 C  CD2 . LEU A 23 ? 0.1933 0.1885 0.2768 0.0006  0.0711  0.0127  320 LEU A CD2 
167 N  N   . CYS A 24 ? 0.0886 0.1713 0.1936 -0.0086 0.0232  0.0103  321 CYS A N   
168 C  CA  . CYS A 24 ? 0.0775 0.1535 0.1683 -0.0077 0.0304  0.0102  321 CYS A CA  
169 C  C   . CYS A 24 ? 0.0881 0.1564 0.1693 -0.0079 0.0263  0.0098  321 CYS A C   
170 O  O   . CYS A 24 ? 0.0709 0.1664 0.1691 -0.0156 0.0394  0.0156  321 CYS A O   
171 C  CB  . CYS A 24 ? 0.0843 0.1459 0.1743 -0.0171 0.0240  0.0180  321 CYS A CB  
172 S  SG  . CYS A 24 ? 0.0891 0.1622 0.1670 0.0042  0.0148  -0.0076 321 CYS A SG  
173 N  N   . GLY A 25 ? 0.1019 0.1553 0.1574 -0.0091 0.0052  0.0067  322 GLY A N   
174 C  CA  . GLY A 25 ? 0.0893 0.1482 0.1508 -0.0015 0.0113  0.0088  322 GLY A CA  
175 C  C   . GLY A 25 ? 0.0960 0.1527 0.1458 -0.0107 0.0067  0.0089  322 GLY A C   
176 O  O   . GLY A 25 ? 0.1015 0.1492 0.1587 -0.0080 0.0069  0.0211  322 GLY A O   
177 N  N   . GLY A 26 ? 0.1051 0.1548 0.1474 -0.0059 0.0090  0.0089  323 GLY A N   
178 C  CA  . GLY A 26 ? 0.1170 0.1443 0.1355 -0.0083 0.0055  0.0070  323 GLY A CA  
179 C  C   . GLY A 26 ? 0.1161 0.1359 0.1274 -0.0046 -0.0010 0.0089  323 GLY A C   
180 O  O   . GLY A 26 ? 0.1192 0.1385 0.1559 -0.0003 0.0146  0.0079  323 GLY A O   
181 N  N   . ARG A 27 ? 0.1177 0.1273 0.1350 0.0050  -0.0018 0.0104  324 ARG A N   
182 C  CA  . ARG A 27 ? 0.1180 0.1202 0.1350 -0.0010 -0.0127 -0.0011 324 ARG A CA  
183 C  C   . ARG A 27 ? 0.1224 0.1123 0.1519 0.0004  -0.0074 -0.0052 324 ARG A C   
184 O  O   . ARG A 27 ? 0.1117 0.1451 0.1592 -0.0202 -0.0038 -0.0037 324 ARG A O   
185 C  CB  . ARG A 27 ? 0.1147 0.1160 0.1340 0.0007  -0.0220 -0.0051 324 ARG A CB  
186 C  CG  . ARG A 27 ? 0.1636 0.1069 0.1563 -0.0035 -0.0203 -0.0007 324 ARG A CG  
187 C  CD  . ARG A 27 ? 0.2096 0.1175 0.1936 0.0193  -0.0212 -0.0109 324 ARG A CD  
188 N  NE  . ARG A 27 ? 0.2180 0.1518 0.1877 -0.0153 -0.0370 -0.0144 324 ARG A NE  
189 C  CZ  . ARG A 27 ? 0.1974 0.1014 0.1555 -0.0402 -0.0533 -0.0026 324 ARG A CZ  
190 N  NH1 . ARG A 27 ? 0.2560 0.2154 0.1088 -0.0950 0.0123  -0.0190 324 ARG A NH1 
191 N  NH2 . ARG A 27 ? 0.1667 0.2340 0.2001 -0.0471 -0.0264 -0.0258 324 ARG A NH2 
192 N  N   . GLN A 28 ? 0.1300 0.1069 0.1425 -0.0014 0.0005  -0.0086 325 GLN A N   
193 C  CA  . GLN A 28 ? 0.1355 0.1131 0.1422 0.0032  0.0039  -0.0103 325 GLN A CA  
194 C  C   . GLN A 28 ? 0.1485 0.1145 0.1421 0.0166  0.0056  -0.0016 325 GLN A C   
195 O  O   . GLN A 28 ? 0.1625 0.1259 0.1439 0.0141  0.0208  -0.0127 325 GLN A O   
196 C  CB  . GLN A 28 ? 0.1479 0.1559 0.1659 -0.0056 0.0059  -0.0184 325 GLN A CB  
197 C  CG  . GLN A 28 ? 0.1691 0.1808 0.1914 -0.0115 0.0122  -0.0009 325 GLN A CG  
198 C  CD  . GLN A 28 ? 0.1449 0.1727 0.1815 0.0128  0.0226  -0.0049 325 GLN A CD  
199 O  OE1 . GLN A 28 ? 0.1487 0.1680 0.1891 0.0230  0.0491  0.0241  325 GLN A OE1 
200 N  NE2 . GLN A 28 ? 0.1658 0.1491 0.1438 -0.0107 0.0038  -0.0050 325 GLN A NE2 
201 N  N   . ASP A 29 ? 0.1492 0.0881 0.1458 0.0142  0.0021  0.0041  326 ASP A N   
202 C  CA  . ASP A 29 ? 0.1469 0.1056 0.1535 0.0081  -0.0052 0.0061  326 ASP A CA  
203 C  C   . ASP A 29 ? 0.1437 0.1106 0.1519 0.0089  0.0033  -0.0003 326 ASP A C   
204 O  O   . ASP A 29 ? 0.1645 0.1215 0.1853 0.0100  0.0053  -0.0099 326 ASP A O   
205 C  CB  . ASP A 29 ? 0.1428 0.1105 0.1509 0.0168  -0.0035 -0.0101 326 ASP A CB  
206 C  CG  . ASP A 29 ? 0.1485 0.1153 0.1384 0.0218  0.0043  0.0025  326 ASP A CG  
207 O  OD1 . ASP A 29 ? 0.1454 0.1504 0.1681 0.0059  -0.0189 -0.0433 326 ASP A OD1 
208 O  OD2 . ASP A 29 ? 0.1527 0.1349 0.1625 0.0006  -0.0263 -0.0171 326 ASP A OD2 
209 N  N   . PRO A 30 ? 0.1655 0.1191 0.1622 0.0116  -0.0053 -0.0006 327 PRO A N   
210 C  CA  . PRO A 30 ? 0.1630 0.1273 0.1595 0.0085  -0.0071 -0.0078 327 PRO A CA  
211 C  C   . PRO A 30 ? 0.1578 0.1392 0.1570 -0.0011 -0.0042 -0.0154 327 PRO A C   
212 O  O   . PRO A 30 ? 0.1727 0.1312 0.1780 -0.0005 -0.0122 -0.0249 327 PRO A O   
213 C  CB  . PRO A 30 ? 0.1540 0.1317 0.1538 0.0115  -0.0150 -0.0144 327 PRO A CB  
214 C  CG  . PRO A 30 ? 0.1603 0.1284 0.1783 0.0070  -0.0056 -0.0064 327 PRO A CG  
215 C  CD  . PRO A 30 ? 0.1768 0.1205 0.1568 0.0168  -0.0120 -0.0033 327 PRO A CD  
216 N  N   . ASP A 31 ? 0.1657 0.1543 0.1528 -0.0074 0.0029  -0.0021 328 ASP A N   
217 C  CA  . ASP A 31 ? 0.1592 0.1582 0.1509 -0.0182 0.0079  -0.0012 328 ASP A CA  
218 C  C   . ASP A 31 ? 0.1549 0.1433 0.1470 -0.0098 0.0171  0.0193  328 ASP A C   
219 O  O   . ASP A 31 ? 0.1647 0.1597 0.1790 -0.0144 0.0136  0.0205  328 ASP A O   
220 C  CB  . ASP A 31 ? 0.1719 0.1562 0.1488 -0.0180 0.0091  -0.0084 328 ASP A CB  
221 C  CG  . ASP A 31 ? 0.1730 0.1727 0.1764 -0.0297 0.0079  -0.0282 328 ASP A CG  
222 O  OD1 . ASP A 31 ? 0.1938 0.2257 0.1703 -0.0718 0.0220  -0.0418 328 ASP A OD1 
223 O  OD2 . ASP A 31 ? 0.2292 0.1946 0.2343 -0.0286 -0.0383 -0.0255 328 ASP A OD2 
224 N  N   . LYS A 32 ? 0.1511 0.1236 0.1412 -0.0118 0.0187  0.0244  329 LYS A N   
225 C  CA  . LYS A 32 ? 0.1523 0.1440 0.1320 0.0031  0.0113  0.0122  329 LYS A CA  
226 C  C   . LYS A 32 ? 0.1540 0.1307 0.1251 0.0081  0.0087  0.0096  329 LYS A C   
227 O  O   . LYS A 32 ? 0.1689 0.1453 0.1486 0.0163  0.0030  0.0246  329 LYS A O   
228 C  CB  . LYS A 32 ? 0.1497 0.1431 0.1564 -0.0051 0.0000  0.0267  329 LYS A CB  
229 C  CG  . LYS A 32 ? 0.2082 0.1733 0.1744 -0.0015 -0.0077 0.0045  329 LYS A CG  
230 C  CD  . LYS A 32 ? 0.2416 0.2210 0.2083 -0.0157 -0.0187 -0.0048 329 LYS A CD  
231 C  CE  . LYS A 32 ? 0.2926 0.2792 0.2312 -0.0160 -0.0075 0.0061  329 LYS A CE  
232 N  NZ  . LYS A 32 ? 0.3304 0.2909 0.2770 -0.0254 -0.0017 0.0009  329 LYS A NZ  
233 N  N   . GLN A 33 ? 0.1453 0.1266 0.1405 0.0142  0.0082  0.0185  330 GLN A N   
234 C  CA  . GLN A 33 ? 0.1450 0.1251 0.1377 0.0053  0.0130  0.0103  330 GLN A CA  
235 C  C   . GLN A 33 ? 0.1366 0.1328 0.1466 -0.0030 0.0052  0.0152  330 GLN A C   
236 O  O   . GLN A 33 ? 0.1379 0.1454 0.2025 -0.0091 0.0118  0.0114  330 GLN A O   
237 C  CB  . GLN A 33 ? 0.1375 0.1319 0.1345 0.0051  0.0209  0.0188  330 GLN A CB  
238 C  CG  . GLN A 33 ? 0.1320 0.1421 0.1263 0.0093  0.0183  0.0031  330 GLN A CG  
239 C  CD  . GLN A 33 ? 0.2032 0.1420 0.1107 -0.0144 0.0268  0.0067  330 GLN A CD  
240 O  OE1 . GLN A 33 ? 0.2625 0.1823 0.1250 -0.0577 0.0101  0.0105  330 GLN A OE1 
241 N  NE2 . GLN A 33 ? 0.2458 0.1506 0.1269 -0.0272 0.0137  0.0318  330 GLN A NE2 
242 N  N   . LEU A 34 ? 0.1735 0.1398 0.1315 -0.0029 0.0157  0.0177  331 LEU A N   
243 C  CA  . LEU A 34 ? 0.1614 0.1407 0.1327 -0.0081 0.0146  0.0162  331 LEU A CA  
244 C  C   . LEU A 34 ? 0.1565 0.1443 0.1260 -0.0085 0.0174  0.0262  331 LEU A C   
245 O  O   . LEU A 34 ? 0.1812 0.1751 0.1253 -0.0218 0.0226  0.0291  331 LEU A O   
246 C  CB  . LEU A 34 ? 0.1723 0.1480 0.1447 -0.0044 0.0212  0.0259  331 LEU A CB  
247 C  CG  . LEU A 34 ? 0.1567 0.1584 0.1376 -0.0028 0.0055  0.0156  331 LEU A CG  
248 C  CD1 . LEU A 34 ? 0.1566 0.1657 0.1831 0.0012  -0.0193 0.0490  331 LEU A CD1 
249 C  CD2 . LEU A 34 ? 0.1561 0.1810 0.1578 -0.0004 0.0162  0.0241  331 LEU A CD2 
250 N  N   . MET A 35 ? 0.1716 0.1403 0.1270 -0.0174 0.0282  0.0200  332 MET A N   
251 C  CA  . MET A 35 ? 0.1684 0.1454 0.1285 -0.0153 0.0253  0.0176  332 MET A CA  
252 C  C   . MET A 35 ? 0.1716 0.1323 0.1116 -0.0150 0.0279  0.0263  332 MET A C   
253 O  O   . MET A 35 ? 0.2019 0.1571 0.1230 -0.0309 0.0227  0.0371  332 MET A O   
254 C  CB  . MET A 35 ? 0.1751 0.1620 0.1409 -0.0225 0.0201  0.0232  332 MET A CB  
255 C  CG  . MET A 35 ? 0.1764 0.1942 0.1754 -0.0267 0.0314  0.0008  332 MET A CG  
256 S  SD  . MET A 35 ? 0.2000 0.2238 0.2425 -0.0234 0.0630  0.0206  332 MET A SD  
257 C  CE  . MET A 35 ? 0.1700 0.2729 0.1996 -0.0322 0.1053  0.0236  332 MET A CE  
258 N  N   . CYS A 36 ? 0.1763 0.1291 0.0976 -0.0120 0.0369  0.0134  333 CYS A N   
259 C  CA  . CYS A 36 ? 0.1680 0.1334 0.0773 -0.0017 0.0416  0.0077  333 CYS A CA  
260 C  C   . CYS A 36 ? 0.1607 0.1322 0.0834 0.0031  0.0343  0.0093  333 CYS A C   
261 O  O   . CYS A 36 ? 0.1984 0.1462 0.0823 0.0015  0.0340  0.0116  333 CYS A O   
262 C  CB  . CYS A 36 ? 0.1719 0.1580 0.0818 -0.0041 0.0569  0.0045  333 CYS A CB  
263 S  SG  . CYS A 36 ? 0.2206 0.1707 0.0352 -0.0060 0.0438  -0.0039 333 CYS A SG  
264 N  N   . ASP A 37 ? 0.1494 0.1419 0.0678 -0.0088 0.0224  -0.0040 334 ASP A N   
265 C  CA  . ASP A 37 ? 0.1377 0.1405 0.0695 -0.0009 0.0174  0.0015  334 ASP A CA  
266 C  C   . ASP A 37 ? 0.1414 0.1657 0.0799 -0.0010 0.0193  -0.0024 334 ASP A C   
267 O  O   . ASP A 37 ? 0.1593 0.1903 0.0735 -0.0016 0.0333  -0.0246 334 ASP A O   
268 C  CB  . ASP A 37 ? 0.1413 0.1548 0.0863 -0.0033 0.0236  -0.0051 334 ASP A CB  
269 C  CG  . ASP A 37 ? 0.1121 0.1442 0.0719 0.0005  0.0307  0.0033  334 ASP A CG  
270 O  OD1 . ASP A 37 ? 0.1398 0.1851 0.1520 0.0148  0.0529  0.0398  334 ASP A OD1 
271 O  OD2 . ASP A 37 ? 0.1405 0.1569 0.1216 -0.0084 -0.0085 -0.0037 334 ASP A OD2 
272 N  N   . GLU A 38 ? 0.1624 0.1677 0.0713 -0.0010 0.0164  0.0023  335 GLU A N   
273 C  CA  . GLU A 38 ? 0.1673 0.1755 0.0704 0.0078  0.0123  -0.0006 335 GLU A CA  
274 C  C   . GLU A 38 ? 0.1665 0.1701 0.0778 0.0085  0.0163  0.0010  335 GLU A C   
275 O  O   . GLU A 38 ? 0.1788 0.1823 0.0735 0.0192  0.0077  0.0228  335 GLU A O   
276 C  CB  . GLU A 38 ? 0.1721 0.1717 0.0729 0.0095  0.0180  -0.0030 335 GLU A CB  
277 C  CG  . GLU A 38 ? 0.1993 0.1968 0.0826 0.0073  0.0232  0.0020  335 GLU A CG  
278 C  CD  . GLU A 38 ? 0.2411 0.2142 0.1480 -0.0156 0.0236  0.0056  335 GLU A CD  
279 O  OE1 . GLU A 38 ? 0.3141 0.2255 0.1698 -0.0328 0.0448  0.0067  335 GLU A OE1 
280 O  OE2 . GLU A 38 ? 0.2763 0.2676 0.1813 -0.0131 0.0165  0.0106  335 GLU A OE2 
281 N  N   . CYS A 39 ? 0.1814 0.1530 0.0672 0.0115  0.0184  -0.0005 336 CYS A N   
282 C  CA  . CYS A 39 ? 0.1910 0.1551 0.0554 0.0077  0.0181  0.0040  336 CYS A CA  
283 C  C   . CYS A 39 ? 0.1917 0.1524 0.0789 0.0089  0.0164  -0.0005 336 CYS A C   
284 O  O   . CYS A 39 ? 0.2077 0.1543 0.0819 0.0126  0.0313  0.0000  336 CYS A O   
285 C  CB  . CYS A 39 ? 0.1916 0.1581 0.0534 0.0099  0.0195  0.0111  336 CYS A CB  
286 S  SG  . CYS A 39 ? 0.2610 0.1871 0.0329 0.0074  0.0416  0.0067  336 CYS A SG  
287 N  N   . ASP A 40 ? 0.1867 0.1410 0.0916 0.0063  0.0252  -0.0020 337 ASP A N   
288 C  CA  . ASP A 40 ? 0.1782 0.1531 0.1103 0.0035  0.0232  -0.0007 337 ASP A CA  
289 C  C   . ASP A 40 ? 0.1728 0.1564 0.0942 0.0020  0.0143  0.0026  337 ASP A C   
290 O  O   . ASP A 40 ? 0.1721 0.1617 0.1237 0.0118  0.0113  -0.0080 337 ASP A O   
291 C  CB  . ASP A 40 ? 0.1846 0.1584 0.1136 -0.0021 0.0240  0.0005  337 ASP A CB  
292 C  CG  . ASP A 40 ? 0.1960 0.1642 0.1253 -0.0138 0.0339  -0.0028 337 ASP A CG  
293 O  OD1 . ASP A 40 ? 0.2554 0.2463 0.1539 -0.0036 0.0265  0.0257  337 ASP A OD1 
294 O  OD2 . ASP A 40 ? 0.2041 0.1747 0.1438 -0.0391 0.0276  -0.0081 337 ASP A OD2 
295 N  N   . MET A 41 ? 0.1669 0.1452 0.0758 -0.0061 0.0189  -0.0026 338 MET A N   
296 C  CA  . MET A 41 ? 0.1617 0.1440 0.0757 -0.0086 0.0154  0.0067  338 MET A CA  
297 C  C   . MET A 41 ? 0.1525 0.1345 0.0818 -0.0064 0.0194  0.0174  338 MET A C   
298 O  O   . MET A 41 ? 0.1260 0.1280 0.0759 -0.0042 0.0334  0.0087  338 MET A O   
299 C  CB  . MET A 41 ? 0.1662 0.1625 0.0623 -0.0149 0.0237  -0.0066 338 MET A CB  
300 C  CG  . MET A 41 ? 0.2131 0.1965 0.0748 -0.0188 0.0424  0.0025  338 MET A CG  
301 S  SD  . MET A 41 ? 0.1352 0.2616 0.2097 -0.0328 0.0641  -0.0076 338 MET A SD  
302 C  CE  . MET A 41 ? 0.1711 0.1010 0.0281 -0.0556 0.0130  -0.0143 338 MET A CE  
303 N  N   . ALA A 42 ? 0.1626 0.1281 0.1264 -0.0248 0.0048  0.0347  339 ALA A N   
304 C  CA  . ALA A 42 ? 0.1566 0.1214 0.1349 -0.0176 0.0027  0.0304  339 ALA A CA  
305 C  C   . ALA A 42 ? 0.1645 0.1233 0.1192 -0.0195 0.0025  0.0212  339 ALA A C   
306 O  O   . ALA A 42 ? 0.1593 0.1107 0.1177 -0.0396 0.0024  0.0139  339 ALA A O   
307 C  CB  . ALA A 42 ? 0.1696 0.1321 0.1510 -0.0071 0.0074  0.0242  339 ALA A CB  
308 N  N   . PHE A 43 ? 0.1503 0.1201 0.1121 -0.0150 0.0060  0.0221  340 PHE A N   
309 C  CA  . PHE A 43 ? 0.1535 0.1227 0.1229 -0.0005 0.0037  0.0194  340 PHE A CA  
310 C  C   . PHE A 43 ? 0.1655 0.1341 0.1294 0.0005  0.0031  0.0095  340 PHE A C   
311 O  O   . PHE A 43 ? 0.1684 0.1279 0.1280 -0.0053 0.0021  0.0116  340 PHE A O   
312 C  CB  . PHE A 43 ? 0.1711 0.1300 0.1345 0.0014  0.0095  0.0191  340 PHE A CB  
313 C  CG  . PHE A 43 ? 0.1569 0.1302 0.1334 0.0001  0.0005  0.0013  340 PHE A CG  
314 C  CD1 . PHE A 43 ? 0.1670 0.1131 0.1217 0.0114  0.0015  0.0156  340 PHE A CD1 
315 C  CD2 . PHE A 43 ? 0.1431 0.1262 0.1595 -0.0214 0.0089  0.0086  340 PHE A CD2 
316 C  CE1 . PHE A 43 ? 0.1563 0.1262 0.1471 -0.0109 0.0175  0.0070  340 PHE A CE1 
317 C  CE2 . PHE A 43 ? 0.1221 0.1036 0.1705 -0.0083 -0.0125 -0.0060 340 PHE A CE2 
318 C  CZ  . PHE A 43 ? 0.1469 0.0986 0.1712 -0.0100 0.0120  -0.0083 340 PHE A CZ  
319 N  N   . HIS A 44 ? 0.1635 0.1310 0.1147 0.0122  -0.0092 0.0185  341 HIS A N   
320 C  CA  . HIS A 44 ? 0.1560 0.1309 0.1131 0.0123  -0.0095 0.0136  341 HIS A CA  
321 C  C   . HIS A 44 ? 0.1755 0.1388 0.1274 0.0158  -0.0015 0.0080  341 HIS A C   
322 O  O   . HIS A 44 ? 0.1539 0.1570 0.1150 0.0284  -0.0095 0.0183  341 HIS A O   
323 C  CB  . HIS A 44 ? 0.1584 0.1481 0.1165 0.0084  -0.0088 0.0083  341 HIS A CB  
324 C  CG  . HIS A 44 ? 0.1502 0.1563 0.1153 -0.0075 0.0102  0.0131  341 HIS A CG  
325 N  ND1 . HIS A 44 ? 0.1140 0.1435 0.1317 -0.0260 -0.0083 0.0018  341 HIS A ND1 
326 C  CD2 . HIS A 44 ? 0.1548 0.1661 0.1198 0.0050  0.0117  0.0021  341 HIS A CD2 
327 C  CE1 . HIS A 44 ? 0.1299 0.1079 0.0991 0.0036  0.0025  -0.0038 341 HIS A CE1 
328 N  NE2 . HIS A 44 ? 0.1428 0.1420 0.1285 -0.0006 0.0313  -0.0015 341 HIS A NE2 
329 N  N   . ILE A 45 ? 0.1654 0.1466 0.1383 0.0187  0.0016  0.0032  342 ILE A N   
330 C  CA  . ILE A 45 ? 0.1733 0.1462 0.1413 0.0139  0.0037  0.0025  342 ILE A CA  
331 C  C   . ILE A 45 ? 0.1622 0.1326 0.1318 0.0220  -0.0025 0.0066  342 ILE A C   
332 O  O   . ILE A 45 ? 0.1613 0.1456 0.1561 0.0225  -0.0105 0.0096  342 ILE A O   
333 C  CB  . ILE A 45 ? 0.1782 0.1402 0.1351 0.0061  0.0053  0.0086  342 ILE A CB  
334 C  CG1 . ILE A 45 ? 0.2047 0.1565 0.1551 0.0022  0.0137  0.0102  342 ILE A CG1 
335 C  CG2 . ILE A 45 ? 0.1808 0.1682 0.2029 -0.0072 -0.0113 0.0060  342 ILE A CG2 
336 C  CD1 . ILE A 45 ? 0.2379 0.1675 0.1532 -0.0213 0.0408  -0.0124 342 ILE A CD1 
337 N  N   . TYR A 46 ? 0.1570 0.1401 0.1271 0.0151  -0.0047 0.0177  343 TYR A N   
338 C  CA  . TYR A 46 ? 0.1514 0.1344 0.1366 0.0154  -0.0034 0.0071  343 TYR A CA  
339 C  C   . TYR A 46 ? 0.1487 0.1443 0.1306 0.0166  -0.0089 0.0120  343 TYR A C   
340 O  O   . TYR A 46 ? 0.1523 0.1696 0.1415 0.0133  0.0003  -0.0005 343 TYR A O   
341 C  CB  . TYR A 46 ? 0.1590 0.1494 0.1298 0.0085  -0.0026 0.0075  343 TYR A CB  
342 C  CG  . TYR A 46 ? 0.1240 0.1495 0.1217 0.0116  0.0193  0.0239  343 TYR A CG  
343 C  CD1 . TYR A 46 ? 0.1355 0.1543 0.1567 0.0124  0.0166  0.0275  343 TYR A CD1 
344 C  CD2 . TYR A 46 ? 0.1354 0.1720 0.1339 0.0056  0.0315  0.0204  343 TYR A CD2 
345 C  CE1 . TYR A 46 ? 0.1310 0.1468 0.1018 -0.0045 0.0259  0.0240  343 TYR A CE1 
346 C  CE2 . TYR A 46 ? 0.1422 0.1747 0.1638 0.0028  0.0229  0.0002  343 TYR A CE2 
347 C  CZ  . TYR A 46 ? 0.1289 0.1282 0.1206 0.0109  -0.0084 -0.0156 343 TYR A CZ  
348 O  OH  . TYR A 46 ? 0.1478 0.1277 0.1603 0.0140  0.0141  0.0148  343 TYR A OH  
349 N  N   . CYS A 47 ? 0.1279 0.1439 0.1316 0.0162  -0.0174 -0.0010 344 CYS A N   
350 C  CA  . CYS A 47 ? 0.1283 0.1440 0.1517 0.0169  -0.0120 0.0045  344 CYS A CA  
351 C  C   . CYS A 47 ? 0.1358 0.1412 0.1550 0.0133  -0.0107 0.0010  344 CYS A C   
352 O  O   . CYS A 47 ? 0.1558 0.1662 0.1838 0.0196  -0.0114 0.0086  344 CYS A O   
353 C  CB  . CYS A 47 ? 0.1178 0.1460 0.1519 0.0092  -0.0152 0.0046  344 CYS A CB  
354 S  SG  . CYS A 47 ? 0.1447 0.1957 0.1395 0.0217  -0.0460 -0.0287 344 CYS A SG  
355 N  N   . LEU A 48 ? 0.1451 0.1610 0.1637 0.0063  -0.0015 -0.0071 345 LEU A N   
356 C  CA  . LEU A 48 ? 0.1498 0.1511 0.1661 0.0031  -0.0055 0.0032  345 LEU A CA  
357 C  C   . LEU A 48 ? 0.1473 0.1614 0.1641 0.0001  0.0002  -0.0025 345 LEU A C   
358 O  O   . LEU A 48 ? 0.1613 0.1582 0.1563 -0.0169 0.0043  0.0010  345 LEU A O   
359 C  CB  . LEU A 48 ? 0.1633 0.1620 0.1724 0.0022  0.0039  -0.0030 345 LEU A CB  
360 C  CG  . LEU A 48 ? 0.1600 0.1331 0.1780 0.0012  -0.0048 -0.0026 345 LEU A CG  
361 C  CD1 . LEU A 48 ? 0.1692 0.1709 0.1890 -0.0234 -0.0240 -0.0107 345 LEU A CD1 
362 C  CD2 . LEU A 48 ? 0.2058 0.1344 0.1841 -0.0097 -0.0053 0.0147  345 LEU A CD2 
363 N  N   . ASP A 49 ? 0.1703 0.1758 0.1774 -0.0052 -0.0036 -0.0084 346 ASP A N   
364 C  CA  . ASP A 49 ? 0.1749 0.1712 0.1838 -0.0043 -0.0037 -0.0072 346 ASP A CA  
365 C  C   . ASP A 49 ? 0.1764 0.1692 0.1807 -0.0058 -0.0060 -0.0054 346 ASP A C   
366 O  O   . ASP A 49 ? 0.2052 0.1845 0.1925 -0.0071 -0.0082 -0.0055 346 ASP A O   
367 C  CB  . ASP A 49 ? 0.1959 0.1907 0.1903 -0.0094 0.0002  -0.0044 346 ASP A CB  
368 C  CG  . ASP A 49 ? 0.2333 0.2128 0.2241 -0.0104 -0.0004 -0.0115 346 ASP A CG  
369 O  OD1 . ASP A 49 ? 0.3139 0.3050 0.2507 -0.0104 -0.0166 -0.0320 346 ASP A OD1 
370 O  OD2 . ASP A 49 ? 0.3215 0.2736 0.2430 0.0005  0.0100  -0.0115 346 ASP A OD2 
371 N  N   . PRO A 50 ? 0.1759 0.1527 0.1766 -0.0037 -0.0096 -0.0012 347 PRO A N   
372 C  CA  . PRO A 50 ? 0.1659 0.1515 0.1719 -0.0076 -0.0164 -0.0057 347 PRO A CA  
373 C  C   . PRO A 50 ? 0.1590 0.1600 0.1718 -0.0038 -0.0186 -0.0110 347 PRO A C   
374 O  O   . PRO A 50 ? 0.1663 0.1504 0.1720 0.0009  -0.0218 -0.0167 347 PRO A O   
375 C  CB  . PRO A 50 ? 0.1627 0.1443 0.1726 -0.0032 -0.0168 -0.0034 347 PRO A CB  
376 C  CG  . PRO A 50 ? 0.2015 0.1598 0.1706 -0.0182 -0.0058 -0.0085 347 PRO A CG  
377 C  CD  . PRO A 50 ? 0.1811 0.1440 0.1752 0.0017  -0.0152 0.0030  347 PRO A CD  
378 N  N   . PRO A 51 ? 0.1551 0.1648 0.1667 0.0005  -0.0201 -0.0124 348 PRO A N   
379 C  CA  . PRO A 51 ? 0.1695 0.1633 0.1652 0.0138  -0.0208 0.0082  348 PRO A CA  
380 C  C   . PRO A 51 ? 0.1712 0.1765 0.1757 0.0132  -0.0140 0.0075  348 PRO A C   
381 O  O   . PRO A 51 ? 0.1820 0.1919 0.1996 0.0268  -0.0096 0.0259  348 PRO A O   
382 C  CB  . PRO A 51 ? 0.1769 0.1810 0.1602 0.0088  -0.0251 0.0019  348 PRO A CB  
383 C  CG  . PRO A 51 ? 0.1776 0.1738 0.1634 0.0076  -0.0232 0.0052  348 PRO A CG  
384 C  CD  . PRO A 51 ? 0.1509 0.1586 0.1722 0.0006  -0.0282 0.0000  348 PRO A CD  
385 N  N   . LEU A 52 ? 0.1766 0.1807 0.1726 0.0125  -0.0014 0.0067  349 LEU A N   
386 C  CA  . LEU A 52 ? 0.1910 0.1809 0.1746 0.0064  -0.0007 0.0026  349 LEU A CA  
387 C  C   . LEU A 52 ? 0.1930 0.1811 0.1725 0.0025  -0.0032 0.0016  349 LEU A C   
388 O  O   . LEU A 52 ? 0.2095 0.1991 0.1773 0.0155  -0.0080 0.0002  349 LEU A O   
389 C  CB  . LEU A 52 ? 0.1869 0.1750 0.1847 0.0084  0.0010  -0.0022 349 LEU A CB  
390 C  CG  . LEU A 52 ? 0.1834 0.1883 0.1770 0.0272  0.0108  -0.0083 349 LEU A CG  
391 C  CD1 . LEU A 52 ? 0.2082 0.1907 0.2233 0.0183  -0.0109 -0.0342 349 LEU A CD1 
392 C  CD2 . LEU A 52 ? 0.2356 0.1564 0.2269 0.0444  0.0012  -0.0207 349 LEU A CD2 
393 N  N   . SER A 53 ? 0.2164 0.1975 0.1887 -0.0061 0.0056  0.0056  350 SER A N   
394 C  CA  . SER A 53 ? 0.2187 0.1980 0.2084 -0.0023 0.0074  0.0033  350 SER A CA  
395 C  C   . SER A 53 ? 0.2221 0.2010 0.2088 -0.0014 0.0018  0.0001  350 SER A C   
396 O  O   . SER A 53 ? 0.2330 0.2036 0.2206 -0.0018 0.0073  -0.0037 350 SER A O   
397 C  CB  . SER A 53 ? 0.2229 0.2088 0.2119 -0.0043 0.0033  -0.0029 350 SER A CB  
398 O  OG  . SER A 53 ? 0.2497 0.2466 0.2828 -0.0056 0.0019  -0.0005 350 SER A OG  
399 N  N   . SER A 54 ? 0.2203 0.2128 0.2080 0.0034  -0.0066 0.0025  351 SER A N   
400 C  CA  . SER A 54 ? 0.2194 0.2209 0.2131 -0.0015 -0.0036 -0.0053 351 SER A CA  
401 C  C   . SER A 54 ? 0.2125 0.2177 0.1954 0.0001  -0.0037 0.0019  351 SER A C   
402 O  O   . SER A 54 ? 0.2001 0.2059 0.1960 -0.0110 0.0049  0.0118  351 SER A O   
403 C  CB  . SER A 54 ? 0.2209 0.2391 0.2334 -0.0043 -0.0067 -0.0020 351 SER A CB  
404 O  OG  . SER A 54 ? 0.2541 0.2673 0.2582 0.0002  -0.0018 -0.0177 351 SER A OG  
405 N  N   . VAL A 55 ? 0.2122 0.2114 0.1907 0.0054  -0.0088 -0.0036 352 VAL A N   
406 C  CA  . VAL A 55 ? 0.2154 0.2105 0.1903 0.0110  -0.0040 -0.0078 352 VAL A CA  
407 C  C   . VAL A 55 ? 0.2136 0.2088 0.1918 0.0075  -0.0056 -0.0003 352 VAL A C   
408 O  O   . VAL A 55 ? 0.2079 0.2336 0.1885 0.0065  -0.0128 -0.0088 352 VAL A O   
409 C  CB  . VAL A 55 ? 0.2193 0.2231 0.1897 0.0109  -0.0047 -0.0070 352 VAL A CB  
410 C  CG1 . VAL A 55 ? 0.2251 0.2211 0.1832 0.0061  -0.0057 -0.0127 352 VAL A CG1 
411 C  CG2 . VAL A 55 ? 0.2233 0.2245 0.1879 0.0276  0.0061  -0.0213 352 VAL A CG2 
412 N  N   . PRO A 56 ? 0.1988 0.1987 0.2008 0.0174  -0.0062 -0.0007 353 PRO A N   
413 C  CA  . PRO A 56 ? 0.1973 0.2062 0.2160 0.0040  0.0034  -0.0036 353 PRO A CA  
414 C  C   . PRO A 56 ? 0.1959 0.2273 0.2254 0.0077  0.0047  -0.0099 353 PRO A C   
415 O  O   . PRO A 56 ? 0.1941 0.2368 0.2390 0.0048  0.0092  -0.0144 353 PRO A O   
416 C  CB  . PRO A 56 ? 0.1950 0.2048 0.2220 0.0129  0.0026  -0.0012 353 PRO A CB  
417 C  CG  . PRO A 56 ? 0.2049 0.1834 0.1917 0.0142  0.0040  0.0042  353 PRO A CG  
418 C  CD  . PRO A 56 ? 0.2109 0.1956 0.2100 0.0172  -0.0035 -0.0017 353 PRO A CD  
419 N  N   . SER A 57 ? 0.1937 0.2365 0.2157 -0.0016 0.0085  -0.0161 354 SER A N   
420 C  CA  . SER A 57 ? 0.1999 0.2194 0.2166 -0.0046 0.0009  -0.0186 354 SER A CA  
421 C  C   . SER A 57 ? 0.1906 0.2074 0.2098 -0.0044 0.0012  -0.0112 354 SER A C   
422 O  O   . SER A 57 ? 0.2012 0.2111 0.2024 0.0108  -0.0060 -0.0153 354 SER A O   
423 C  CB  . SER A 57 ? 0.2041 0.2422 0.2215 -0.0102 -0.0015 -0.0255 354 SER A CB  
424 O  OG  . SER A 57 ? 0.2527 0.3112 0.2694 -0.0100 -0.0177 -0.0484 354 SER A OG  
425 N  N   . GLU A 58 ? 0.1907 0.1898 0.1929 -0.0084 0.0025  -0.0024 355 GLU A N   
426 C  CA  . GLU A 58 ? 0.1836 0.1861 0.1985 -0.0059 0.0016  -0.0011 355 GLU A CA  
427 C  C   . GLU A 58 ? 0.1856 0.1785 0.2020 -0.0078 0.0034  0.0037  355 GLU A C   
428 O  O   . GLU A 58 ? 0.1842 0.1691 0.2224 -0.0115 -0.0015 -0.0073 355 GLU A O   
429 C  CB  . GLU A 58 ? 0.1717 0.1869 0.1899 -0.0038 0.0039  0.0067  355 GLU A CB  
430 C  CG  . GLU A 58 ? 0.1551 0.2125 0.1865 -0.0055 0.0034  0.0047  355 GLU A CG  
431 C  CD  . GLU A 58 ? 0.1896 0.2112 0.1751 0.0090  -0.0007 -0.0031 355 GLU A CD  
432 O  OE1 . GLU A 58 ? 0.2058 0.2317 0.1993 0.0242  0.0211  -0.0022 355 GLU A OE1 
433 O  OE2 . GLU A 58 ? 0.2109 0.2422 0.1593 0.0276  0.0317  0.0117  355 GLU A OE2 
434 N  N   . ASP A 59 ? 0.1936 0.1838 0.2026 -0.0030 0.0000  0.0048  356 ASP A N   
435 C  CA  . ASP A 59 ? 0.1954 0.1917 0.1976 -0.0027 -0.0035 0.0026  356 ASP A CA  
436 C  C   . ASP A 59 ? 0.1893 0.1925 0.2091 0.0034  -0.0040 0.0061  356 ASP A C   
437 O  O   . ASP A 59 ? 0.2146 0.2156 0.2280 0.0013  0.0050  0.0104  356 ASP A O   
438 C  CB  . ASP A 59 ? 0.2046 0.1996 0.2054 -0.0091 -0.0065 0.0008  356 ASP A CB  
439 C  CG  . ASP A 59 ? 0.2441 0.2085 0.1934 -0.0209 0.0108  0.0020  356 ASP A CG  
440 O  OD1 . ASP A 59 ? 0.3189 0.2137 0.2034 -0.0502 0.0731  0.0149  356 ASP A OD1 
441 O  OD2 . ASP A 59 ? 0.3049 0.2042 0.1624 -0.0397 -0.0069 -0.0274 356 ASP A OD2 
442 N  N   . GLU A 60 ? 0.1797 0.1843 0.1909 0.0072  -0.0069 0.0023  357 GLU A N   
443 C  CA  . GLU A 60 ? 0.1676 0.1941 0.1919 0.0037  -0.0139 0.0040  357 GLU A CA  
444 C  C   . GLU A 60 ? 0.1483 0.1708 0.1644 0.0066  -0.0197 0.0021  357 GLU A C   
445 O  O   . GLU A 60 ? 0.1816 0.1949 0.1890 -0.0013 -0.0217 0.0280  357 GLU A O   
446 C  CB  . GLU A 60 ? 0.1758 0.2049 0.2061 0.0044  -0.0117 0.0037  357 GLU A CB  
447 C  CG  . GLU A 60 ? 0.1884 0.2543 0.2286 -0.0022 -0.0096 0.0014  357 GLU A CG  
448 C  CD  . GLU A 60 ? 0.2021 0.2769 0.2671 0.0188  0.0004  -0.0160 357 GLU A CD  
449 O  OE1 . GLU A 60 ? 0.1868 0.3247 0.3040 0.0147  0.0069  -0.0113 357 GLU A OE1 
450 O  OE2 . GLU A 60 ? 0.2301 0.3014 0.3221 0.0423  -0.0227 0.0107  357 GLU A OE2 
451 N  N   . TRP A 61 ? 0.1406 0.1762 0.1239 -0.0001 -0.0160 -0.0080 358 TRP A N   
452 C  CA  . TRP A 61 ? 0.1332 0.1430 0.1031 -0.0009 -0.0165 -0.0121 358 TRP A CA  
453 C  C   . TRP A 61 ? 0.1519 0.1400 0.0994 -0.0043 -0.0140 -0.0225 358 TRP A C   
454 O  O   . TRP A 61 ? 0.1567 0.1417 0.0928 -0.0095 -0.0219 -0.0200 358 TRP A O   
455 C  CB  . TRP A 61 ? 0.1318 0.1654 0.0994 -0.0039 -0.0164 -0.0191 358 TRP A CB  
456 C  CG  . TRP A 61 ? 0.1387 0.1442 0.0867 -0.0040 -0.0255 -0.0145 358 TRP A CG  
457 C  CD1 . TRP A 61 ? 0.1577 0.1187 0.0964 -0.0010 -0.0219 -0.0090 358 TRP A CD1 
458 C  CD2 . TRP A 61 ? 0.1704 0.1431 0.0723 -0.0036 -0.0233 -0.0154 358 TRP A CD2 
459 N  NE1 . TRP A 61 ? 0.1564 0.0958 0.1041 -0.0009 -0.0282 -0.0006 358 TRP A NE1 
460 C  CE2 . TRP A 61 ? 0.1465 0.1292 0.1074 -0.0005 -0.0218 0.0069  358 TRP A CE2 
461 C  CE3 . TRP A 61 ? 0.1798 0.1506 0.0618 -0.0210 -0.0184 0.0022  358 TRP A CE3 
462 C  CZ2 . TRP A 61 ? 0.1675 0.1570 0.0888 -0.0011 0.0027  0.0037  358 TRP A CZ2 
463 C  CZ3 . TRP A 61 ? 0.1956 0.1577 0.0887 -0.0081 -0.0111 0.0053  358 TRP A CZ3 
464 C  CH2 . TRP A 61 ? 0.1654 0.1301 0.1128 -0.0245 -0.0033 0.0096  358 TRP A CH2 
465 N  N   . TYR A 62 ? 0.1555 0.1462 0.0892 -0.0151 -0.0126 -0.0136 359 TYR A N   
466 C  CA  . TYR A 62 ? 0.1712 0.1589 0.1115 -0.0161 -0.0058 -0.0062 359 TYR A CA  
467 C  C   . TYR A 62 ? 0.1716 0.1479 0.1144 -0.0131 -0.0054 -0.0038 359 TYR A C   
468 O  O   . TYR A 62 ? 0.1768 0.1332 0.1202 -0.0029 -0.0012 0.0069  359 TYR A O   
469 C  CB  . TYR A 62 ? 0.1789 0.1666 0.1148 -0.0129 -0.0010 -0.0066 359 TYR A CB  
470 C  CG  . TYR A 62 ? 0.1997 0.1700 0.1165 -0.0251 -0.0080 -0.0188 359 TYR A CG  
471 C  CD1 . TYR A 62 ? 0.1927 0.1781 0.1170 -0.0129 -0.0044 0.0005  359 TYR A CD1 
472 C  CD2 . TYR A 62 ? 0.1887 0.1385 0.1324 -0.0378 -0.0107 -0.0204 359 TYR A CD2 
473 C  CE1 . TYR A 62 ? 0.1807 0.1537 0.0911 -0.0120 0.0144  -0.0336 359 TYR A CE1 
474 C  CE2 . TYR A 62 ? 0.1843 0.1462 0.1182 -0.0283 -0.0002 -0.0228 359 TYR A CE2 
475 C  CZ  . TYR A 62 ? 0.1615 0.1319 0.1085 -0.0202 -0.0061 -0.0324 359 TYR A CZ  
476 O  OH  . TYR A 62 ? 0.1518 0.1841 0.1374 -0.0337 0.0185  -0.0321 359 TYR A OH  
477 N  N   . CYS A 63 ? 0.1917 0.1569 0.1058 -0.0033 -0.0035 0.0080  360 CYS A N   
478 C  CA  . CYS A 63 ? 0.1971 0.1573 0.1129 -0.0012 -0.0067 0.0124  360 CYS A CA  
479 C  C   . CYS A 63 ? 0.2069 0.1627 0.1271 -0.0021 -0.0001 0.0239  360 CYS A C   
480 O  O   . CYS A 63 ? 0.2095 0.1688 0.1377 0.0029  0.0131  0.0154  360 CYS A O   
481 C  CB  . CYS A 63 ? 0.1984 0.1478 0.1202 0.0040  -0.0139 0.0062  360 CYS A CB  
482 S  SG  . CYS A 63 ? 0.2415 0.1797 0.1102 0.0288  -0.0108 0.0102  360 CYS A SG  
483 N  N   . PRO A 64 ? 0.2054 0.1710 0.1416 -0.0010 0.0011  0.0245  361 PRO A N   
484 C  CA  . PRO A 64 ? 0.2049 0.1836 0.1555 0.0000  0.0070  0.0215  361 PRO A CA  
485 C  C   . PRO A 64 ? 0.2104 0.1953 0.1663 0.0023  0.0042  0.0197  361 PRO A C   
486 O  O   . PRO A 64 ? 0.2033 0.2090 0.1666 -0.0011 0.0077  0.0153  361 PRO A O   
487 C  CB  . PRO A 64 ? 0.2089 0.1875 0.1629 -0.0040 0.0064  0.0226  361 PRO A CB  
488 C  CG  . PRO A 64 ? 0.2117 0.1906 0.1838 -0.0059 0.0069  0.0135  361 PRO A CG  
489 C  CD  . PRO A 64 ? 0.2107 0.1803 0.1385 -0.0049 -0.0004 0.0262  361 PRO A CD  
490 N  N   . GLU A 65 ? 0.2061 0.1971 0.1672 0.0037  0.0031  0.0196  362 GLU A N   
491 C  CA  . GLU A 65 ? 0.2125 0.2041 0.1715 0.0072  0.0053  0.0148  362 GLU A CA  
492 C  C   . GLU A 65 ? 0.2114 0.2092 0.1629 0.0058  0.0077  0.0140  362 GLU A C   
493 O  O   . GLU A 65 ? 0.2247 0.2398 0.1802 0.0006  0.0068  -0.0037 362 GLU A O   
494 C  CB  . GLU A 65 ? 0.2143 0.2156 0.1889 0.0115  0.0052  0.0225  362 GLU A CB  
495 C  CG  . GLU A 65 ? 0.2152 0.2130 0.2202 0.0187  0.0092  0.0182  362 GLU A CG  
496 C  CD  . GLU A 65 ? 0.2065 0.2549 0.2696 0.0360  0.0291  0.0054  362 GLU A CD  
497 O  OE1 . GLU A 65 ? 0.2119 0.2690 0.1786 0.0883  0.0735  0.0164  362 GLU A OE1 
498 O  OE2 . GLU A 65 ? 0.2223 0.2691 0.3444 0.0617  0.0310  -0.0182 362 GLU A OE2 
499 N  N   . CYS A 66 ? 0.2115 0.2003 0.1496 0.0071  0.0099  0.0075  363 CYS A N   
500 C  CA  . CYS A 66 ? 0.2071 0.2019 0.1210 0.0090  0.0067  0.0034  363 CYS A CA  
501 C  C   . CYS A 66 ? 0.1964 0.1968 0.1297 0.0068  0.0053  0.0003  363 CYS A C   
502 O  O   . CYS A 66 ? 0.2043 0.1922 0.1229 0.0010  0.0100  0.0083  363 CYS A O   
503 C  CB  . CYS A 66 ? 0.2033 0.1904 0.1109 0.0178  0.0014  0.0032  363 CYS A CB  
504 S  SG  . CYS A 66 ? 0.2814 0.2139 0.0984 0.0260  0.0132  -0.0030 363 CYS A SG  
505 N  N   . ARG A 67 ? 0.1840 0.1830 0.1236 0.0103  0.0014  0.0003  364 ARG A N   
506 C  CA  . ARG A 67 ? 0.1886 0.1852 0.1331 0.0075  -0.0008 -0.0013 364 ARG A CA  
507 C  C   . ARG A 67 ? 0.1956 0.2009 0.1430 0.0059  0.0052  -0.0075 364 ARG A C   
508 O  O   . ARG A 67 ? 0.2026 0.2038 0.1426 0.0026  0.0021  -0.0114 364 ARG A O   
509 C  CB  . ARG A 67 ? 0.1800 0.1728 0.1212 0.0107  -0.0029 0.0002  364 ARG A CB  
510 C  CG  . ARG A 67 ? 0.1700 0.1563 0.1078 0.0023  0.0015  -0.0063 364 ARG A CG  
511 C  CD  . ARG A 67 ? 0.1803 0.1801 0.1252 0.0024  -0.0092 -0.0232 364 ARG A CD  
512 N  NE  . ARG A 67 ? 0.1936 0.1727 0.1261 0.0004  -0.0190 -0.0211 364 ARG A NE  
513 C  CZ  . ARG A 67 ? 0.1599 0.1685 0.1262 -0.0043 -0.0078 -0.0208 364 ARG A CZ  
514 N  NH1 . ARG A 67 ? 0.1654 0.1557 0.1898 0.0036  -0.0135 -0.0386 364 ARG A NH1 
515 N  NH2 . ARG A 67 ? 0.1474 0.1515 0.1363 -0.0101 -0.0148 -0.0345 364 ARG A NH2 
516 N  N   . ASN A 68 ? 0.2111 0.2095 0.1659 0.0007  0.0066  -0.0158 365 ASN A N   
517 C  CA  . ASN A 68 ? 0.2214 0.2330 0.1956 0.0031  0.0027  -0.0083 365 ASN A CA  
518 C  C   . ASN A 68 ? 0.2332 0.2449 0.2113 0.0008  -0.0027 -0.0101 365 ASN A C   
519 O  O   . ASN A 68 ? 0.2371 0.2547 0.2202 0.0088  -0.0064 -0.0179 365 ASN A O   
520 C  CB  . ASN A 68 ? 0.2219 0.2362 0.1989 0.0024  0.0033  -0.0114 365 ASN A CB  
521 C  CG  . ASN A 68 ? 0.2249 0.2606 0.1998 -0.0019 0.0107  -0.0142 365 ASN A CG  
522 O  OD1 . ASN A 68 ? 0.2461 0.3137 0.1932 -0.0417 0.0136  0.0060  365 ASN A OD1 
523 N  ND2 . ASN A 68 ? 0.2363 0.3003 0.1929 -0.0156 0.0105  -0.0246 365 ASN A ND2 
524 N  N   . ASP A 69 ? 0.2455 0.2623 0.2374 -0.0046 -0.0019 -0.0074 366 ASP A N   
525 C  CA  . ASP A 69 ? 0.2591 0.2751 0.2580 -0.0063 0.0000  -0.0066 366 ASP A CA  
526 C  C   . ASP A 69 ? 0.2579 0.2780 0.2618 -0.0065 -0.0021 -0.0082 366 ASP A C   
527 O  O   . ASP A 69 ? 0.2608 0.2926 0.2607 -0.0119 -0.0038 -0.0066 366 ASP A O   
528 C  CB  . ASP A 69 ? 0.2675 0.2850 0.2697 -0.0100 0.0032  -0.0075 366 ASP A CB  
529 C  CG  . ASP A 69 ? 0.3034 0.3122 0.3071 -0.0072 0.0053  -0.0035 366 ASP A CG  
530 O  OD1 . ASP A 69 ? 0.3749 0.3612 0.3882 0.0129  0.0276  -0.0224 366 ASP A OD1 
531 O  OD2 . ASP A 69 ? 0.3503 0.3218 0.3430 -0.0301 0.0141  0.0075  366 ASP A OD2 
532 N  N   . ALA B 1  ? 0.2186 0.2659 0.2235 0.0052  -0.0043 0.0058  1   ALA B N   
533 C  CA  . ALA B 1  ? 0.2000 0.2332 0.2199 0.0013  -0.0004 0.0004  1   ALA B CA  
534 C  C   . ALA B 1  ? 0.2056 0.2364 0.2278 0.0044  -0.0011 -0.0021 1   ALA B C   
535 O  O   . ALA B 1  ? 0.2318 0.2459 0.2347 0.0047  -0.0030 -0.0106 1   ALA B O   
536 C  CB  . ALA B 1  ? 0.1959 0.2493 0.2241 0.0023  0.0029  0.0005  1   ALA B CB  
537 N  N   . ARG B 2  ? 0.2098 0.2254 0.2324 0.0046  -0.0056 -0.0132 2   ARG B N   
538 C  CA  . ARG B 2  ? 0.2184 0.2191 0.2468 0.0044  -0.0030 -0.0027 2   ARG B CA  
539 C  C   . ARG B 2  ? 0.2181 0.2171 0.2548 0.0093  -0.0044 -0.0051 2   ARG B C   
540 O  O   . ARG B 2  ? 0.2021 0.1882 0.2516 0.0102  0.0092  0.0073  2   ARG B O   
541 C  CB  . ARG B 2  ? 0.2503 0.2374 0.2721 0.0068  -0.0120 0.0064  2   ARG B CB  
542 C  CG  . ARG B 2  ? 0.2442 0.2382 0.2859 0.0073  -0.0040 0.0101  2   ARG B CG  
543 C  CD  . ARG B 2  ? 0.2746 0.2712 0.2973 0.0049  -0.0101 0.0065  2   ARG B CD  
544 N  NE  . ARG B 2  ? 0.2614 0.2711 0.3073 -0.0008 -0.0225 0.0016  2   ARG B NE  
545 C  CZ  . ARG B 2  ? 0.2663 0.2657 0.3021 -0.0016 -0.0291 -0.0013 2   ARG B CZ  
546 N  NH1 . ARG B 2  ? 0.2933 0.2771 0.3481 -0.0126 -0.0502 0.0236  2   ARG B NH1 
547 N  NH2 . ARG B 2  ? 0.2423 0.2565 0.3175 -0.0032 -0.0432 -0.0063 2   ARG B NH2 
548 N  N   . THR B 3  ? 0.2081 0.2160 0.2703 0.0045  0.0045  -0.0055 3   THR B N   
549 C  CA  . THR B 3  ? 0.2215 0.2131 0.2554 0.0093  0.0007  -0.0113 3   THR B CA  
550 C  C   . THR B 3  ? 0.2009 0.2157 0.2633 -0.0003 -0.0080 -0.0026 3   THR B C   
551 O  O   . THR B 3  ? 0.2164 0.2314 0.2825 -0.0007 -0.0165 0.0037  3   THR B O   
552 C  CB  . THR B 3  ? 0.2290 0.2181 0.2502 0.0048  -0.0049 -0.0099 3   THR B CB  
553 O  OG1 . THR B 3  ? 0.2543 0.2444 0.2616 0.0218  0.0209  -0.0078 3   THR B OG1 
554 C  CG2 . THR B 3  ? 0.2545 0.2286 0.2564 0.0266  -0.0077 -0.0058 3   THR B CG2 
555 N  N   . LYS B 4  ? 0.2033 0.2131 0.2514 0.0022  -0.0046 0.0066  4   LYS B N   
556 C  CA  . LYS B 4  ? 0.2079 0.2157 0.2392 0.0027  -0.0102 0.0059  4   LYS B CA  
557 C  C   . LYS B 4  ? 0.1964 0.2268 0.2253 0.0073  -0.0148 0.0089  4   LYS B C   
558 O  O   . LYS B 4  ? 0.1914 0.2447 0.2407 0.0160  -0.0288 -0.0032 4   LYS B O   
559 C  CB  . LYS B 4  ? 0.2106 0.2209 0.2403 0.0018  -0.0054 0.0077  4   LYS B CB  
560 C  CG  . LYS B 4  ? 0.2561 0.2244 0.2999 0.0027  -0.0217 0.0225  4   LYS B CG  
561 C  CD  . LYS B 4  ? 0.2981 0.2941 0.3271 -0.0118 -0.0152 0.0249  4   LYS B CD  
562 C  CE  . LYS B 4  ? 0.3288 0.3076 0.3273 -0.0131 0.0033  0.0113  4   LYS B CE  
563 N  NZ  . LYS B 4  ? 0.3470 0.3538 0.3034 -0.0499 0.0062  0.0449  4   LYS B NZ  
564 N  N   . GLN B 5  ? 0.1837 0.2079 0.2169 0.0038  -0.0008 0.0055  5   GLN B N   
565 C  CA  . GLN B 5  ? 0.1783 0.2209 0.2161 -0.0009 -0.0031 -0.0014 5   GLN B CA  
566 C  C   . GLN B 5  ? 0.1871 0.2155 0.2205 -0.0050 -0.0026 -0.0006 5   GLN B C   
567 O  O   . GLN B 5  ? 0.1811 0.2176 0.2203 0.0032  0.0118  0.0105  5   GLN B O   
568 C  CB  . GLN B 5  ? 0.1745 0.2285 0.2259 -0.0045 -0.0051 0.0119  5   GLN B CB  
569 C  CG  . GLN B 5  ? 0.1825 0.2371 0.2439 -0.0140 -0.0184 0.0157  5   GLN B CG  
570 C  CD  . GLN B 5  ? 0.2387 0.2583 0.2824 -0.0240 -0.0153 0.0153  5   GLN B CD  
571 O  OE1 . GLN B 5  ? 0.2351 0.2755 0.3461 -0.0384 -0.0070 -0.0293 5   GLN B OE1 
572 N  NE2 . GLN B 5  ? 0.2738 0.2636 0.2917 -0.0278 0.0078  0.0380  5   GLN B NE2 
573 N  N   . THR B 6  ? 0.1746 0.2108 0.2121 -0.0024 -0.0045 -0.0053 6   THR B N   
574 C  CA  . THR B 6  ? 0.1943 0.2145 0.2135 -0.0063 -0.0025 -0.0064 6   THR B CA  
575 C  C   . THR B 6  ? 0.2034 0.2128 0.2189 -0.0100 -0.0013 -0.0085 6   THR B C   
576 O  O   . THR B 6  ? 0.2286 0.2207 0.2386 -0.0009 0.0019  -0.0066 6   THR B O   
577 C  CB  . THR B 6  ? 0.1962 0.2155 0.1942 0.0061  -0.0025 -0.0063 6   THR B CB  
578 O  OG1 . THR B 6  ? 0.1745 0.2507 0.2114 0.0032  -0.0304 0.0217  6   THR B OG1 
579 C  CG2 . THR B 6  ? 0.2059 0.2018 0.2259 -0.0222 -0.0124 -0.0076 6   THR B CG2 
580 N  N   . ALA B 7  ? 0.2159 0.2203 0.2282 -0.0097 0.0009  -0.0149 7   ALA B N   
581 C  CA  . ALA B 7  ? 0.2212 0.2398 0.2342 -0.0082 0.0011  -0.0198 7   ALA B CA  
582 C  C   . ALA B 7  ? 0.2328 0.2575 0.2482 -0.0114 0.0000  -0.0146 7   ALA B C   
583 O  O   . ALA B 7  ? 0.2180 0.2593 0.2342 -0.0110 -0.0103 -0.0260 7   ALA B O   
584 C  CB  . ALA B 7  ? 0.2286 0.2476 0.2522 -0.0118 -0.0035 -0.0269 7   ALA B CB  
585 N  N   . ARG B 8  ? 0.2569 0.2868 0.2761 -0.0036 0.0024  -0.0047 8   ARG B N   
586 C  CA  . ARG B 8  ? 0.2934 0.3165 0.2970 -0.0034 0.0022  -0.0011 8   ARG B CA  
587 C  C   . ARG B 8  ? 0.3063 0.3324 0.3135 -0.0032 -0.0030 0.0012  8   ARG B C   
588 O  O   . ARG B 8  ? 0.3102 0.3483 0.3185 -0.0075 -0.0041 0.0075  8   ARG B O   
589 C  CB  . ARG B 8  ? 0.3021 0.3248 0.3096 -0.0011 0.0031  0.0006  8   ARG B CB  
590 C  CG  . ARG B 8  ? 0.3333 0.3611 0.3435 0.0005  0.0080  -0.0049 8   ARG B CG  
591 C  CD  . ARG B 8  ? 0.3953 0.3818 0.3920 0.0098  0.0071  -0.0029 8   ARG B CD  
592 N  NE  . ARG B 8  ? 0.4328 0.4289 0.4347 -0.0016 -0.0053 -0.0063 8   ARG B NE  
593 C  CZ  . ARG B 8  ? 0.4674 0.4686 0.4873 0.0097  -0.0123 0.0028  8   ARG B CZ  
594 N  NH1 . ARG B 8  ? 0.4951 0.4889 0.5014 0.0015  -0.0140 -0.0014 8   ARG B NH1 
595 N  NH2 . ARG B 8  ? 0.4818 0.4871 0.5004 -0.0119 -0.0241 -0.0019 8   ARG B NH2 
596 N  N   . LYS B 9  ? 0.3233 0.3403 0.3284 -0.0055 -0.0060 0.0064  9   LYS B N   
597 C  CA  . LYS B 9  ? 0.3412 0.3441 0.3373 -0.0051 -0.0059 0.0049  9   LYS B CA  
598 C  C   . LYS B 9  ? 0.3527 0.3470 0.3380 -0.0061 -0.0083 0.0059  9   LYS B C   
599 O  O   . LYS B 9  ? 0.3705 0.3406 0.3352 -0.0116 -0.0081 0.0062  9   LYS B O   
600 C  CB  . LYS B 9  ? 0.3448 0.3421 0.3406 -0.0073 -0.0087 0.0024  9   LYS B CB  
601 C  CG  . LYS B 9  ? 0.3575 0.3523 0.3677 -0.0036 -0.0127 0.0079  9   LYS B CG  
602 C  CD  . LYS B 9  ? 0.3700 0.3609 0.3866 -0.0097 -0.0157 0.0130  9   LYS B CD  
603 C  CE  . LYS B 9  ? 0.3680 0.3626 0.3793 -0.0071 -0.0143 0.0171  9   LYS B CE  
604 N  NZ  . LYS B 9  ? 0.3825 0.3631 0.3854 -0.0026 -0.0204 0.0110  9   LYS B NZ  
605 ZN ZN  . ZN  C .  ? 0.2489 0.2415 0.2075 -0.0058 -0.0353 -0.0211 1   ZN  A ZN  
606 ZN ZN  . ZN  D .  ? 0.2399 0.2733 0.2013 0.0257  -0.0202 0.0021  2   ZN  A ZN  
607 ZN ZN  . ZN  E .  ? 0.4914 0.2747 0.1912 0.0346  -0.0089 0.0159  3   ZN  A ZN  
608 ZN ZN  . ZN  F .  ? 0.2157 0.2278 0.1755 -0.0258 0.0206  -0.0136 4   ZN  A ZN  
609 C  C1  . EDO G .  ? 0.5138 0.4767 0.5302 -0.0419 0.0186  0.0218  368 EDO A C1  
610 O  O1  . EDO G .  ? 0.5117 0.5118 0.5521 -0.0408 0.0234  0.0308  368 EDO A O1  
611 C  C2  . EDO G .  ? 0.5136 0.4675 0.5102 -0.0397 0.0287  0.0209  368 EDO A C2  
612 O  O2  . EDO G .  ? 0.5164 0.4704 0.5105 -0.0496 0.0417  0.0175  368 EDO A O2  
613 C  C1  . EDO H .  ? 0.4767 0.5416 0.4146 -0.0306 0.0241  -0.0134 369 EDO A C1  
614 O  O1  . EDO H .  ? 0.4751 0.5377 0.4124 -0.0528 0.0132  -0.0174 369 EDO A O1  
615 C  C2  . EDO H .  ? 0.4900 0.5461 0.4302 -0.0378 0.0345  0.0034  369 EDO A C2  
616 O  O2  . EDO H .  ? 0.4929 0.5792 0.4407 -0.0397 0.0391  0.0077  369 EDO A O2  
617 C  C1  . EDO I .  ? 0.4044 0.3419 0.3220 -0.0268 0.0053  -0.0367 370 EDO A C1  
618 O  O1  . EDO I .  ? 0.3966 0.2937 0.2685 0.0279  0.0158  -0.0338 370 EDO A O1  
619 C  C2  . EDO I .  ? 0.3223 0.3702 0.3368 -0.0054 0.0230  -0.0090 370 EDO A C2  
620 O  O2  . EDO I .  ? 0.2336 0.3033 0.2779 0.0104  -0.0114 0.0380  370 EDO A O2  
621 C  C1  . EDO J .  ? 0.4253 0.4966 0.5026 0.0075  0.0594  -0.0183 12  EDO B C1  
622 O  O1  . EDO J .  ? 0.4142 0.5345 0.5277 0.0106  0.0479  -0.0348 12  EDO B O1  
623 C  C2  . EDO J .  ? 0.4028 0.4958 0.4963 -0.0064 0.0427  -0.0135 12  EDO B C2  
624 O  O2  . EDO J .  ? 0.3884 0.5061 0.4734 -0.0226 0.0395  -0.0147 12  EDO B O2  
625 O  O   . HOH K .  ? 0.3472 0.3323 0.2050 0.0816  -0.0187 0.0389  6   HOH A O   
626 O  O   . HOH K .  ? 0.1325 0.1685 0.2031 0.0793  0.0123  0.0411  8   HOH A O   
627 O  O   . HOH K .  ? 0.3190 0.5398 0.2692 0.0870  -0.1079 0.0296  9   HOH A O   
628 O  O   . HOH K .  ? 0.2376 0.2459 0.2226 0.0466  0.0511  0.0286  10  HOH A O   
629 O  O   . HOH K .  ? 0.3029 0.3006 0.2451 0.0775  0.0185  -0.0404 12  HOH A O   
630 O  O   . HOH K .  ? 0.1803 0.2337 0.2443 -0.0169 -0.0457 -0.0361 13  HOH A O   
631 O  O   . HOH K .  ? 0.2227 0.6092 0.2421 0.2043  0.0282  0.0206  14  HOH A O   
632 O  O   . HOH K .  ? 0.2469 0.2650 0.2003 -0.0403 -0.0232 0.0470  15  HOH A O   
633 O  O   . HOH K .  ? 0.2453 0.2496 0.1966 0.0230  0.0241  0.0527  17  HOH A O   
634 O  O   . HOH K .  ? 0.2769 0.2643 0.5025 0.0586  -0.1019 0.0130  18  HOH A O   
635 O  O   . HOH K .  ? 0.4032 0.2117 0.3378 0.0534  0.2572  0.0431  19  HOH A O   
636 O  O   . HOH K .  ? 0.4850 0.2242 0.3456 -0.0180 0.0475  -0.0206 20  HOH A O   
637 O  O   . HOH K .  ? 0.2306 0.2095 0.2756 -0.0093 -0.0374 -0.0218 21  HOH A O   
638 O  O   . HOH K .  ? 0.0713 0.4354 0.2489 0.0303  0.0712  0.2570  22  HOH A O   
639 O  O   . HOH K .  ? 0.3123 0.2624 0.1873 -0.0195 0.0010  0.0097  24  HOH A O   
640 O  O   . HOH K .  ? 0.3946 0.2786 0.2255 0.1119  -0.0107 -0.0381 25  HOH A O   
641 O  O   . HOH K .  ? 0.1792 0.4157 0.3269 0.0085  -0.0326 -0.0183 26  HOH A O   
642 O  O   . HOH K .  ? 0.3303 0.2225 0.1758 -0.0284 -0.0299 -0.0207 27  HOH A O   
643 O  O   . HOH K .  ? 0.4960 0.2047 0.2844 -0.0722 -0.0903 -0.0284 28  HOH A O   
644 O  O   . HOH K .  ? 0.4096 0.3330 0.1926 -0.0451 0.0386  0.0387  29  HOH A O   
645 O  O   . HOH K .  ? 0.2324 0.3065 0.4529 -0.0805 0.1411  -0.0788 30  HOH A O   
646 O  O   . HOH K .  ? 0.1852 0.1816 0.2440 0.0295  0.0066  -0.0212 31  HOH A O   
647 O  O   . HOH K .  ? 0.1387 0.1621 0.3888 -0.0157 -0.0038 0.2217  32  HOH A O   
648 O  O   . HOH K .  ? 0.1211 0.2177 0.1149 -0.0353 -0.0028 -0.0292 33  HOH A O   
649 O  O   . HOH K .  ? 0.2590 0.1445 0.0995 0.0006  -0.0058 0.0141  34  HOH A O   
650 O  O   . HOH K .  ? 0.3713 0.2268 0.4076 -0.1142 0.0464  -0.0753 35  HOH A O   
651 O  O   . HOH K .  ? 0.2822 0.5616 0.2662 0.0473  0.0485  0.1182  36  HOH A O   
652 O  O   . HOH K .  ? 0.2229 0.3644 0.2099 -0.0131 -0.0232 -0.0636 37  HOH A O   
653 O  O   . HOH K .  ? 0.3306 0.7741 0.3782 -0.4012 -0.1370 0.2846  38  HOH A O   
654 O  O   . HOH K .  ? 0.3329 0.4074 0.3257 0.0880  -0.0550 -0.1770 39  HOH A O   
655 O  O   . HOH K .  ? 0.6632 0.5544 0.3689 -0.0842 -0.0087 -0.1543 40  HOH A O   
656 O  O   . HOH K .  ? 0.4121 0.3363 0.3713 0.0824  0.0343  -0.0126 42  HOH A O   
657 O  O   . HOH K .  ? 0.3847 0.1334 0.3956 -0.0998 0.1376  -0.0203 44  HOH A O   
658 O  O   . HOH K .  ? 0.5625 0.5094 0.2645 0.1289  0.2017  0.3134  45  HOH A O   
659 O  O   . HOH K .  ? 0.3135 0.3877 0.2365 0.0324  -0.0428 0.0247  46  HOH A O   
660 O  O   . HOH K .  ? 0.3045 0.2642 0.2437 -0.0665 -0.0364 0.0414  47  HOH A O   
661 O  O   . HOH K .  ? 0.2514 0.4043 0.7742 0.0662  0.1227  -0.0795 48  HOH A O   
662 O  O   . HOH K .  ? 0.4145 0.2213 0.5438 -0.0442 -0.0296 -0.0734 49  HOH A O   
663 O  O   . HOH K .  ? 0.2368 0.3612 0.5785 0.0310  -0.0040 0.0597  50  HOH A O   
664 O  O   . HOH K .  ? 0.3484 1.1937 0.8547 0.1418  0.0351  0.6050  51  HOH A O   
665 O  O   . HOH K .  ? 0.4345 0.4183 0.4908 -0.1994 -0.0801 0.2305  53  HOH A O   
666 O  O   . HOH K .  ? 0.1803 0.1624 0.0852 0.0220  0.0033  0.0900  54  HOH A O   
667 O  O   . HOH K .  ? 0.4754 0.6527 0.2784 0.0632  0.1320  -0.0091 55  HOH A O   
668 O  O   . HOH K .  ? 0.1223 0.4885 0.4410 -0.0132 0.2000  -0.0638 57  HOH A O   
669 O  O   . HOH K .  ? 0.0815 0.6824 0.3268 -0.0845 0.0844  -0.1506 58  HOH A O   
670 O  O   . HOH K .  ? 0.2556 0.2235 0.0820 -0.0251 0.0024  0.0140  59  HOH A O   
671 O  O   . HOH K .  ? 0.9577 0.6880 0.4915 0.4530  -0.1495 -0.2153 60  HOH A O   
672 O  O   . HOH K .  ? 0.3294 0.3810 0.2228 -0.0194 -0.0263 0.1019  61  HOH A O   
673 O  O   . HOH K .  ? 0.3890 0.3819 0.1331 -0.0093 0.0487  -0.0242 62  HOH A O   
674 O  O   . HOH K .  ? 0.3087 0.1191 0.2228 -0.0639 -0.0934 0.0688  63  HOH A O   
675 O  O   . HOH K .  ? 0.1807 0.4733 0.6602 -0.0861 -0.0111 0.1851  65  HOH A O   
676 O  O   . HOH K .  ? 0.0900 0.6057 0.3454 0.0115  -0.1011 0.0778  66  HOH A O   
677 O  O   . HOH K .  ? 0.4569 0.4159 0.1590 0.1018  -0.2392 -0.0772 67  HOH A O   
678 O  O   . HOH K .  ? 0.0646 0.6008 1.2010 -0.0251 0.0812  0.1921  68  HOH A O   
679 O  O   . HOH K .  ? 0.2964 0.4555 0.8134 0.0894  -0.0965 0.1278  69  HOH A O   
680 O  O   . HOH K .  ? 0.1393 0.5636 0.5274 0.0595  -0.1151 -0.3131 70  HOH A O   
681 O  O   . HOH K .  ? 0.7661 0.6632 0.7863 -0.2435 0.1576  0.0563  71  HOH A O   
682 O  O   . HOH K .  ? 0.2798 0.5602 0.2634 -0.0257 0.1813  -0.0455 72  HOH A O   
683 O  O   . HOH K .  ? 0.2547 0.0982 0.1920 0.0152  -0.0139 0.0023  371 HOH A O   
684 O  O   . HOH K .  ? 0.4077 0.1525 0.1396 -0.0372 0.0361  0.0342  372 HOH A O   
685 O  O   . HOH K .  ? 0.0759 0.2636 0.1937 0.0821  -0.0155 -0.0781 373 HOH A O   
686 O  O   . HOH K .  ? 0.2060 0.1727 0.1209 -0.0380 0.0226  0.0398  374 HOH A O   
687 O  O   . HOH L .  ? 0.1347 0.1685 0.1866 0.0504  -0.0927 0.0569  13  HOH B O   
688 O  O   . HOH L .  ? 0.2827 0.3296 0.3121 -0.0114 0.0331  -0.0624 14  HOH B O   
689 O  O   . HOH L .  ? 0.2851 0.1611 0.2622 -0.1229 0.0103  0.0001  15  HOH B O   
690 O  O   . HOH L .  ? 0.2851 0.2180 0.5787 -0.0578 0.0780  -0.0936 16  HOH B O   
691 O  O   . HOH L .  ? 0.3187 0.3561 0.3824 -0.0136 -0.0234 -0.0218 23  HOH B O   
692 O  O   . HOH L .  ? 0.4470 0.2474 0.4001 0.0250  -0.0237 0.0348  41  HOH B O   
693 O  O   . HOH L .  ? 0.2823 0.3552 0.4402 0.0246  -0.0746 -0.0476 43  HOH B O   
694 O  O   . HOH L .  ? 0.4056 0.3489 0.2964 -0.0476 0.0021  0.0067  52  HOH B O   
695 O  O   . HOH L .  ? 0.5491 0.4726 0.6120 -0.1604 -0.1942 0.2940  56  HOH B O   
696 O  O   . HOH L .  ? 0.3361 0.6988 0.5540 -0.2501 0.1223  -0.0517 64  HOH B O   
# 
